data_1ZZA
#
_entry.id   1ZZA
#
_entity_poly.entity_id   1
_entity_poly.type   'polypeptide(L)'
_entity_poly.pdbx_seq_one_letter_code
;GSMSIMDHSPTTGVVTVIVILIAIAALGALILGCWCYLRLQRISQSEDEESIVGDGETKEPFLLVQYSAKGPCVERKAKL
MTPNGPEVHG
;
_entity_poly.pdbx_strand_id   A
#
# COMPACT_ATOMS: atom_id res chain seq x y z
N GLY A 1 -13.53 36.40 -6.53
CA GLY A 1 -13.66 36.17 -8.00
C GLY A 1 -12.41 35.46 -8.53
N SER A 2 -12.57 34.47 -9.39
CA SER A 2 -11.38 33.75 -9.94
C SER A 2 -10.73 34.56 -11.07
N MET A 3 -9.42 34.56 -11.14
CA MET A 3 -8.71 35.33 -12.21
C MET A 3 -8.42 34.41 -13.41
N SER A 4 -9.41 34.19 -14.24
CA SER A 4 -9.26 33.30 -15.44
C SER A 4 -9.10 31.85 -14.96
N ILE A 5 -8.06 31.60 -14.21
CA ILE A 5 -7.85 30.23 -13.64
C ILE A 5 -8.71 30.11 -12.37
N MET A 6 -8.38 29.28 -11.41
CA MET A 6 -9.26 29.20 -10.19
C MET A 6 -8.47 29.46 -8.89
N ASP A 7 -7.95 30.66 -8.75
CA ASP A 7 -7.20 31.06 -7.51
C ASP A 7 -8.18 31.13 -6.33
N HIS A 8 -9.38 31.59 -6.58
CA HIS A 8 -10.41 31.67 -5.50
C HIS A 8 -11.09 30.29 -5.30
N SER A 9 -10.49 29.23 -5.78
CA SER A 9 -11.07 27.86 -5.61
C SER A 9 -10.14 27.07 -4.69
N PRO A 10 -10.63 26.01 -4.08
CA PRO A 10 -9.77 25.20 -3.19
C PRO A 10 -8.78 24.34 -4.00
N THR A 11 -8.17 24.90 -5.01
CA THR A 11 -7.18 24.13 -5.83
C THR A 11 -5.97 23.80 -4.95
N THR A 12 -5.58 24.72 -4.09
CA THR A 12 -4.44 24.44 -3.17
C THR A 12 -4.79 23.24 -2.29
N GLY A 13 -6.03 23.16 -1.88
CA GLY A 13 -6.50 22.02 -1.04
C GLY A 13 -6.55 20.76 -1.92
N VAL A 14 -7.20 20.84 -3.05
CA VAL A 14 -7.26 19.66 -3.98
C VAL A 14 -5.83 19.21 -4.31
N VAL A 15 -4.94 20.15 -4.52
CA VAL A 15 -3.52 19.78 -4.83
C VAL A 15 -2.88 19.20 -3.56
N THR A 16 -3.13 19.83 -2.44
CA THR A 16 -2.56 19.32 -1.15
C THR A 16 -3.02 17.88 -0.90
N VAL A 17 -4.30 17.64 -0.97
CA VAL A 17 -4.81 16.25 -0.76
C VAL A 17 -4.33 15.32 -1.88
N ILE A 18 -4.19 15.82 -3.09
CA ILE A 18 -3.68 14.94 -4.20
C ILE A 18 -2.21 14.63 -3.96
N VAL A 19 -1.45 15.60 -3.54
CA VAL A 19 -0.01 15.33 -3.24
C VAL A 19 0.07 14.35 -2.07
N ILE A 20 -0.72 14.58 -1.04
CA ILE A 20 -0.73 13.64 0.12
C ILE A 20 -1.19 12.26 -0.35
N LEU A 21 -2.26 12.22 -1.12
CA LEU A 21 -2.75 10.91 -1.65
C LEU A 21 -1.64 10.28 -2.50
N ILE A 22 -1.07 11.04 -3.42
CA ILE A 22 0.03 10.49 -4.27
C ILE A 22 1.16 9.99 -3.36
N ALA A 23 1.49 10.74 -2.34
CA ALA A 23 2.56 10.29 -1.40
C ALA A 23 2.12 9.00 -0.69
N ILE A 24 0.90 8.96 -0.19
CA ILE A 24 0.41 7.72 0.49
C ILE A 24 0.48 6.55 -0.51
N ALA A 25 -0.03 6.75 -1.70
CA ALA A 25 0.02 5.68 -2.73
C ALA A 25 1.47 5.29 -3.03
N ALA A 26 2.32 6.28 -3.20
CA ALA A 26 3.76 5.97 -3.46
C ALA A 26 4.34 5.20 -2.27
N LEU A 27 4.05 5.63 -1.08
CA LEU A 27 4.54 4.90 0.13
C LEU A 27 3.96 3.48 0.12
N GLY A 28 2.68 3.35 -0.12
CA GLY A 28 2.05 1.98 -0.17
C GLY A 28 2.76 1.16 -1.25
N ALA A 29 3.00 1.75 -2.40
CA ALA A 29 3.72 1.01 -3.49
C ALA A 29 5.12 0.63 -3.00
N LEU A 30 5.80 1.57 -2.41
CA LEU A 30 7.17 1.28 -1.86
C LEU A 30 7.09 0.12 -0.87
N ILE A 31 6.08 0.11 -0.03
CA ILE A 31 5.93 -1.01 0.97
C ILE A 31 5.51 -2.29 0.24
N LEU A 32 4.69 -2.19 -0.78
CA LEU A 32 4.27 -3.41 -1.54
C LEU A 32 5.46 -3.99 -2.30
N GLY A 33 6.24 -3.16 -2.96
CA GLY A 33 7.42 -3.66 -3.73
C GLY A 33 8.56 -4.09 -2.79
N CYS A 34 8.82 -3.35 -1.74
CA CYS A 34 9.95 -3.73 -0.83
C CYS A 34 9.53 -4.80 0.19
N TRP A 35 8.30 -4.78 0.66
CA TRP A 35 7.89 -5.80 1.67
C TRP A 35 6.57 -6.50 1.27
N CYS A 36 6.18 -6.45 0.01
CA CYS A 36 4.90 -7.10 -0.42
C CYS A 36 3.74 -6.65 0.49
N TYR A 37 3.80 -5.43 0.98
CA TYR A 37 2.73 -4.91 1.90
C TYR A 37 2.54 -5.85 3.10
N LEU A 38 3.55 -6.59 3.45
CA LEU A 38 3.46 -7.52 4.61
C LEU A 38 4.63 -7.28 5.57
N ARG A 39 5.83 -7.18 5.04
CA ARG A 39 7.04 -6.96 5.88
C ARG A 39 7.06 -7.88 7.12
N LEU A 40 6.72 -9.14 6.94
CA LEU A 40 6.71 -10.11 8.09
C LEU A 40 5.88 -9.55 9.26
N GLN A 41 4.62 -9.27 9.03
CA GLN A 41 3.76 -8.73 10.13
C GLN A 41 3.28 -9.86 11.07
N ARG A 42 3.42 -11.11 10.66
CA ARG A 42 2.97 -12.25 11.51
C ARG A 42 3.70 -13.55 11.09
N ILE A 43 3.02 -14.67 11.05
CA ILE A 43 3.67 -15.93 10.63
C ILE A 43 4.16 -15.84 9.18
N SER A 44 3.57 -14.97 8.38
CA SER A 44 3.99 -14.82 6.94
C SER A 44 3.79 -16.12 6.16
N GLN A 45 4.43 -16.24 5.00
CA GLN A 45 4.29 -17.47 4.16
C GLN A 45 2.83 -17.95 4.10
N SER A 46 1.91 -17.02 3.98
CA SER A 46 0.44 -17.35 3.92
C SER A 46 -0.40 -16.07 3.88
N GLU A 47 -0.02 -15.09 4.68
CA GLU A 47 -0.77 -13.79 4.71
C GLU A 47 -0.68 -13.09 3.34
N ASP A 48 -1.70 -12.36 2.98
CA ASP A 48 -1.68 -11.62 1.68
C ASP A 48 -1.38 -10.13 1.91
N GLU A 49 -1.92 -9.25 1.10
CA GLU A 49 -1.67 -7.80 1.28
C GLU A 49 -2.46 -7.28 2.49
N GLU A 50 -1.79 -6.70 3.47
CA GLU A 50 -2.51 -6.17 4.67
C GLU A 50 -2.59 -4.64 4.64
N SER A 51 -3.59 -4.09 4.00
CA SER A 51 -3.74 -2.59 3.92
C SER A 51 -5.06 -2.22 3.22
N ILE A 52 -5.39 -2.93 2.18
CA ILE A 52 -6.64 -2.67 1.43
C ILE A 52 -7.57 -3.89 1.51
N VAL A 53 -7.11 -5.03 1.05
CA VAL A 53 -7.97 -6.26 1.09
C VAL A 53 -7.65 -7.15 2.29
N GLY A 54 -6.40 -7.25 2.70
CA GLY A 54 -6.07 -8.11 3.88
C GLY A 54 -6.58 -7.40 5.15
N ASP A 55 -6.52 -6.09 5.17
CA ASP A 55 -7.00 -5.32 6.36
C ASP A 55 -7.09 -3.83 6.00
N GLY A 56 -8.29 -3.31 5.89
CA GLY A 56 -8.45 -1.87 5.54
C GLY A 56 -9.84 -1.67 4.91
N GLU A 57 -10.12 -2.40 3.86
CA GLU A 57 -11.45 -2.27 3.18
C GLU A 57 -12.09 -3.64 2.94
N THR A 58 -11.57 -4.68 3.57
CA THR A 58 -12.15 -6.06 3.38
C THR A 58 -13.60 -6.10 3.87
N LYS A 59 -13.87 -5.54 5.03
CA LYS A 59 -15.26 -5.56 5.56
C LYS A 59 -15.55 -4.29 6.39
N GLU A 60 -16.59 -3.56 6.02
CA GLU A 60 -16.97 -2.32 6.78
C GLU A 60 -15.86 -1.26 6.80
N PRO A 61 -16.24 -0.05 7.13
CA PRO A 61 -15.25 1.06 7.23
C PRO A 61 -14.42 0.93 8.52
N PHE A 62 -14.79 -0.01 9.39
CA PHE A 62 -14.05 -0.21 10.68
C PHE A 62 -12.56 -0.47 10.43
N LEU A 63 -12.25 -1.40 9.57
CA LEU A 63 -10.81 -1.70 9.27
C LEU A 63 -10.09 -0.47 8.70
N LEU A 64 -10.80 0.39 8.01
CA LEU A 64 -10.18 1.63 7.45
C LEU A 64 -9.60 2.49 8.58
N VAL A 65 -10.42 2.89 9.52
CA VAL A 65 -9.91 3.71 10.66
C VAL A 65 -8.96 2.86 11.52
N GLN A 66 -9.21 1.57 11.59
CA GLN A 66 -8.32 0.67 12.39
C GLN A 66 -6.91 0.71 11.79
N TYR A 67 -6.82 0.54 10.50
CA TYR A 67 -5.49 0.60 9.81
C TYR A 67 -5.00 2.05 9.78
N SER A 68 -5.90 2.98 9.61
CA SER A 68 -5.51 4.42 9.59
C SER A 68 -4.89 4.82 10.93
N ALA A 69 -5.32 4.19 12.00
CA ALA A 69 -4.75 4.52 13.34
C ALA A 69 -3.58 3.58 13.69
N LYS A 70 -3.79 2.29 13.56
CA LYS A 70 -2.69 1.33 13.90
C LYS A 70 -1.57 1.38 12.86
N GLY A 71 -1.90 1.58 11.60
CA GLY A 71 -0.85 1.65 10.54
C GLY A 71 0.28 2.57 11.00
N PRO A 72 -0.06 3.81 11.24
CA PRO A 72 0.95 4.80 11.73
C PRO A 72 1.39 4.42 13.15
N CYS A 73 0.48 4.04 14.02
CA CYS A 73 0.90 3.65 15.40
C CYS A 73 1.94 2.52 15.34
N VAL A 74 1.70 1.54 14.51
CA VAL A 74 2.67 0.41 14.37
C VAL A 74 3.92 0.91 13.64
N GLU A 75 3.73 1.58 12.54
CA GLU A 75 4.91 2.13 11.78
C GLU A 75 5.77 2.99 12.69
N ARG A 76 5.15 3.77 13.53
CA ARG A 76 5.93 4.63 14.48
C ARG A 76 6.66 3.75 15.50
N LYS A 77 5.94 2.90 16.20
CA LYS A 77 6.62 2.01 17.19
C LYS A 77 7.67 1.12 16.51
N ALA A 78 7.43 0.77 15.26
CA ALA A 78 8.40 -0.07 14.51
C ALA A 78 9.64 0.76 14.17
N LYS A 79 9.44 1.98 13.77
CA LYS A 79 10.60 2.87 13.45
C LYS A 79 11.28 3.31 14.75
N LEU A 80 10.53 3.50 15.81
CA LEU A 80 11.14 3.93 17.11
C LEU A 80 11.99 2.77 17.69
N MET A 81 11.52 1.57 17.55
CA MET A 81 12.28 0.38 18.09
C MET A 81 13.30 -0.14 17.05
N THR A 82 12.92 -0.24 15.80
CA THR A 82 13.88 -0.76 14.75
C THR A 82 14.18 0.35 13.71
N PRO A 83 15.27 0.18 12.99
CA PRO A 83 15.65 1.19 11.95
C PRO A 83 14.61 1.25 10.81
N ASN A 84 13.99 0.15 10.49
CA ASN A 84 12.95 0.12 9.39
C ASN A 84 13.48 0.77 8.09
N GLY A 85 14.78 0.76 7.89
CA GLY A 85 15.36 1.36 6.64
C GLY A 85 16.27 0.33 5.97
N PRO A 86 15.76 -0.31 4.95
CA PRO A 86 16.54 -1.36 4.22
C PRO A 86 17.83 -0.78 3.65
N GLU A 87 17.97 0.51 3.59
CA GLU A 87 19.24 1.12 3.08
C GLU A 87 20.38 0.78 4.08
N VAL A 88 20.02 0.51 5.31
CA VAL A 88 21.05 0.16 6.35
C VAL A 88 20.62 -1.07 7.19
N HIS A 89 19.34 -1.45 7.17
CA HIS A 89 18.90 -2.63 7.99
C HIS A 89 17.42 -2.97 7.74
N GLY A 90 16.96 -4.04 8.31
CA GLY A 90 15.52 -4.43 8.17
C GLY A 90 14.72 -3.85 9.33
N GLY A 1 -11.28 22.73 3.99
CA GLY A 1 -12.08 22.03 5.05
C GLY A 1 -11.15 21.18 5.91
N SER A 2 -10.68 21.71 7.01
CA SER A 2 -9.73 20.95 7.90
C SER A 2 -8.47 20.54 7.13
N MET A 3 -7.92 21.44 6.36
CA MET A 3 -6.70 21.11 5.57
C MET A 3 -5.43 21.60 6.29
N SER A 4 -4.28 21.16 5.85
CA SER A 4 -3.01 21.61 6.50
C SER A 4 -2.60 22.99 5.97
N ILE A 5 -2.93 23.27 4.74
CA ILE A 5 -2.60 24.60 4.15
C ILE A 5 -3.81 25.55 4.27
N MET A 6 -3.89 26.55 3.43
CA MET A 6 -5.06 27.50 3.50
C MET A 6 -6.38 26.75 3.30
N ASP A 7 -7.19 26.66 4.33
CA ASP A 7 -8.50 25.94 4.21
C ASP A 7 -9.44 26.68 3.23
N HIS A 8 -9.20 27.95 2.97
CA HIS A 8 -10.07 28.70 2.01
C HIS A 8 -9.54 28.55 0.57
N SER A 9 -8.82 27.49 0.28
CA SER A 9 -8.27 27.30 -1.09
C SER A 9 -8.74 25.96 -1.69
N PRO A 10 -9.69 26.04 -2.60
CA PRO A 10 -10.22 24.80 -3.25
C PRO A 10 -9.15 24.15 -4.13
N THR A 11 -8.48 24.93 -4.94
CA THR A 11 -7.40 24.37 -5.83
C THR A 11 -6.21 23.92 -4.98
N THR A 12 -5.60 24.83 -4.27
CA THR A 12 -4.43 24.46 -3.40
C THR A 12 -4.81 23.33 -2.44
N GLY A 13 -6.03 23.35 -1.95
CA GLY A 13 -6.49 22.28 -1.03
C GLY A 13 -6.54 20.95 -1.78
N VAL A 14 -7.32 20.88 -2.83
CA VAL A 14 -7.40 19.61 -3.63
C VAL A 14 -5.98 19.20 -4.06
N VAL A 15 -5.17 20.15 -4.46
CA VAL A 15 -3.77 19.81 -4.86
C VAL A 15 -3.02 19.24 -3.66
N THR A 16 -3.15 19.87 -2.53
CA THR A 16 -2.48 19.37 -1.29
C THR A 16 -2.92 17.93 -1.02
N VAL A 17 -4.20 17.67 -1.09
CA VAL A 17 -4.68 16.26 -0.86
C VAL A 17 -4.14 15.36 -1.96
N ILE A 18 -4.13 15.82 -3.19
CA ILE A 18 -3.59 14.97 -4.29
C ILE A 18 -2.12 14.65 -4.02
N VAL A 19 -1.39 15.60 -3.54
CA VAL A 19 0.04 15.34 -3.19
C VAL A 19 0.07 14.34 -2.03
N ILE A 20 -0.74 14.55 -1.02
CA ILE A 20 -0.80 13.60 0.12
C ILE A 20 -1.23 12.23 -0.39
N LEU A 21 -2.30 12.18 -1.15
CA LEU A 21 -2.77 10.90 -1.73
C LEU A 21 -1.64 10.28 -2.56
N ILE A 22 -1.04 11.05 -3.43
CA ILE A 22 0.09 10.51 -4.25
C ILE A 22 1.18 9.97 -3.30
N ALA A 23 1.50 10.71 -2.27
CA ALA A 23 2.53 10.25 -1.30
C ALA A 23 2.07 8.96 -0.62
N ILE A 24 0.83 8.92 -0.17
CA ILE A 24 0.31 7.67 0.48
C ILE A 24 0.40 6.51 -0.51
N ALA A 25 -0.04 6.74 -1.73
CA ALA A 25 0.03 5.67 -2.77
C ALA A 25 1.50 5.29 -3.03
N ALA A 26 2.35 6.27 -3.16
CA ALA A 26 3.80 5.98 -3.38
C ALA A 26 4.35 5.20 -2.18
N LEU A 27 4.01 5.60 -0.98
CA LEU A 27 4.48 4.87 0.22
C LEU A 27 3.89 3.44 0.19
N GLY A 28 2.62 3.32 -0.10
CA GLY A 28 2.00 1.97 -0.18
C GLY A 28 2.73 1.15 -1.24
N ALA A 29 3.02 1.74 -2.37
CA ALA A 29 3.77 1.01 -3.44
C ALA A 29 5.18 0.69 -2.96
N LEU A 30 5.84 1.64 -2.36
CA LEU A 30 7.22 1.40 -1.84
C LEU A 30 7.18 0.25 -0.81
N ILE A 31 6.18 0.23 0.03
CA ILE A 31 6.06 -0.88 1.03
C ILE A 31 5.72 -2.19 0.31
N LEU A 32 4.75 -2.16 -0.56
CA LEU A 32 4.37 -3.40 -1.32
C LEU A 32 5.58 -3.93 -2.10
N GLY A 33 6.25 -3.08 -2.84
CA GLY A 33 7.44 -3.53 -3.63
C GLY A 33 8.55 -4.03 -2.69
N CYS A 34 8.85 -3.29 -1.65
CA CYS A 34 9.92 -3.72 -0.70
C CYS A 34 9.55 -5.04 -0.01
N TRP A 35 8.29 -5.24 0.30
CA TRP A 35 7.87 -6.51 0.98
C TRP A 35 7.69 -7.64 -0.04
N CYS A 36 6.81 -7.46 -1.01
CA CYS A 36 6.56 -8.52 -2.05
C CYS A 36 6.51 -9.93 -1.44
N TYR A 37 5.80 -10.11 -0.35
CA TYR A 37 5.69 -11.46 0.29
C TYR A 37 4.76 -11.41 1.52
N LEU A 38 4.83 -10.36 2.30
CA LEU A 38 3.93 -10.25 3.49
C LEU A 38 3.20 -8.91 3.47
N ARG A 39 3.94 -7.83 3.43
CA ARG A 39 3.34 -6.45 3.40
C ARG A 39 2.64 -6.12 4.72
N LEU A 40 3.33 -5.45 5.60
CA LEU A 40 2.73 -5.07 6.92
C LEU A 40 1.48 -4.19 6.71
N GLN A 41 0.34 -4.80 6.49
CA GLN A 41 -0.91 -4.02 6.26
C GLN A 41 -1.46 -3.42 7.58
N ARG A 42 -1.13 -4.00 8.70
CA ARG A 42 -1.63 -3.47 10.01
C ARG A 42 -0.67 -3.89 11.15
N ILE A 43 -1.18 -4.52 12.19
CA ILE A 43 -0.31 -4.95 13.32
C ILE A 43 0.67 -6.06 12.89
N SER A 44 0.36 -6.79 11.84
CA SER A 44 1.26 -7.89 11.35
C SER A 44 1.42 -8.97 12.43
N GLN A 45 0.45 -9.84 12.54
CA GLN A 45 0.54 -10.93 13.55
C GLN A 45 1.06 -12.22 12.90
N SER A 46 1.91 -12.09 11.90
CA SER A 46 2.47 -13.29 11.19
C SER A 46 1.32 -14.07 10.53
N GLU A 47 0.49 -13.38 9.79
CA GLU A 47 -0.66 -14.05 9.13
C GLU A 47 -0.43 -14.26 7.62
N ASP A 48 -1.31 -14.98 6.97
CA ASP A 48 -1.14 -15.25 5.51
C ASP A 48 -1.58 -14.02 4.69
N GLU A 49 -0.66 -13.37 4.03
CA GLU A 49 -1.03 -12.18 3.22
C GLU A 49 -0.15 -12.08 1.96
N GLU A 50 -0.45 -11.12 1.10
CA GLU A 50 0.36 -10.94 -0.16
C GLU A 50 0.28 -12.19 -1.05
N SER A 51 -0.66 -12.21 -1.97
CA SER A 51 -0.80 -13.39 -2.88
C SER A 51 -0.29 -13.08 -4.29
N ILE A 52 -1.05 -12.32 -5.04
CA ILE A 52 -0.65 -11.98 -6.45
C ILE A 52 0.76 -11.36 -6.50
N VAL A 53 1.09 -10.52 -5.56
CA VAL A 53 2.46 -9.89 -5.56
C VAL A 53 3.45 -10.68 -4.70
N GLY A 54 2.97 -11.38 -3.70
CA GLY A 54 3.87 -12.20 -2.82
C GLY A 54 4.39 -13.40 -3.61
N ASP A 55 5.35 -13.19 -4.49
CA ASP A 55 5.92 -14.30 -5.32
C ASP A 55 4.86 -14.85 -6.30
N GLY A 56 3.80 -15.42 -5.81
CA GLY A 56 2.75 -15.99 -6.70
C GLY A 56 2.64 -17.47 -6.34
N GLU A 57 3.76 -18.11 -6.20
CA GLU A 57 3.78 -19.54 -5.81
C GLU A 57 4.64 -19.76 -4.54
N THR A 58 5.47 -18.80 -4.18
CA THR A 58 6.36 -18.92 -2.96
C THR A 58 7.48 -19.93 -3.22
N LYS A 59 8.72 -19.51 -3.03
CA LYS A 59 9.87 -20.44 -3.27
C LYS A 59 9.96 -21.52 -2.18
N GLU A 60 10.66 -22.59 -2.47
CA GLU A 60 10.80 -23.71 -1.46
C GLU A 60 11.20 -23.18 -0.07
N PRO A 61 12.28 -22.42 -0.01
CA PRO A 61 12.73 -21.86 1.30
C PRO A 61 11.71 -20.85 1.85
N PHE A 62 10.92 -20.25 1.00
CA PHE A 62 9.91 -19.26 1.47
C PHE A 62 8.64 -19.99 1.94
N LEU A 63 8.20 -20.98 1.21
CA LEU A 63 6.97 -21.72 1.64
C LEU A 63 7.25 -22.49 2.94
N LEU A 64 8.47 -22.92 3.14
CA LEU A 64 8.83 -23.65 4.40
C LEU A 64 8.60 -22.76 5.63
N VAL A 65 9.17 -21.57 5.65
CA VAL A 65 8.95 -20.68 6.82
C VAL A 65 7.52 -20.12 6.81
N GLN A 66 6.96 -19.93 5.63
CA GLN A 66 5.55 -19.42 5.54
C GLN A 66 4.60 -20.45 6.13
N TYR A 67 4.79 -21.71 5.78
CA TYR A 67 3.93 -22.80 6.34
C TYR A 67 4.23 -22.95 7.82
N SER A 68 5.50 -22.90 8.17
CA SER A 68 5.92 -23.04 9.60
C SER A 68 5.29 -21.91 10.44
N ALA A 69 5.20 -20.72 9.91
CA ALA A 69 4.60 -19.59 10.69
C ALA A 69 3.07 -19.60 10.57
N LYS A 70 2.56 -19.86 9.39
CA LYS A 70 1.08 -19.87 9.19
C LYS A 70 0.42 -21.01 9.97
N GLY A 71 1.07 -22.15 10.07
CA GLY A 71 0.46 -23.30 10.83
C GLY A 71 -0.04 -22.81 12.19
N PRO A 72 0.87 -22.32 13.00
CA PRO A 72 0.49 -21.80 14.33
C PRO A 72 -0.36 -20.53 14.17
N CYS A 73 -0.04 -19.67 13.22
CA CYS A 73 -0.88 -18.45 13.02
C CYS A 73 -2.30 -18.85 12.62
N VAL A 74 -2.41 -19.74 11.67
CA VAL A 74 -3.76 -20.22 11.23
C VAL A 74 -4.48 -20.81 12.43
N GLU A 75 -3.81 -21.69 13.15
CA GLU A 75 -4.43 -22.27 14.37
C GLU A 75 -4.81 -21.14 15.34
N ARG A 76 -3.96 -20.15 15.44
CA ARG A 76 -4.23 -19.00 16.36
C ARG A 76 -5.47 -18.20 15.91
N LYS A 77 -5.51 -17.75 14.67
CA LYS A 77 -6.70 -16.99 14.20
C LYS A 77 -7.92 -17.90 14.06
N ALA A 78 -7.70 -19.14 13.69
CA ALA A 78 -8.84 -20.10 13.56
C ALA A 78 -9.43 -20.39 14.94
N LYS A 79 -8.60 -20.69 15.90
CA LYS A 79 -9.11 -20.96 17.28
C LYS A 79 -9.69 -19.68 17.88
N LEU A 80 -9.00 -18.58 17.73
CA LEU A 80 -9.51 -17.28 18.28
C LEU A 80 -10.85 -16.88 17.64
N MET A 81 -11.04 -17.20 16.38
CA MET A 81 -12.33 -16.83 15.69
C MET A 81 -13.30 -18.03 15.74
N THR A 82 -12.92 -19.13 15.14
CA THR A 82 -13.80 -20.35 15.14
C THR A 82 -13.09 -21.51 14.44
N PRO A 83 -12.61 -22.44 15.22
CA PRO A 83 -11.90 -23.63 14.67
C PRO A 83 -12.86 -24.56 13.92
N ASN A 84 -14.16 -24.28 13.97
CA ASN A 84 -15.15 -25.15 13.27
C ASN A 84 -14.98 -26.62 13.69
N GLY A 85 -14.46 -26.84 14.89
CA GLY A 85 -14.26 -28.23 15.39
C GLY A 85 -14.88 -28.37 16.79
N PRO A 86 -14.42 -29.36 17.51
CA PRO A 86 -14.94 -29.62 18.88
C PRO A 86 -14.42 -28.59 19.91
N GLU A 87 -13.33 -27.91 19.61
CA GLU A 87 -12.80 -26.90 20.57
C GLU A 87 -13.92 -25.94 21.00
N VAL A 88 -14.62 -25.39 20.06
CA VAL A 88 -15.74 -24.47 20.38
C VAL A 88 -17.10 -25.10 19.98
N HIS A 89 -17.09 -26.33 19.48
CA HIS A 89 -18.36 -27.01 19.08
C HIS A 89 -19.15 -26.16 18.05
N GLY A 90 -18.47 -25.66 17.04
CA GLY A 90 -19.16 -24.83 16.00
C GLY A 90 -18.12 -23.98 15.24
N GLY A 1 -1.48 28.37 16.48
CA GLY A 1 -2.57 28.46 15.46
C GLY A 1 -2.45 29.76 14.65
N SER A 2 -2.75 29.74 13.37
CA SER A 2 -2.65 30.99 12.56
C SER A 2 -3.97 31.79 12.65
N MET A 3 -3.93 33.07 12.34
CA MET A 3 -5.18 33.90 12.41
C MET A 3 -6.06 33.73 11.16
N SER A 4 -6.68 32.58 11.01
CA SER A 4 -7.59 32.31 9.84
C SER A 4 -6.95 32.73 8.50
N ILE A 5 -5.73 32.31 8.23
CA ILE A 5 -5.10 32.68 6.93
C ILE A 5 -5.20 31.50 5.93
N MET A 6 -4.46 31.57 4.84
CA MET A 6 -4.52 30.47 3.81
C MET A 6 -5.94 30.29 3.25
N ASP A 7 -6.28 29.12 2.78
CA ASP A 7 -7.65 28.87 2.21
C ASP A 7 -7.98 29.88 1.08
N HIS A 8 -6.96 30.39 0.40
CA HIS A 8 -7.19 31.37 -0.72
C HIS A 8 -8.05 30.75 -1.85
N SER A 9 -7.98 29.45 -2.00
CA SER A 9 -8.77 28.77 -3.07
C SER A 9 -8.77 27.25 -2.84
N PRO A 10 -9.81 26.60 -3.29
CA PRO A 10 -9.90 25.12 -3.13
C PRO A 10 -8.84 24.42 -4.00
N THR A 11 -8.30 25.12 -4.98
CA THR A 11 -7.25 24.52 -5.85
C THR A 11 -6.04 24.09 -5.01
N THR A 12 -5.53 24.97 -4.18
CA THR A 12 -4.37 24.59 -3.31
C THR A 12 -4.77 23.43 -2.37
N GLY A 13 -6.01 23.40 -1.98
CA GLY A 13 -6.50 22.29 -1.11
C GLY A 13 -6.54 21.01 -1.93
N VAL A 14 -7.20 21.05 -3.06
CA VAL A 14 -7.26 19.83 -3.95
C VAL A 14 -5.82 19.38 -4.27
N VAL A 15 -4.93 20.32 -4.50
CA VAL A 15 -3.51 19.94 -4.79
C VAL A 15 -2.88 19.32 -3.53
N THR A 16 -3.21 19.84 -2.38
CA THR A 16 -2.65 19.28 -1.11
C THR A 16 -3.14 17.85 -0.91
N VAL A 17 -4.41 17.59 -1.13
CA VAL A 17 -4.91 16.19 -0.94
C VAL A 17 -4.39 15.26 -2.05
N ILE A 18 -4.28 15.71 -3.29
CA ILE A 18 -3.74 14.78 -4.34
C ILE A 18 -2.26 14.53 -4.08
N VAL A 19 -1.54 15.50 -3.56
CA VAL A 19 -0.10 15.27 -3.25
C VAL A 19 -0.01 14.31 -2.05
N ILE A 20 -0.83 14.54 -1.04
CA ILE A 20 -0.83 13.61 0.13
C ILE A 20 -1.27 12.22 -0.32
N LEU A 21 -2.33 12.14 -1.08
CA LEU A 21 -2.80 10.82 -1.58
C LEU A 21 -1.72 10.21 -2.49
N ILE A 22 -1.12 11.00 -3.36
CA ILE A 22 -0.03 10.43 -4.23
C ILE A 22 1.11 9.97 -3.34
N ALA A 23 1.41 10.72 -2.30
CA ALA A 23 2.52 10.32 -1.37
C ALA A 23 2.16 9.03 -0.62
N ILE A 24 1.00 8.95 0.00
CA ILE A 24 0.64 7.69 0.71
C ILE A 24 0.56 6.54 -0.30
N ALA A 25 0.07 6.81 -1.48
CA ALA A 25 0.01 5.74 -2.53
C ALA A 25 1.43 5.32 -2.90
N ALA A 26 2.29 6.28 -3.14
CA ALA A 26 3.71 5.93 -3.48
C ALA A 26 4.32 5.17 -2.30
N LEU A 27 4.07 5.63 -1.09
CA LEU A 27 4.61 4.92 0.10
C LEU A 27 4.05 3.49 0.12
N GLY A 28 2.75 3.34 -0.05
CA GLY A 28 2.13 1.98 -0.07
C GLY A 28 2.81 1.15 -1.18
N ALA A 29 2.96 1.72 -2.34
CA ALA A 29 3.62 0.98 -3.46
C ALA A 29 5.07 0.65 -3.06
N LEU A 30 5.74 1.59 -2.47
CA LEU A 30 7.15 1.34 -2.01
C LEU A 30 7.14 0.21 -0.97
N ILE A 31 6.18 0.22 -0.08
CA ILE A 31 6.09 -0.88 0.94
C ILE A 31 5.79 -2.21 0.25
N LEU A 32 4.85 -2.21 -0.67
CA LEU A 32 4.53 -3.46 -1.41
C LEU A 32 5.75 -3.93 -2.20
N GLY A 33 6.38 -3.05 -2.93
CA GLY A 33 7.60 -3.42 -3.71
C GLY A 33 8.69 -3.92 -2.76
N CYS A 34 8.81 -3.33 -1.59
CA CYS A 34 9.86 -3.78 -0.64
C CYS A 34 9.47 -5.11 0.03
N TRP A 35 8.22 -5.27 0.43
CA TRP A 35 7.81 -6.55 1.10
C TRP A 35 6.31 -6.86 0.92
N CYS A 36 5.82 -6.96 -0.29
CA CYS A 36 4.37 -7.25 -0.51
C CYS A 36 3.97 -8.63 0.08
N TYR A 37 4.90 -9.55 0.19
CA TYR A 37 4.59 -10.90 0.78
C TYR A 37 5.70 -11.30 1.77
N LEU A 38 5.72 -12.54 2.21
CA LEU A 38 6.79 -12.98 3.19
C LEU A 38 8.18 -12.59 2.66
N ARG A 39 8.38 -12.68 1.37
CA ARG A 39 9.69 -12.31 0.76
C ARG A 39 10.89 -12.91 1.54
N LEU A 40 11.07 -14.19 1.44
CA LEU A 40 12.21 -14.85 2.17
C LEU A 40 13.53 -14.14 1.87
N GLN A 41 13.72 -13.64 0.67
CA GLN A 41 14.99 -12.92 0.36
C GLN A 41 15.00 -11.55 1.08
N ARG A 42 14.83 -11.57 2.38
CA ARG A 42 14.84 -10.29 3.17
C ARG A 42 16.19 -9.60 2.98
N ILE A 43 17.20 -10.07 3.64
CA ILE A 43 18.54 -9.49 3.51
C ILE A 43 19.19 -9.95 2.18
N SER A 44 18.74 -11.05 1.64
CA SER A 44 19.31 -11.58 0.34
C SER A 44 20.80 -11.98 0.49
N GLN A 45 21.68 -11.04 0.70
CA GLN A 45 23.13 -11.39 0.85
C GLN A 45 23.53 -11.44 2.34
N SER A 46 23.96 -10.33 2.91
CA SER A 46 24.37 -10.33 4.36
C SER A 46 24.86 -8.93 4.78
N GLU A 47 24.10 -7.90 4.49
CA GLU A 47 24.51 -6.52 4.86
C GLU A 47 23.58 -5.96 5.96
N ASP A 48 23.58 -4.66 6.17
CA ASP A 48 22.70 -4.07 7.23
C ASP A 48 21.32 -3.71 6.64
N GLU A 49 20.26 -3.89 7.40
CA GLU A 49 18.89 -3.58 6.87
C GLU A 49 17.87 -3.40 8.02
N GLU A 50 16.78 -2.71 7.74
CA GLU A 50 15.72 -2.48 8.77
C GLU A 50 14.60 -3.54 8.63
N SER A 51 13.41 -3.17 8.21
CA SER A 51 12.32 -4.20 8.06
C SER A 51 11.19 -3.69 7.16
N ILE A 52 10.84 -2.44 7.27
CA ILE A 52 9.73 -1.88 6.43
C ILE A 52 10.31 -0.97 5.33
N VAL A 53 11.15 -0.04 5.72
CA VAL A 53 11.77 0.88 4.71
C VAL A 53 13.29 1.03 4.93
N GLY A 54 13.70 1.26 6.16
CA GLY A 54 15.17 1.41 6.44
C GLY A 54 15.64 2.81 6.03
N ASP A 55 15.61 3.11 4.76
CA ASP A 55 16.04 4.46 4.29
C ASP A 55 14.82 5.37 4.03
N GLY A 56 15.01 6.66 4.04
CA GLY A 56 13.87 7.60 3.80
C GLY A 56 13.61 8.41 5.06
N GLU A 57 14.62 9.07 5.57
CA GLU A 57 14.47 9.88 6.81
C GLU A 57 13.87 9.03 7.95
N THR A 58 14.36 7.82 8.11
CA THR A 58 13.85 6.92 9.19
C THR A 58 14.22 7.44 10.58
N LYS A 59 13.83 8.64 10.91
CA LYS A 59 14.16 9.23 12.23
C LYS A 59 12.94 10.00 12.78
N GLU A 60 12.28 9.45 13.76
CA GLU A 60 11.08 10.14 14.35
C GLU A 60 11.05 9.96 15.88
N PRO A 61 11.03 11.07 16.57
CA PRO A 61 10.97 11.02 18.06
C PRO A 61 9.64 10.43 18.53
N PHE A 62 8.54 10.80 17.90
CA PHE A 62 7.19 10.26 18.29
C PHE A 62 6.07 11.00 17.56
N LEU A 63 4.90 10.45 17.54
CA LEU A 63 3.74 11.14 16.86
C LEU A 63 3.43 12.45 17.60
N LEU A 64 3.50 12.43 18.91
CA LEU A 64 3.23 13.66 19.69
C LEU A 64 4.26 14.74 19.32
N VAL A 65 5.51 14.37 19.18
CA VAL A 65 6.54 15.38 18.79
C VAL A 65 6.37 15.71 17.30
N GLN A 66 6.08 14.73 16.49
CA GLN A 66 5.87 14.99 15.03
C GLN A 66 4.74 16.02 14.88
N TYR A 67 3.70 15.86 15.64
CA TYR A 67 2.56 16.84 15.59
C TYR A 67 2.98 18.13 16.30
N SER A 68 3.58 18.01 17.46
CA SER A 68 4.03 19.22 18.22
C SER A 68 5.03 20.04 17.39
N ALA A 69 5.88 19.39 16.63
CA ALA A 69 6.87 20.15 15.81
C ALA A 69 6.27 20.59 14.47
N LYS A 70 5.60 19.70 13.79
CA LYS A 70 5.00 20.08 12.46
C LYS A 70 3.90 21.13 12.63
N GLY A 71 3.14 21.07 13.69
CA GLY A 71 2.05 22.07 13.91
C GLY A 71 2.60 23.49 13.72
N PRO A 72 3.52 23.87 14.57
CA PRO A 72 4.15 25.21 14.47
C PRO A 72 4.98 25.31 13.17
N CYS A 73 5.65 24.26 12.77
CA CYS A 73 6.44 24.32 11.50
C CYS A 73 5.49 24.58 10.32
N VAL A 74 4.40 23.87 10.26
CA VAL A 74 3.41 24.08 9.17
C VAL A 74 2.74 25.45 9.34
N GLU A 75 2.31 25.75 10.52
CA GLU A 75 1.68 27.09 10.77
C GLU A 75 2.67 28.20 10.38
N ARG A 76 3.92 28.01 10.71
CA ARG A 76 4.95 29.04 10.35
C ARG A 76 5.09 29.11 8.83
N LYS A 77 5.13 27.97 8.18
CA LYS A 77 5.24 27.98 6.68
C LYS A 77 3.97 28.58 6.08
N ALA A 78 2.83 28.28 6.64
CA ALA A 78 1.55 28.83 6.11
C ALA A 78 1.49 30.35 6.36
N LYS A 79 1.74 30.76 7.58
CA LYS A 79 1.72 32.21 7.90
C LYS A 79 2.86 32.94 7.15
N LEU A 80 3.96 32.28 6.91
CA LEU A 80 5.09 32.91 6.15
C LEU A 80 4.76 32.94 4.65
N MET A 81 3.94 32.03 4.18
CA MET A 81 3.56 32.01 2.73
C MET A 81 2.35 32.92 2.47
N THR A 82 1.37 32.92 3.35
CA THR A 82 0.15 33.78 3.16
C THR A 82 0.52 35.28 3.12
N PRO A 83 -0.21 36.04 2.34
CA PRO A 83 0.07 37.51 2.20
C PRO A 83 -0.49 38.32 3.39
N ASN A 84 -0.93 37.68 4.45
CA ASN A 84 -1.50 38.41 5.64
C ASN A 84 -2.41 39.60 5.23
N GLY A 85 -3.05 39.50 4.09
CA GLY A 85 -3.95 40.61 3.63
C GLY A 85 -5.28 40.03 3.16
N PRO A 86 -5.39 39.76 1.88
CA PRO A 86 -6.62 39.18 1.32
C PRO A 86 -6.66 37.65 1.56
N GLU A 87 -6.50 36.84 0.54
CA GLU A 87 -6.53 35.34 0.69
C GLU A 87 -7.91 34.86 1.14
N VAL A 88 -8.38 35.36 2.24
CA VAL A 88 -9.73 34.98 2.74
C VAL A 88 -10.70 36.19 2.64
N HIS A 89 -10.16 37.38 2.56
CA HIS A 89 -11.03 38.60 2.42
C HIS A 89 -10.71 39.31 1.11
N GLY A 90 -11.63 40.10 0.60
CA GLY A 90 -11.37 40.85 -0.66
C GLY A 90 -11.17 42.33 -0.35
N GLY A 1 -11.14 13.83 -2.00
CA GLY A 1 -12.32 13.05 -2.49
C GLY A 1 -13.63 13.77 -2.16
N SER A 2 -14.27 14.36 -3.14
CA SER A 2 -15.58 15.06 -2.88
C SER A 2 -16.73 14.04 -2.76
N MET A 3 -16.54 12.99 -1.99
CA MET A 3 -17.59 11.95 -1.82
C MET A 3 -18.71 12.43 -0.87
N SER A 4 -18.44 13.42 -0.07
CA SER A 4 -19.47 13.96 0.87
C SER A 4 -19.51 15.49 0.72
N ILE A 5 -18.45 16.14 1.08
CA ILE A 5 -18.37 17.62 0.93
C ILE A 5 -17.62 17.99 -0.36
N MET A 6 -17.39 19.25 -0.57
CA MET A 6 -16.65 19.68 -1.81
C MET A 6 -15.20 20.00 -1.49
N ASP A 7 -14.43 18.99 -1.19
CA ASP A 7 -12.98 19.20 -0.88
C ASP A 7 -12.25 19.70 -2.14
N HIS A 8 -12.84 19.52 -3.29
CA HIS A 8 -12.22 19.98 -4.57
C HIS A 8 -12.43 21.50 -4.75
N SER A 9 -13.18 22.13 -3.88
CA SER A 9 -13.41 23.61 -4.00
C SER A 9 -12.08 24.38 -3.90
N PRO A 10 -11.39 24.19 -2.79
CA PRO A 10 -10.08 24.89 -2.58
C PRO A 10 -8.99 24.25 -3.44
N THR A 11 -8.54 24.96 -4.45
CA THR A 11 -7.47 24.43 -5.36
C THR A 11 -6.22 24.06 -4.54
N THR A 12 -5.79 24.95 -3.66
CA THR A 12 -4.59 24.64 -2.81
C THR A 12 -4.87 23.37 -2.00
N GLY A 13 -6.09 23.16 -1.62
CA GLY A 13 -6.46 21.94 -0.86
C GLY A 13 -6.48 20.76 -1.83
N VAL A 14 -7.17 20.91 -2.93
CA VAL A 14 -7.23 19.80 -3.95
C VAL A 14 -5.82 19.32 -4.28
N VAL A 15 -4.91 20.23 -4.49
CA VAL A 15 -3.51 19.81 -4.81
C VAL A 15 -2.84 19.23 -3.56
N THR A 16 -3.03 19.86 -2.43
CA THR A 16 -2.43 19.35 -1.17
C THR A 16 -2.91 17.91 -0.89
N VAL A 17 -4.20 17.70 -0.95
CA VAL A 17 -4.73 16.32 -0.70
C VAL A 17 -4.27 15.38 -1.82
N ILE A 18 -4.26 15.83 -3.05
CA ILE A 18 -3.79 14.92 -4.17
C ILE A 18 -2.32 14.61 -3.97
N VAL A 19 -1.52 15.59 -3.64
CA VAL A 19 -0.07 15.32 -3.40
C VAL A 19 0.07 14.34 -2.24
N ILE A 20 -0.73 14.50 -1.21
CA ILE A 20 -0.65 13.55 -0.06
C ILE A 20 -1.19 12.20 -0.51
N LEU A 21 -2.26 12.20 -1.27
CA LEU A 21 -2.83 10.92 -1.78
C LEU A 21 -1.80 10.22 -2.68
N ILE A 22 -1.22 10.92 -3.64
CA ILE A 22 -0.19 10.25 -4.50
C ILE A 22 0.99 9.82 -3.63
N ALA A 23 1.38 10.66 -2.71
CA ALA A 23 2.51 10.30 -1.80
C ALA A 23 2.13 9.04 -1.00
N ILE A 24 0.92 9.00 -0.48
CA ILE A 24 0.47 7.78 0.27
C ILE A 24 0.54 6.57 -0.68
N ALA A 25 0.00 6.70 -1.86
CA ALA A 25 0.05 5.58 -2.84
C ALA A 25 1.51 5.22 -3.15
N ALA A 26 2.34 6.21 -3.32
CA ALA A 26 3.79 5.92 -3.60
C ALA A 26 4.39 5.20 -2.39
N LEU A 27 4.10 5.68 -1.19
CA LEU A 27 4.62 5.00 0.03
C LEU A 27 4.04 3.58 0.08
N GLY A 28 2.75 3.44 -0.16
CA GLY A 28 2.12 2.09 -0.16
C GLY A 28 2.82 1.22 -1.20
N ALA A 29 3.05 1.76 -2.38
CA ALA A 29 3.76 0.97 -3.44
C ALA A 29 5.18 0.65 -2.96
N LEU A 30 5.85 1.61 -2.39
CA LEU A 30 7.23 1.37 -1.86
C LEU A 30 7.18 0.23 -0.84
N ILE A 31 6.20 0.23 0.02
CA ILE A 31 6.06 -0.87 1.02
C ILE A 31 5.69 -2.18 0.30
N LEU A 32 4.70 -2.13 -0.57
CA LEU A 32 4.30 -3.35 -1.33
C LEU A 32 5.53 -3.92 -2.06
N GLY A 33 6.30 -3.09 -2.70
CA GLY A 33 7.53 -3.58 -3.41
C GLY A 33 8.59 -4.00 -2.40
N CYS A 34 8.74 -3.25 -1.32
CA CYS A 34 9.76 -3.62 -0.28
C CYS A 34 9.44 -4.98 0.35
N TRP A 35 8.20 -5.23 0.70
CA TRP A 35 7.86 -6.55 1.33
C TRP A 35 6.34 -6.82 1.36
N CYS A 36 5.63 -6.48 0.30
CA CYS A 36 4.16 -6.73 0.22
C CYS A 36 3.37 -5.96 1.32
N TYR A 37 3.59 -6.27 2.57
CA TYR A 37 2.85 -5.58 3.67
C TYR A 37 3.68 -5.60 4.97
N LEU A 38 3.87 -6.76 5.52
CA LEU A 38 4.66 -6.90 6.77
C LEU A 38 5.58 -8.11 6.63
N ARG A 39 5.00 -9.27 6.48
CA ARG A 39 5.78 -10.54 6.30
C ARG A 39 4.84 -11.76 6.35
N LEU A 40 3.81 -11.78 5.54
CA LEU A 40 2.86 -12.94 5.57
C LEU A 40 2.71 -13.59 4.17
N GLN A 41 3.65 -13.39 3.29
CA GLN A 41 3.56 -14.01 1.93
C GLN A 41 4.38 -15.32 1.88
N ARG A 42 4.36 -16.08 2.95
CA ARG A 42 5.14 -17.36 2.99
C ARG A 42 4.21 -18.58 3.00
N ILE A 43 3.45 -18.73 4.04
CA ILE A 43 2.52 -19.90 4.14
C ILE A 43 1.13 -19.53 3.65
N SER A 44 0.70 -18.34 3.95
CA SER A 44 -0.64 -17.87 3.50
C SER A 44 -0.76 -16.37 3.76
N GLN A 45 -1.09 -15.61 2.75
CA GLN A 45 -1.22 -14.13 2.93
C GLN A 45 -2.40 -13.79 3.83
N SER A 46 -2.42 -12.59 4.36
CA SER A 46 -3.53 -12.17 5.25
C SER A 46 -3.44 -10.66 5.52
N GLU A 47 -3.20 -9.88 4.50
CA GLU A 47 -3.06 -8.42 4.66
C GLU A 47 -4.25 -7.70 4.03
N ASP A 48 -4.42 -6.43 4.34
CA ASP A 48 -5.57 -5.67 3.75
C ASP A 48 -5.31 -5.38 2.26
N GLU A 49 -5.55 -6.36 1.42
CA GLU A 49 -5.36 -6.19 -0.05
C GLU A 49 -6.70 -5.87 -0.71
N GLU A 50 -7.13 -4.63 -0.69
CA GLU A 50 -8.43 -4.27 -1.29
C GLU A 50 -8.26 -3.18 -2.36
N SER A 51 -9.35 -2.72 -2.89
CA SER A 51 -9.33 -1.66 -3.94
C SER A 51 -10.43 -0.62 -3.69
N ILE A 52 -11.58 -1.05 -3.23
CA ILE A 52 -12.69 -0.10 -2.94
C ILE A 52 -12.42 0.64 -1.62
N VAL A 53 -12.08 -0.11 -0.60
CA VAL A 53 -11.76 0.50 0.73
C VAL A 53 -10.66 1.56 0.57
N GLY A 54 -9.53 1.17 0.03
CA GLY A 54 -8.41 2.13 -0.17
C GLY A 54 -8.72 3.07 -1.34
N ASP A 55 -9.62 4.00 -1.13
CA ASP A 55 -9.98 4.96 -2.23
C ASP A 55 -9.58 6.40 -1.83
N GLY A 56 -10.13 7.38 -2.50
CA GLY A 56 -9.78 8.79 -2.21
C GLY A 56 -9.00 9.35 -3.40
N GLU A 57 -9.51 9.13 -4.60
CA GLU A 57 -8.82 9.60 -5.84
C GLU A 57 -7.44 8.92 -5.99
N THR A 58 -7.19 7.87 -5.26
CA THR A 58 -5.88 7.18 -5.36
C THR A 58 -6.01 5.71 -4.95
N LYS A 59 -5.29 4.84 -5.58
CA LYS A 59 -5.37 3.40 -5.25
C LYS A 59 -3.97 2.78 -5.21
N GLU A 60 -3.59 2.22 -4.08
CA GLU A 60 -2.23 1.60 -3.98
C GLU A 60 -2.12 0.40 -4.93
N PRO A 61 -0.95 0.22 -5.48
CA PRO A 61 -0.71 -0.92 -6.41
C PRO A 61 -0.72 -2.25 -5.64
N PHE A 62 -1.80 -2.54 -4.96
CA PHE A 62 -1.91 -3.81 -4.18
C PHE A 62 -1.64 -5.02 -5.09
N LEU A 63 -1.20 -6.12 -4.52
CA LEU A 63 -0.93 -7.32 -5.36
C LEU A 63 -2.21 -7.78 -6.09
N LEU A 64 -3.34 -7.67 -5.46
CA LEU A 64 -4.63 -8.07 -6.13
C LEU A 64 -4.83 -7.26 -7.42
N VAL A 65 -4.87 -5.95 -7.32
CA VAL A 65 -5.05 -5.12 -8.53
C VAL A 65 -3.79 -5.20 -9.41
N GLN A 66 -2.64 -5.36 -8.81
CA GLN A 66 -1.38 -5.49 -9.61
C GLN A 66 -1.47 -6.74 -10.48
N TYR A 67 -1.71 -7.87 -9.86
CA TYR A 67 -1.85 -9.15 -10.65
C TYR A 67 -3.05 -9.05 -11.58
N SER A 68 -4.13 -8.50 -11.08
CA SER A 68 -5.38 -8.33 -11.91
C SER A 68 -5.08 -7.52 -13.17
N ALA A 69 -4.19 -6.55 -13.09
CA ALA A 69 -3.86 -5.73 -14.29
C ALA A 69 -2.68 -6.32 -15.04
N LYS A 70 -1.68 -6.76 -14.34
CA LYS A 70 -0.48 -7.37 -14.99
C LYS A 70 -0.86 -8.66 -15.73
N GLY A 71 -1.64 -9.49 -15.09
CA GLY A 71 -2.08 -10.78 -15.73
C GLY A 71 -2.52 -10.54 -17.17
N PRO A 72 -3.58 -9.77 -17.32
CA PRO A 72 -4.10 -9.45 -18.68
C PRO A 72 -3.09 -8.59 -19.45
N CYS A 73 -2.44 -7.65 -18.79
CA CYS A 73 -1.43 -6.80 -19.50
C CYS A 73 -0.31 -7.69 -20.06
N VAL A 74 0.15 -8.63 -19.27
CA VAL A 74 1.22 -9.56 -19.73
C VAL A 74 0.65 -10.52 -20.78
N GLU A 75 -0.46 -11.12 -20.48
CA GLU A 75 -1.11 -12.06 -21.45
C GLU A 75 -1.43 -11.34 -22.77
N ARG A 76 -1.72 -10.07 -22.69
CA ARG A 76 -2.03 -9.28 -23.91
C ARG A 76 -0.73 -8.99 -24.68
N LYS A 77 0.28 -8.50 -24.00
CA LYS A 77 1.58 -8.22 -24.68
C LYS A 77 2.24 -9.54 -25.10
N ALA A 78 1.96 -10.61 -24.40
CA ALA A 78 2.54 -11.93 -24.75
C ALA A 78 1.87 -12.43 -26.02
N LYS A 79 0.56 -12.46 -26.03
CA LYS A 79 -0.18 -12.92 -27.25
C LYS A 79 -0.01 -11.91 -28.40
N LEU A 80 0.27 -10.67 -28.09
CA LEU A 80 0.47 -9.65 -29.15
C LEU A 80 1.87 -9.81 -29.75
N MET A 81 2.84 -10.07 -28.92
CA MET A 81 4.23 -10.25 -29.43
C MET A 81 4.38 -11.64 -30.05
N THR A 82 3.99 -12.67 -29.33
CA THR A 82 4.10 -14.04 -29.89
C THR A 82 2.94 -14.30 -30.84
N PRO A 83 3.21 -15.04 -31.89
CA PRO A 83 2.14 -15.35 -32.87
C PRO A 83 1.16 -16.38 -32.29
N ASN A 84 1.41 -16.88 -31.09
CA ASN A 84 0.52 -17.91 -30.46
C ASN A 84 0.51 -19.19 -31.32
N GLY A 85 1.51 -19.33 -32.16
CA GLY A 85 1.64 -20.51 -33.04
C GLY A 85 3.13 -20.74 -33.33
N PRO A 86 3.72 -21.68 -32.64
CA PRO A 86 5.16 -21.98 -32.83
C PRO A 86 5.45 -22.46 -34.26
N GLU A 87 4.44 -22.75 -35.05
CA GLU A 87 4.67 -23.20 -36.47
C GLU A 87 5.41 -22.11 -37.27
N VAL A 88 5.27 -20.86 -36.89
CA VAL A 88 5.95 -19.76 -37.64
C VAL A 88 7.03 -19.08 -36.79
N HIS A 89 6.93 -19.15 -35.47
CA HIS A 89 7.96 -18.50 -34.62
C HIS A 89 8.14 -19.25 -33.30
N GLY A 90 9.35 -19.36 -32.83
CA GLY A 90 9.60 -20.07 -31.54
C GLY A 90 9.59 -19.06 -30.39
N GLY A 1 -10.50 29.11 -12.46
CA GLY A 1 -10.62 27.71 -12.93
C GLY A 1 -10.35 26.75 -11.77
N SER A 2 -9.29 25.97 -11.84
CA SER A 2 -8.97 25.02 -10.72
C SER A 2 -7.65 24.29 -11.00
N MET A 3 -6.56 25.02 -11.09
CA MET A 3 -5.24 24.35 -11.35
C MET A 3 -4.46 24.20 -10.02
N SER A 4 -3.55 25.11 -9.73
CA SER A 4 -2.78 25.01 -8.46
C SER A 4 -2.83 26.35 -7.70
N ILE A 5 -2.54 27.42 -8.38
CA ILE A 5 -2.56 28.77 -7.74
C ILE A 5 -4.02 29.21 -7.46
N MET A 6 -4.23 30.47 -7.18
CA MET A 6 -5.63 30.96 -6.89
C MET A 6 -6.48 31.01 -8.17
N ASP A 7 -7.07 29.89 -8.54
CA ASP A 7 -7.93 29.85 -9.76
C ASP A 7 -9.41 30.05 -9.38
N HIS A 8 -9.68 30.83 -8.35
CA HIS A 8 -11.10 31.05 -7.91
C HIS A 8 -11.71 29.71 -7.45
N SER A 9 -10.90 28.87 -6.87
CA SER A 9 -11.38 27.54 -6.39
C SER A 9 -10.37 26.97 -5.37
N PRO A 10 -10.75 25.90 -4.71
CA PRO A 10 -9.86 25.27 -3.70
C PRO A 10 -8.70 24.50 -4.38
N THR A 11 -7.95 25.18 -5.20
CA THR A 11 -6.80 24.53 -5.91
C THR A 11 -5.74 24.07 -4.92
N THR A 12 -5.30 24.95 -4.04
CA THR A 12 -4.27 24.57 -3.03
C THR A 12 -4.74 23.37 -2.21
N GLY A 13 -6.01 23.31 -1.91
CA GLY A 13 -6.56 22.16 -1.12
C GLY A 13 -6.56 20.91 -2.00
N VAL A 14 -7.15 21.01 -3.17
CA VAL A 14 -7.17 19.83 -4.10
C VAL A 14 -5.74 19.37 -4.36
N VAL A 15 -4.82 20.30 -4.54
CA VAL A 15 -3.40 19.90 -4.78
C VAL A 15 -2.82 19.28 -3.50
N THR A 16 -3.12 19.84 -2.37
CA THR A 16 -2.61 19.27 -1.09
C THR A 16 -3.11 17.83 -0.91
N VAL A 17 -4.38 17.62 -1.13
CA VAL A 17 -4.94 16.24 -0.97
C VAL A 17 -4.40 15.30 -2.06
N ILE A 18 -4.28 15.71 -3.30
CA ILE A 18 -3.73 14.78 -4.33
C ILE A 18 -2.25 14.52 -4.07
N VAL A 19 -1.54 15.50 -3.56
CA VAL A 19 -0.09 15.28 -3.23
C VAL A 19 -0.02 14.30 -2.04
N ILE A 20 -0.85 14.53 -1.04
CA ILE A 20 -0.86 13.60 0.13
C ILE A 20 -1.29 12.21 -0.33
N LEU A 21 -2.37 12.14 -1.07
CA LEU A 21 -2.85 10.82 -1.58
C LEU A 21 -1.76 10.21 -2.48
N ILE A 22 -1.14 11.01 -3.33
CA ILE A 22 -0.05 10.47 -4.21
C ILE A 22 1.09 9.95 -3.32
N ALA A 23 1.45 10.69 -2.31
CA ALA A 23 2.55 10.24 -1.39
C ALA A 23 2.10 8.97 -0.66
N ILE A 24 0.89 8.94 -0.15
CA ILE A 24 0.39 7.71 0.54
C ILE A 24 0.43 6.53 -0.44
N ALA A 25 -0.07 6.72 -1.63
CA ALA A 25 -0.05 5.62 -2.65
C ALA A 25 1.41 5.25 -2.96
N ALA A 26 2.26 6.22 -3.15
CA ALA A 26 3.69 5.91 -3.44
C ALA A 26 4.28 5.15 -2.26
N LEU A 27 4.03 5.59 -1.05
CA LEU A 27 4.55 4.86 0.15
C LEU A 27 3.96 3.45 0.17
N GLY A 28 2.67 3.32 -0.06
CA GLY A 28 2.03 1.97 -0.09
C GLY A 28 2.72 1.13 -1.17
N ALA A 29 2.94 1.70 -2.33
CA ALA A 29 3.64 0.95 -3.42
C ALA A 29 5.06 0.60 -2.98
N LEU A 30 5.76 1.56 -2.41
CA LEU A 30 7.15 1.29 -1.94
C LEU A 30 7.14 0.15 -0.91
N ILE A 31 6.16 0.14 -0.02
CA ILE A 31 6.08 -0.96 0.98
C ILE A 31 5.73 -2.28 0.27
N LEU A 32 4.74 -2.24 -0.60
CA LEU A 32 4.35 -3.49 -1.36
C LEU A 32 5.52 -3.97 -2.24
N GLY A 33 6.23 -3.06 -2.86
CA GLY A 33 7.37 -3.46 -3.74
C GLY A 33 8.59 -3.90 -2.91
N CYS A 34 8.86 -3.24 -1.80
CA CYS A 34 10.04 -3.63 -0.98
C CYS A 34 9.73 -4.80 -0.02
N TRP A 35 8.51 -4.90 0.47
CA TRP A 35 8.19 -6.02 1.42
C TRP A 35 6.97 -6.85 0.95
N CYS A 36 6.38 -6.52 -0.18
CA CYS A 36 5.19 -7.30 -0.70
C CYS A 36 3.97 -7.17 0.23
N TYR A 37 4.02 -7.76 1.39
CA TYR A 37 2.87 -7.69 2.35
C TYR A 37 3.35 -7.28 3.74
N LEU A 38 3.26 -6.02 4.08
CA LEU A 38 3.72 -5.51 5.41
C LEU A 38 5.25 -5.73 5.60
N ARG A 39 5.67 -6.95 5.68
CA ARG A 39 7.12 -7.25 5.86
C ARG A 39 7.53 -8.48 5.01
N LEU A 40 6.76 -9.55 5.08
CA LEU A 40 7.08 -10.79 4.30
C LEU A 40 8.58 -11.16 4.40
N GLN A 41 9.08 -11.25 5.60
CA GLN A 41 10.52 -11.60 5.82
C GLN A 41 10.70 -13.12 6.10
N ARG A 42 9.74 -13.94 5.75
CA ARG A 42 9.87 -15.40 5.97
C ARG A 42 10.27 -16.06 4.64
N ILE A 43 9.85 -17.28 4.41
CA ILE A 43 10.18 -17.96 3.12
C ILE A 43 9.88 -17.03 1.93
N SER A 44 8.85 -16.21 2.07
CA SER A 44 8.45 -15.25 1.00
C SER A 44 7.82 -15.97 -0.19
N GLN A 45 6.58 -15.70 -0.47
CA GLN A 45 5.91 -16.39 -1.61
C GLN A 45 5.72 -15.42 -2.80
N SER A 46 6.10 -14.17 -2.66
CA SER A 46 5.94 -13.19 -3.78
C SER A 46 4.46 -13.05 -4.17
N GLU A 47 3.56 -13.06 -3.20
CA GLU A 47 2.11 -12.96 -3.51
C GLU A 47 1.68 -11.49 -3.71
N ASP A 48 0.73 -11.28 -4.56
CA ASP A 48 0.23 -9.89 -4.85
C ASP A 48 -1.17 -9.96 -5.52
N GLU A 49 -1.28 -10.65 -6.63
CA GLU A 49 -2.59 -10.77 -7.32
C GLU A 49 -3.56 -11.64 -6.51
N GLU A 50 -4.73 -11.12 -6.19
CA GLU A 50 -5.73 -11.88 -5.38
C GLU A 50 -5.26 -12.00 -3.93
N SER A 51 -6.14 -12.39 -3.05
CA SER A 51 -5.78 -12.52 -1.60
C SER A 51 -6.47 -13.74 -0.96
N ILE A 52 -7.61 -14.12 -1.45
CA ILE A 52 -8.34 -15.30 -0.86
C ILE A 52 -7.65 -16.60 -1.28
N VAL A 53 -7.42 -16.78 -2.56
CA VAL A 53 -6.76 -18.05 -3.02
C VAL A 53 -5.64 -17.79 -4.05
N GLY A 54 -5.78 -16.79 -4.90
CA GLY A 54 -4.71 -16.49 -5.90
C GLY A 54 -4.59 -17.63 -6.93
N ASP A 55 -4.20 -18.80 -6.50
CA ASP A 55 -4.07 -19.96 -7.43
C ASP A 55 -5.40 -20.72 -7.54
N GLY A 56 -5.68 -21.31 -8.66
CA GLY A 56 -6.97 -22.06 -8.82
C GLY A 56 -7.08 -22.55 -10.26
N GLU A 57 -7.13 -21.64 -11.20
CA GLU A 57 -7.22 -22.05 -12.63
C GLU A 57 -5.91 -21.70 -13.36
N THR A 58 -4.81 -21.60 -12.65
CA THR A 58 -3.51 -21.26 -13.27
C THR A 58 -3.00 -22.44 -14.12
N LYS A 59 -3.74 -22.81 -15.15
CA LYS A 59 -3.31 -23.94 -16.03
C LYS A 59 -2.96 -23.43 -17.43
N GLU A 60 -2.09 -24.11 -18.12
CA GLU A 60 -1.70 -23.67 -19.49
C GLU A 60 -2.19 -24.69 -20.55
N PRO A 61 -3.48 -24.68 -20.79
CA PRO A 61 -4.08 -25.62 -21.78
C PRO A 61 -3.66 -25.25 -23.22
N PHE A 62 -3.49 -23.98 -23.51
CA PHE A 62 -3.07 -23.57 -24.89
C PHE A 62 -1.83 -22.67 -24.82
N LEU A 63 -1.15 -22.50 -25.93
CA LEU A 63 0.07 -21.62 -25.93
C LEU A 63 -0.29 -20.21 -25.44
N LEU A 64 -1.49 -19.75 -25.73
CA LEU A 64 -1.92 -18.40 -25.27
C LEU A 64 -1.99 -18.39 -23.74
N VAL A 65 -2.66 -19.36 -23.15
CA VAL A 65 -2.73 -19.40 -21.66
C VAL A 65 -1.36 -19.75 -21.10
N GLN A 66 -0.61 -20.55 -21.80
CA GLN A 66 0.77 -20.91 -21.32
C GLN A 66 1.56 -19.61 -21.11
N TYR A 67 1.66 -18.82 -22.14
CA TYR A 67 2.38 -17.51 -22.01
C TYR A 67 1.65 -16.63 -20.98
N SER A 68 0.35 -16.62 -21.03
CA SER A 68 -0.46 -15.80 -20.06
C SER A 68 -0.18 -16.25 -18.62
N ALA A 69 0.00 -17.54 -18.40
CA ALA A 69 0.30 -18.02 -17.02
C ALA A 69 1.79 -17.84 -16.70
N LYS A 70 2.64 -18.11 -17.65
CA LYS A 70 4.12 -17.96 -17.41
C LYS A 70 4.45 -16.50 -17.08
N GLY A 71 3.87 -15.57 -17.79
CA GLY A 71 4.14 -14.12 -17.55
C GLY A 71 4.16 -13.82 -16.04
N PRO A 72 3.03 -13.97 -15.40
CA PRO A 72 2.94 -13.73 -13.94
C PRO A 72 3.76 -14.77 -13.18
N CYS A 73 3.75 -16.01 -13.61
CA CYS A 73 4.58 -17.05 -12.90
C CYS A 73 6.05 -16.62 -12.91
N VAL A 74 6.53 -16.17 -14.05
CA VAL A 74 7.95 -15.71 -14.13
C VAL A 74 8.07 -14.36 -13.43
N GLU A 75 7.13 -13.49 -13.64
CA GLU A 75 7.17 -12.15 -12.97
C GLU A 75 7.29 -12.33 -11.45
N ARG A 76 6.50 -13.22 -10.91
CA ARG A 76 6.55 -13.50 -9.43
C ARG A 76 7.87 -14.20 -9.08
N LYS A 77 8.25 -15.20 -9.84
CA LYS A 77 9.53 -15.93 -9.56
C LYS A 77 10.72 -14.96 -9.67
N ALA A 78 10.65 -14.05 -10.60
CA ALA A 78 11.74 -13.04 -10.77
C ALA A 78 11.77 -12.13 -9.55
N LYS A 79 10.62 -11.66 -9.14
CA LYS A 79 10.52 -10.77 -7.94
C LYS A 79 10.98 -11.52 -6.68
N LEU A 80 10.65 -12.80 -6.59
CA LEU A 80 11.02 -13.59 -5.39
C LEU A 80 12.49 -14.04 -5.42
N MET A 81 12.92 -14.63 -6.51
CA MET A 81 14.34 -15.11 -6.57
C MET A 81 15.06 -14.67 -7.86
N THR A 82 14.38 -14.07 -8.81
CA THR A 82 15.05 -13.62 -10.09
C THR A 82 15.90 -14.74 -10.71
N PRO A 83 15.24 -15.60 -11.47
CA PRO A 83 15.96 -16.73 -12.14
C PRO A 83 16.83 -16.27 -13.31
N ASN A 84 17.17 -15.00 -13.40
CA ASN A 84 18.04 -14.53 -14.53
C ASN A 84 19.48 -15.01 -14.33
N GLY A 85 19.65 -16.30 -14.14
CA GLY A 85 21.02 -16.86 -13.93
C GLY A 85 20.93 -18.32 -13.48
N PRO A 86 20.72 -18.52 -12.19
CA PRO A 86 20.62 -19.91 -11.65
C PRO A 86 19.22 -20.49 -11.86
N GLU A 87 18.97 -21.66 -11.33
CA GLU A 87 17.63 -22.35 -11.48
C GLU A 87 17.44 -22.77 -12.94
N VAL A 88 17.55 -21.83 -13.83
CA VAL A 88 17.40 -22.13 -15.29
C VAL A 88 18.77 -22.10 -15.99
N HIS A 89 19.80 -21.63 -15.30
CA HIS A 89 21.17 -21.56 -15.90
C HIS A 89 21.17 -20.60 -17.11
N GLY A 90 20.67 -19.41 -16.93
CA GLY A 90 20.64 -18.42 -18.05
C GLY A 90 20.21 -17.05 -17.51
N GLY A 1 -19.94 26.26 -2.02
CA GLY A 1 -21.22 25.53 -1.72
C GLY A 1 -21.23 24.18 -2.45
N SER A 2 -21.26 23.09 -1.72
CA SER A 2 -21.28 21.75 -2.37
C SER A 2 -22.02 20.75 -1.49
N MET A 3 -22.15 19.53 -1.95
CA MET A 3 -22.86 18.49 -1.15
C MET A 3 -21.85 17.61 -0.39
N SER A 4 -20.60 17.61 -0.79
CA SER A 4 -19.58 16.78 -0.08
C SER A 4 -18.21 17.47 -0.09
N ILE A 5 -17.45 17.30 -1.15
CA ILE A 5 -16.11 17.95 -1.23
C ILE A 5 -16.14 19.18 -2.15
N MET A 6 -14.99 19.78 -2.40
CA MET A 6 -14.90 20.98 -3.29
C MET A 6 -15.59 22.19 -2.66
N ASP A 7 -16.89 22.30 -2.80
CA ASP A 7 -17.63 23.46 -2.22
C ASP A 7 -17.24 24.78 -2.91
N HIS A 8 -15.96 25.09 -2.92
CA HIS A 8 -15.50 26.34 -3.59
C HIS A 8 -14.30 26.02 -4.50
N SER A 9 -14.20 24.77 -4.93
CA SER A 9 -13.06 24.35 -5.82
C SER A 9 -11.72 24.87 -5.28
N PRO A 10 -11.34 24.39 -4.11
CA PRO A 10 -10.07 24.81 -3.49
C PRO A 10 -8.86 24.24 -4.25
N THR A 11 -8.27 25.02 -5.12
CA THR A 11 -7.09 24.54 -5.89
C THR A 11 -5.99 24.09 -4.92
N THR A 12 -5.64 24.93 -3.98
CA THR A 12 -4.60 24.56 -2.97
C THR A 12 -5.02 23.30 -2.24
N GLY A 13 -6.25 23.26 -1.76
CA GLY A 13 -6.76 22.05 -1.05
C GLY A 13 -6.69 20.84 -1.97
N VAL A 14 -7.26 20.95 -3.15
CA VAL A 14 -7.21 19.81 -4.11
C VAL A 14 -5.74 19.41 -4.35
N VAL A 15 -4.86 20.37 -4.42
CA VAL A 15 -3.41 20.06 -4.63
C VAL A 15 -2.85 19.36 -3.39
N THR A 16 -3.10 19.90 -2.24
CA THR A 16 -2.59 19.28 -0.98
C THR A 16 -3.10 17.85 -0.83
N VAL A 17 -4.33 17.61 -1.18
CA VAL A 17 -4.87 16.22 -1.04
C VAL A 17 -4.34 15.31 -2.15
N ILE A 18 -4.18 15.78 -3.37
CA ILE A 18 -3.64 14.87 -4.42
C ILE A 18 -2.16 14.59 -4.17
N VAL A 19 -1.41 15.55 -3.74
CA VAL A 19 0.03 15.27 -3.45
C VAL A 19 0.11 14.36 -2.21
N ILE A 20 -0.71 14.60 -1.21
CA ILE A 20 -0.69 13.69 -0.02
C ILE A 20 -1.16 12.30 -0.45
N LEU A 21 -2.25 12.24 -1.17
CA LEU A 21 -2.76 10.92 -1.66
C LEU A 21 -1.67 10.26 -2.52
N ILE A 22 -1.11 11.00 -3.45
CA ILE A 22 -0.02 10.43 -4.30
C ILE A 22 1.11 9.92 -3.40
N ALA A 23 1.47 10.69 -2.41
CA ALA A 23 2.56 10.27 -1.48
C ALA A 23 2.12 9.01 -0.72
N ILE A 24 0.91 8.98 -0.21
CA ILE A 24 0.43 7.76 0.51
C ILE A 24 0.47 6.57 -0.45
N ALA A 25 -0.04 6.75 -1.65
CA ALA A 25 -0.01 5.64 -2.65
C ALA A 25 1.43 5.26 -2.97
N ALA A 26 2.29 6.23 -3.16
CA ALA A 26 3.72 5.93 -3.45
C ALA A 26 4.33 5.19 -2.25
N LEU A 27 4.06 5.66 -1.06
CA LEU A 27 4.59 4.97 0.16
C LEU A 27 4.01 3.55 0.21
N GLY A 28 2.72 3.41 -0.01
CA GLY A 28 2.09 2.05 0.00
C GLY A 28 2.78 1.19 -1.06
N ALA A 29 2.98 1.72 -2.25
CA ALA A 29 3.66 0.94 -3.32
C ALA A 29 5.10 0.62 -2.90
N LEU A 30 5.78 1.59 -2.34
CA LEU A 30 7.19 1.35 -1.88
C LEU A 30 7.19 0.23 -0.83
N ILE A 31 6.24 0.23 0.07
CA ILE A 31 6.18 -0.84 1.11
C ILE A 31 5.79 -2.18 0.45
N LEU A 32 4.79 -2.16 -0.40
CA LEU A 32 4.37 -3.41 -1.10
C LEU A 32 5.54 -3.97 -1.95
N GLY A 33 6.14 -3.13 -2.75
CA GLY A 33 7.29 -3.59 -3.60
C GLY A 33 8.46 -4.02 -2.71
N CYS A 34 8.73 -3.28 -1.65
CA CYS A 34 9.84 -3.67 -0.73
C CYS A 34 9.62 -5.09 -0.21
N TRP A 35 8.43 -5.40 0.25
CA TRP A 35 8.14 -6.77 0.77
C TRP A 35 6.67 -6.90 1.23
N CYS A 36 5.75 -6.80 0.29
CA CYS A 36 4.29 -6.91 0.62
C CYS A 36 3.91 -5.98 1.78
N TYR A 37 3.86 -6.45 3.01
CA TYR A 37 3.46 -5.55 4.14
C TYR A 37 4.06 -6.02 5.49
N LEU A 38 3.71 -7.19 5.94
CA LEU A 38 4.26 -7.67 7.27
C LEU A 38 5.55 -8.49 7.09
N ARG A 39 5.97 -8.76 5.88
CA ARG A 39 7.24 -9.54 5.64
C ARG A 39 7.25 -10.85 6.45
N LEU A 40 6.40 -11.77 6.08
CA LEU A 40 6.35 -13.09 6.78
C LEU A 40 7.67 -13.84 6.53
N GLN A 41 8.47 -14.03 7.57
CA GLN A 41 9.77 -14.75 7.38
C GLN A 41 9.57 -16.17 6.81
N ARG A 42 8.37 -16.68 6.84
CA ARG A 42 8.12 -18.05 6.29
C ARG A 42 8.07 -17.98 4.77
N ILE A 43 7.09 -17.27 4.25
CA ILE A 43 6.97 -17.13 2.78
C ILE A 43 8.18 -16.38 2.25
N SER A 44 8.63 -15.39 3.00
CA SER A 44 9.83 -14.57 2.60
C SER A 44 9.69 -14.08 1.13
N GLN A 45 10.06 -14.89 0.17
CA GLN A 45 9.94 -14.47 -1.27
C GLN A 45 9.36 -15.60 -2.16
N SER A 46 9.19 -16.80 -1.65
CA SER A 46 8.63 -17.90 -2.49
C SER A 46 7.10 -17.87 -2.48
N GLU A 47 6.49 -17.80 -1.33
CA GLU A 47 5.00 -17.75 -1.26
C GLU A 47 4.53 -16.29 -1.15
N ASP A 48 3.31 -16.02 -1.54
CA ASP A 48 2.80 -14.61 -1.49
C ASP A 48 2.34 -14.25 -0.06
N GLU A 49 2.48 -13.00 0.30
CA GLU A 49 2.04 -12.58 1.67
C GLU A 49 0.52 -12.44 1.73
N GLU A 50 -0.15 -13.41 2.29
CA GLU A 50 -1.63 -13.39 2.38
C GLU A 50 -2.25 -13.49 0.98
N SER A 51 -3.54 -13.41 0.94
CA SER A 51 -4.28 -13.49 -0.36
C SER A 51 -5.75 -13.20 -0.13
N ILE A 52 -6.34 -13.82 0.86
CA ILE A 52 -7.78 -13.58 1.16
C ILE A 52 -8.07 -12.08 1.32
N VAL A 53 -7.16 -11.35 1.90
CA VAL A 53 -7.36 -9.88 2.07
C VAL A 53 -7.53 -9.19 0.70
N GLY A 54 -6.93 -9.74 -0.34
CA GLY A 54 -7.07 -9.16 -1.70
C GLY A 54 -8.13 -9.93 -2.48
N ASP A 55 -8.88 -10.77 -1.82
CA ASP A 55 -9.94 -11.55 -2.51
C ASP A 55 -11.23 -10.73 -2.57
N GLY A 56 -12.36 -11.38 -2.52
CA GLY A 56 -13.65 -10.65 -2.59
C GLY A 56 -14.58 -11.38 -3.55
N GLU A 57 -14.03 -11.97 -4.58
CA GLU A 57 -14.88 -12.70 -5.55
C GLU A 57 -14.29 -14.08 -5.95
N THR A 58 -13.22 -14.54 -5.32
CA THR A 58 -12.66 -15.88 -5.71
C THR A 58 -13.69 -16.98 -5.49
N LYS A 59 -14.09 -17.64 -6.55
CA LYS A 59 -15.11 -18.73 -6.43
C LYS A 59 -14.68 -19.96 -7.24
N GLU A 60 -15.23 -21.11 -6.91
CA GLU A 60 -14.89 -22.37 -7.64
C GLU A 60 -13.36 -22.50 -7.84
N PRO A 61 -12.63 -22.46 -6.75
CA PRO A 61 -11.14 -22.58 -6.81
C PRO A 61 -10.76 -23.96 -7.36
N PHE A 62 -9.70 -24.01 -8.13
CA PHE A 62 -9.26 -25.30 -8.78
C PHE A 62 -10.28 -25.71 -9.85
N LEU A 63 -11.54 -25.78 -9.49
CA LEU A 63 -12.60 -26.15 -10.47
C LEU A 63 -12.67 -25.14 -11.62
N LEU A 64 -12.58 -23.88 -11.33
CA LEU A 64 -12.64 -22.84 -12.42
C LEU A 64 -11.54 -23.10 -13.45
N VAL A 65 -10.30 -23.13 -13.04
CA VAL A 65 -9.18 -23.40 -14.00
C VAL A 65 -9.31 -24.82 -14.56
N GLN A 66 -9.77 -25.75 -13.76
CA GLN A 66 -9.97 -27.15 -14.25
C GLN A 66 -10.97 -27.13 -15.41
N TYR A 67 -12.08 -26.48 -15.21
CA TYR A 67 -13.11 -26.38 -16.28
C TYR A 67 -12.59 -25.50 -17.43
N SER A 68 -11.94 -24.43 -17.10
CA SER A 68 -11.38 -23.52 -18.16
C SER A 68 -10.34 -24.28 -19.00
N ALA A 69 -9.55 -25.13 -18.39
CA ALA A 69 -8.54 -25.90 -19.17
C ALA A 69 -9.19 -27.13 -19.80
N LYS A 70 -10.03 -27.81 -19.06
CA LYS A 70 -10.72 -29.02 -19.62
C LYS A 70 -11.65 -28.64 -20.76
N GLY A 71 -12.30 -27.50 -20.68
CA GLY A 71 -13.22 -27.08 -21.77
C GLY A 71 -12.57 -27.35 -23.13
N PRO A 72 -11.49 -26.67 -23.38
CA PRO A 72 -10.74 -26.88 -24.65
C PRO A 72 -10.07 -28.26 -24.64
N CYS A 73 -9.43 -28.64 -23.55
CA CYS A 73 -8.77 -29.99 -23.51
C CYS A 73 -9.81 -31.09 -23.82
N VAL A 74 -10.98 -30.97 -23.28
CA VAL A 74 -12.05 -31.97 -23.56
C VAL A 74 -12.58 -31.75 -24.98
N GLU A 75 -12.82 -30.53 -25.34
CA GLU A 75 -13.30 -30.24 -26.73
C GLU A 75 -12.34 -30.91 -27.73
N ARG A 76 -11.06 -30.76 -27.49
CA ARG A 76 -10.04 -31.38 -28.38
C ARG A 76 -9.98 -32.90 -28.17
N LYS A 77 -9.88 -33.37 -26.94
CA LYS A 77 -9.82 -34.86 -26.72
C LYS A 77 -11.16 -35.52 -27.11
N ALA A 78 -12.22 -34.77 -27.19
CA ALA A 78 -13.54 -35.34 -27.59
C ALA A 78 -13.64 -35.34 -29.11
N LYS A 79 -13.17 -34.29 -29.73
CA LYS A 79 -13.18 -34.23 -31.22
C LYS A 79 -12.19 -35.27 -31.76
N LEU A 80 -11.07 -35.41 -31.07
CA LEU A 80 -10.05 -36.40 -31.49
C LEU A 80 -10.43 -37.81 -31.00
N MET A 81 -10.98 -37.91 -29.83
CA MET A 81 -11.38 -39.26 -29.28
C MET A 81 -12.55 -39.12 -28.29
N THR A 82 -13.69 -38.67 -28.77
CA THR A 82 -14.91 -38.47 -27.89
C THR A 82 -15.02 -39.57 -26.82
N PRO A 83 -15.03 -39.14 -25.57
CA PRO A 83 -15.14 -40.11 -24.44
C PRO A 83 -16.57 -40.67 -24.30
N ASN A 84 -17.51 -40.21 -25.09
CA ASN A 84 -18.93 -40.70 -24.99
C ASN A 84 -19.63 -40.18 -23.72
N GLY A 85 -18.90 -39.51 -22.85
CA GLY A 85 -19.51 -38.97 -21.60
C GLY A 85 -18.48 -38.10 -20.89
N PRO A 86 -18.20 -36.96 -21.46
CA PRO A 86 -17.21 -36.01 -20.89
C PRO A 86 -17.64 -35.54 -19.49
N GLU A 87 -18.91 -35.65 -19.17
CA GLU A 87 -19.38 -35.24 -17.81
C GLU A 87 -18.62 -36.00 -16.72
N VAL A 88 -18.20 -37.21 -17.00
CA VAL A 88 -17.44 -38.02 -15.99
C VAL A 88 -15.95 -38.15 -16.41
N HIS A 89 -15.58 -37.67 -17.57
CA HIS A 89 -14.16 -37.76 -18.01
C HIS A 89 -13.76 -36.48 -18.77
N GLY A 90 -13.55 -35.41 -18.04
CA GLY A 90 -13.15 -34.13 -18.69
C GLY A 90 -12.42 -33.24 -17.69
N GLY A 1 -21.46 26.43 -4.73
CA GLY A 1 -21.97 25.50 -3.68
C GLY A 1 -23.24 24.81 -4.18
N SER A 2 -24.37 25.20 -3.66
CA SER A 2 -25.66 24.58 -4.12
C SER A 2 -25.78 24.72 -5.63
N MET A 3 -25.97 23.63 -6.32
CA MET A 3 -26.08 23.67 -7.81
C MET A 3 -24.92 24.50 -8.43
N SER A 4 -23.81 24.57 -7.73
CA SER A 4 -22.64 25.35 -8.24
C SER A 4 -21.34 24.72 -7.70
N ILE A 5 -20.84 23.71 -8.37
CA ILE A 5 -19.58 23.04 -7.89
C ILE A 5 -18.42 24.05 -7.81
N MET A 6 -17.27 23.59 -7.40
CA MET A 6 -16.07 24.49 -7.27
C MET A 6 -16.31 25.56 -6.20
N ASP A 7 -17.21 26.50 -6.45
CA ASP A 7 -17.49 27.58 -5.44
C ASP A 7 -16.24 28.45 -5.21
N HIS A 8 -15.16 27.85 -4.80
CA HIS A 8 -13.90 28.63 -4.54
C HIS A 8 -12.72 27.96 -5.27
N SER A 9 -12.94 26.86 -5.96
CA SER A 9 -11.82 26.15 -6.68
C SER A 9 -10.61 26.01 -5.75
N PRO A 10 -10.75 25.17 -4.75
CA PRO A 10 -9.65 24.95 -3.78
C PRO A 10 -8.46 24.21 -4.43
N THR A 11 -7.84 24.84 -5.40
CA THR A 11 -6.67 24.19 -6.07
C THR A 11 -5.60 23.86 -5.03
N THR A 12 -5.37 24.73 -4.07
CA THR A 12 -4.36 24.45 -3.00
C THR A 12 -4.81 23.23 -2.19
N GLY A 13 -6.07 23.16 -1.89
CA GLY A 13 -6.61 21.99 -1.12
C GLY A 13 -6.61 20.76 -2.02
N VAL A 14 -7.18 20.89 -3.21
CA VAL A 14 -7.19 19.73 -4.15
C VAL A 14 -5.75 19.27 -4.41
N VAL A 15 -4.83 20.19 -4.55
CA VAL A 15 -3.41 19.78 -4.78
C VAL A 15 -2.84 19.18 -3.49
N THR A 16 -3.15 19.78 -2.37
CA THR A 16 -2.65 19.23 -1.07
C THR A 16 -3.12 17.78 -0.91
N VAL A 17 -4.38 17.53 -1.12
CA VAL A 17 -4.89 16.13 -0.97
C VAL A 17 -4.32 15.21 -2.06
N ILE A 18 -4.25 15.62 -3.31
CA ILE A 18 -3.67 14.69 -4.33
C ILE A 18 -2.18 14.49 -4.05
N VAL A 19 -1.52 15.46 -3.48
CA VAL A 19 -0.08 15.29 -3.15
C VAL A 19 0.05 14.30 -1.99
N ILE A 20 -0.67 14.52 -0.91
CA ILE A 20 -0.59 13.54 0.22
C ILE A 20 -1.14 12.18 -0.24
N LEU A 21 -2.16 12.20 -1.06
CA LEU A 21 -2.71 10.91 -1.59
C LEU A 21 -1.65 10.24 -2.48
N ILE A 22 -1.06 11.00 -3.39
CA ILE A 22 0.01 10.42 -4.26
C ILE A 22 1.16 9.93 -3.38
N ALA A 23 1.50 10.70 -2.38
CA ALA A 23 2.59 10.29 -1.45
C ALA A 23 2.16 9.01 -0.69
N ILE A 24 0.95 8.99 -0.18
CA ILE A 24 0.47 7.76 0.53
C ILE A 24 0.47 6.58 -0.43
N ALA A 25 -0.02 6.79 -1.64
CA ALA A 25 -0.03 5.69 -2.65
C ALA A 25 1.41 5.30 -2.99
N ALA A 26 2.26 6.27 -3.20
CA ALA A 26 3.70 5.96 -3.50
C ALA A 26 4.31 5.23 -2.31
N LEU A 27 4.00 5.68 -1.12
CA LEU A 27 4.51 5.00 0.10
C LEU A 27 3.98 3.57 0.12
N GLY A 28 2.68 3.41 -0.01
CA GLY A 28 2.07 2.05 -0.04
C GLY A 28 2.74 1.22 -1.13
N ALA A 29 2.95 1.79 -2.29
CA ALA A 29 3.63 1.03 -3.39
C ALA A 29 5.07 0.75 -3.01
N LEU A 30 5.74 1.70 -2.42
CA LEU A 30 7.15 1.49 -1.98
C LEU A 30 7.19 0.37 -0.93
N ILE A 31 6.23 0.36 -0.04
CA ILE A 31 6.16 -0.73 1.00
C ILE A 31 5.78 -2.05 0.33
N LEU A 32 4.74 -2.05 -0.46
CA LEU A 32 4.31 -3.31 -1.17
C LEU A 32 5.48 -3.83 -2.03
N GLY A 33 6.12 -2.96 -2.77
CA GLY A 33 7.27 -3.39 -3.62
C GLY A 33 8.41 -3.91 -2.73
N CYS A 34 8.76 -3.17 -1.69
CA CYS A 34 9.85 -3.64 -0.77
C CYS A 34 9.48 -5.01 -0.18
N TRP A 35 8.26 -5.16 0.29
CA TRP A 35 7.83 -6.47 0.87
C TRP A 35 7.81 -7.54 -0.23
N CYS A 36 7.09 -7.29 -1.30
CA CYS A 36 7.00 -8.27 -2.45
C CYS A 36 6.33 -9.59 -2.02
N TYR A 37 6.86 -10.27 -1.04
CA TYR A 37 6.24 -11.57 -0.61
C TYR A 37 6.51 -11.84 0.88
N LEU A 38 7.75 -11.85 1.30
CA LEU A 38 8.05 -12.14 2.74
C LEU A 38 8.25 -10.84 3.52
N ARG A 39 9.15 -10.01 3.07
CA ARG A 39 9.44 -8.71 3.74
C ARG A 39 10.55 -7.94 3.01
N LEU A 40 11.66 -8.59 2.74
CA LEU A 40 12.78 -7.89 2.04
C LEU A 40 13.19 -8.69 0.79
N GLN A 41 12.34 -8.69 -0.22
CA GLN A 41 12.68 -9.44 -1.48
C GLN A 41 14.00 -8.93 -2.10
N ARG A 42 14.48 -7.78 -1.69
CA ARG A 42 15.76 -7.24 -2.23
C ARG A 42 16.91 -8.18 -1.81
N ILE A 43 17.13 -8.30 -0.54
CA ILE A 43 18.18 -9.23 -0.03
C ILE A 43 17.74 -10.67 -0.23
N SER A 44 16.44 -10.86 -0.17
CA SER A 44 15.81 -12.21 -0.35
C SER A 44 15.97 -13.07 0.91
N GLN A 45 14.97 -13.07 1.74
CA GLN A 45 15.02 -13.89 3.00
C GLN A 45 14.16 -15.16 2.85
N SER A 46 14.55 -16.24 3.46
CA SER A 46 13.74 -17.49 3.35
C SER A 46 12.74 -17.58 4.50
N GLU A 47 13.21 -17.90 5.69
CA GLU A 47 12.30 -18.01 6.89
C GLU A 47 11.28 -19.16 6.70
N ASP A 48 10.37 -19.33 7.63
CA ASP A 48 9.36 -20.43 7.49
C ASP A 48 8.21 -19.97 6.58
N GLU A 49 7.74 -18.75 6.77
CA GLU A 49 6.61 -18.22 5.92
C GLU A 49 5.29 -18.96 6.17
N GLU A 50 4.19 -18.25 6.23
CA GLU A 50 2.87 -18.92 6.47
C GLU A 50 2.27 -19.41 5.15
N SER A 51 2.84 -20.45 4.59
CA SER A 51 2.33 -21.01 3.30
C SER A 51 2.66 -22.50 3.21
N ILE A 52 3.92 -22.82 3.30
CA ILE A 52 4.38 -24.25 3.24
C ILE A 52 3.59 -25.11 4.22
N VAL A 53 3.23 -24.55 5.34
CA VAL A 53 2.44 -25.32 6.37
C VAL A 53 1.16 -25.92 5.74
N GLY A 54 0.61 -25.26 4.74
CA GLY A 54 -0.65 -25.78 4.11
C GLY A 54 -1.87 -25.30 4.89
N ASP A 55 -1.76 -25.20 6.20
CA ASP A 55 -2.91 -24.75 7.03
C ASP A 55 -3.01 -23.21 7.02
N GLY A 56 -4.19 -22.68 7.25
CA GLY A 56 -4.36 -21.20 7.26
C GLY A 56 -5.79 -20.88 7.70
N GLU A 57 -6.76 -21.37 6.98
CA GLU A 57 -8.18 -21.10 7.35
C GLU A 57 -8.94 -22.40 7.68
N THR A 58 -8.28 -23.54 7.65
CA THR A 58 -8.97 -24.84 7.97
C THR A 58 -9.72 -24.73 9.31
N LYS A 59 -10.90 -25.30 9.39
CA LYS A 59 -11.67 -25.24 10.68
C LYS A 59 -10.90 -25.97 11.78
N GLU A 60 -10.78 -25.38 12.96
CA GLU A 60 -10.02 -26.03 14.08
C GLU A 60 -8.67 -26.59 13.58
N PRO A 61 -7.83 -25.70 13.10
CA PRO A 61 -6.50 -26.12 12.57
C PRO A 61 -5.58 -26.57 13.72
N PHE A 62 -5.68 -25.96 14.87
CA PHE A 62 -4.81 -26.33 16.05
C PHE A 62 -3.33 -26.10 15.73
N LEU A 63 -2.78 -26.83 14.81
CA LEU A 63 -1.34 -26.64 14.45
C LEU A 63 -1.10 -25.21 13.94
N LEU A 64 -2.07 -24.62 13.29
CA LEU A 64 -1.91 -23.22 12.81
C LEU A 64 -1.81 -22.28 14.02
N VAL A 65 -2.71 -22.40 14.97
CA VAL A 65 -2.61 -21.52 16.19
C VAL A 65 -1.36 -21.92 16.97
N GLN A 66 -1.02 -23.18 16.93
CA GLN A 66 0.21 -23.64 17.65
C GLN A 66 1.42 -22.93 17.06
N TYR A 67 1.63 -23.08 15.77
CA TYR A 67 2.78 -22.37 15.11
C TYR A 67 2.54 -20.86 15.22
N SER A 68 1.31 -20.44 15.02
CA SER A 68 0.98 -18.98 15.14
C SER A 68 1.45 -18.49 16.50
N ALA A 69 1.23 -19.27 17.54
CA ALA A 69 1.71 -18.85 18.89
C ALA A 69 3.24 -18.97 18.94
N LYS A 70 3.79 -20.01 18.34
CA LYS A 70 5.28 -20.19 18.32
C LYS A 70 5.95 -18.98 17.69
N GLY A 71 5.52 -18.61 16.51
CA GLY A 71 6.13 -17.43 15.78
C GLY A 71 6.54 -16.33 16.77
N PRO A 72 5.56 -15.70 17.38
CA PRO A 72 5.84 -14.63 18.37
C PRO A 72 6.53 -15.22 19.60
N CYS A 73 6.15 -16.40 20.04
CA CYS A 73 6.85 -17.01 21.22
C CYS A 73 8.33 -17.23 20.89
N VAL A 74 8.61 -17.67 19.69
CA VAL A 74 10.02 -17.90 19.26
C VAL A 74 10.68 -16.56 18.96
N GLU A 75 10.02 -15.72 18.20
CA GLU A 75 10.60 -14.36 17.91
C GLU A 75 10.85 -13.64 19.23
N ARG A 76 9.94 -13.76 20.15
CA ARG A 76 10.11 -13.13 21.50
C ARG A 76 11.28 -13.77 22.24
N LYS A 77 11.36 -15.09 22.25
CA LYS A 77 12.50 -15.77 22.94
C LYS A 77 13.81 -15.41 22.23
N ALA A 78 13.79 -15.35 20.93
CA ALA A 78 15.02 -15.00 20.15
C ALA A 78 15.38 -13.53 20.36
N LYS A 79 14.41 -12.65 20.26
CA LYS A 79 14.70 -11.20 20.47
C LYS A 79 15.03 -10.95 21.96
N LEU A 80 14.34 -11.61 22.86
CA LEU A 80 14.62 -11.44 24.31
C LEU A 80 16.02 -11.96 24.63
N MET A 81 16.40 -13.06 24.02
CA MET A 81 17.77 -13.61 24.24
C MET A 81 18.81 -12.79 23.44
N THR A 82 18.45 -12.38 22.24
CA THR A 82 19.39 -11.58 21.38
C THR A 82 20.72 -12.33 21.16
N PRO A 83 20.78 -13.09 20.09
CA PRO A 83 22.01 -13.87 19.76
C PRO A 83 23.13 -12.97 19.20
N ASN A 84 23.03 -11.67 19.35
CA ASN A 84 24.11 -10.77 18.83
C ASN A 84 25.35 -10.88 19.75
N GLY A 85 25.77 -12.10 20.03
CA GLY A 85 26.97 -12.31 20.92
C GLY A 85 26.76 -11.61 22.27
N PRO A 86 25.69 -11.96 22.96
CA PRO A 86 25.42 -11.34 24.29
C PRO A 86 26.52 -11.71 25.30
N GLU A 87 27.21 -12.80 25.10
CA GLU A 87 28.32 -13.16 26.02
C GLU A 87 29.44 -12.11 25.87
N VAL A 88 29.53 -11.52 24.70
CA VAL A 88 30.55 -10.46 24.43
C VAL A 88 29.90 -9.06 24.53
N HIS A 89 28.64 -8.95 24.14
CA HIS A 89 27.94 -7.64 24.21
C HIS A 89 27.41 -7.35 25.63
N GLY A 90 26.67 -8.28 26.19
CA GLY A 90 26.12 -8.06 27.57
C GLY A 90 24.63 -7.75 27.47
N GLY A 1 -0.76 30.20 -2.93
CA GLY A 1 0.35 30.48 -1.96
C GLY A 1 0.61 29.24 -1.07
N SER A 2 0.11 29.24 0.14
CA SER A 2 0.35 28.07 1.07
C SER A 2 -0.31 26.79 0.53
N MET A 3 0.46 25.76 0.30
CA MET A 3 -0.12 24.47 -0.19
C MET A 3 -0.70 23.70 1.00
N SER A 4 -1.72 24.24 1.61
CA SER A 4 -2.33 23.59 2.80
C SER A 4 -3.82 23.94 2.90
N ILE A 5 -4.12 25.18 3.17
CA ILE A 5 -5.54 25.61 3.27
C ILE A 5 -6.00 26.29 1.95
N MET A 6 -7.15 26.91 1.96
CA MET A 6 -7.65 27.57 0.71
C MET A 6 -7.11 29.02 0.58
N ASP A 7 -5.80 29.17 0.53
CA ASP A 7 -5.20 30.54 0.37
C ASP A 7 -5.42 31.05 -1.07
N HIS A 8 -5.54 30.14 -2.02
CA HIS A 8 -5.75 30.53 -3.44
C HIS A 8 -6.84 29.64 -4.07
N SER A 9 -8.09 29.81 -3.67
CA SER A 9 -9.23 28.97 -4.22
C SER A 9 -9.15 27.53 -3.65
N PRO A 10 -10.13 26.69 -4.00
CA PRO A 10 -10.12 25.29 -3.51
C PRO A 10 -9.00 24.46 -4.18
N THR A 11 -8.36 25.02 -5.19
CA THR A 11 -7.25 24.29 -5.89
C THR A 11 -6.12 23.93 -4.92
N THR A 12 -5.73 24.85 -4.05
CA THR A 12 -4.62 24.55 -3.08
C THR A 12 -4.98 23.33 -2.22
N GLY A 13 -6.23 23.18 -1.87
CA GLY A 13 -6.67 21.99 -1.07
C GLY A 13 -6.62 20.75 -1.97
N VAL A 14 -7.25 20.82 -3.12
CA VAL A 14 -7.24 19.66 -4.07
C VAL A 14 -5.79 19.26 -4.37
N VAL A 15 -4.90 20.21 -4.52
CA VAL A 15 -3.47 19.88 -4.78
C VAL A 15 -2.85 19.28 -3.53
N THR A 16 -3.13 19.87 -2.39
CA THR A 16 -2.57 19.35 -1.09
C THR A 16 -3.03 17.90 -0.88
N VAL A 17 -4.30 17.65 -0.99
CA VAL A 17 -4.80 16.25 -0.81
C VAL A 17 -4.29 15.34 -1.93
N ILE A 18 -4.15 15.85 -3.14
CA ILE A 18 -3.62 14.99 -4.25
C ILE A 18 -2.15 14.67 -3.99
N VAL A 19 -1.39 15.63 -3.53
CA VAL A 19 0.05 15.34 -3.22
C VAL A 19 0.10 14.34 -2.06
N ILE A 20 -0.70 14.56 -1.04
CA ILE A 20 -0.74 13.62 0.11
C ILE A 20 -1.20 12.24 -0.38
N LEU A 21 -2.25 12.20 -1.16
CA LEU A 21 -2.73 10.91 -1.72
C LEU A 21 -1.63 10.29 -2.58
N ILE A 22 -1.04 11.06 -3.47
CA ILE A 22 0.08 10.51 -4.31
C ILE A 22 1.18 9.98 -3.39
N ALA A 23 1.52 10.73 -2.37
CA ALA A 23 2.59 10.27 -1.42
C ALA A 23 2.14 9.00 -0.70
N ILE A 24 0.93 8.96 -0.21
CA ILE A 24 0.43 7.73 0.48
C ILE A 24 0.49 6.55 -0.51
N ALA A 25 -0.01 6.75 -1.71
CA ALA A 25 0.02 5.66 -2.73
C ALA A 25 1.47 5.28 -3.03
N ALA A 26 2.32 6.26 -3.23
CA ALA A 26 3.75 5.95 -3.52
C ALA A 26 4.35 5.17 -2.33
N LEU A 27 4.16 5.66 -1.13
CA LEU A 27 4.67 4.94 0.07
C LEU A 27 4.05 3.54 0.10
N GLY A 28 2.76 3.42 -0.11
CA GLY A 28 2.10 2.08 -0.12
C GLY A 28 2.77 1.21 -1.18
N ALA A 29 2.98 1.73 -2.36
CA ALA A 29 3.65 0.94 -3.43
C ALA A 29 5.08 0.61 -3.02
N LEU A 30 5.77 1.56 -2.46
CA LEU A 30 7.18 1.30 -1.99
C LEU A 30 7.16 0.20 -0.93
N ILE A 31 6.20 0.24 -0.03
CA ILE A 31 6.11 -0.82 1.02
C ILE A 31 5.74 -2.16 0.36
N LEU A 32 4.70 -2.17 -0.43
CA LEU A 32 4.30 -3.43 -1.13
C LEU A 32 5.47 -3.98 -1.95
N GLY A 33 6.15 -3.13 -2.68
CA GLY A 33 7.31 -3.57 -3.51
C GLY A 33 8.42 -4.08 -2.59
N CYS A 34 8.84 -3.30 -1.62
CA CYS A 34 9.93 -3.77 -0.69
C CYS A 34 9.51 -5.09 -0.03
N TRP A 35 8.26 -5.21 0.34
CA TRP A 35 7.78 -6.47 0.99
C TRP A 35 7.69 -7.61 -0.04
N CYS A 36 6.81 -7.49 -1.01
CA CYS A 36 6.65 -8.55 -2.06
C CYS A 36 6.46 -9.97 -1.47
N TYR A 37 7.53 -10.57 -0.99
CA TYR A 37 7.41 -11.93 -0.38
C TYR A 37 7.35 -11.86 1.15
N LEU A 38 7.87 -10.79 1.74
CA LEU A 38 7.82 -10.67 3.24
C LEU A 38 6.44 -10.17 3.70
N ARG A 39 5.93 -9.16 3.05
CA ARG A 39 4.58 -8.57 3.38
C ARG A 39 4.17 -8.79 4.86
N LEU A 40 4.92 -8.23 5.76
CA LEU A 40 4.60 -8.35 7.23
C LEU A 40 4.56 -9.81 7.72
N GLN A 41 5.06 -10.76 6.96
CA GLN A 41 5.05 -12.19 7.43
C GLN A 41 6.21 -12.47 8.42
N ARG A 42 6.99 -11.46 8.76
CA ARG A 42 8.12 -11.68 9.71
C ARG A 42 8.16 -10.56 10.76
N ILE A 43 8.80 -9.45 10.48
CA ILE A 43 8.86 -8.32 11.46
C ILE A 43 7.44 -7.91 11.88
N SER A 44 6.52 -8.01 10.95
CA SER A 44 5.09 -7.65 11.22
C SER A 44 4.95 -6.17 11.61
N GLN A 45 4.71 -5.86 12.86
CA GLN A 45 4.57 -4.41 13.27
C GLN A 45 5.85 -3.91 13.95
N SER A 46 6.97 -4.58 13.75
CA SER A 46 8.24 -4.15 14.39
C SER A 46 8.94 -3.05 13.58
N GLU A 47 8.22 -2.01 13.21
CA GLU A 47 8.82 -0.88 12.41
C GLU A 47 9.52 -1.40 11.13
N ASP A 48 10.39 -0.60 10.57
CA ASP A 48 11.13 -0.99 9.31
C ASP A 48 10.15 -1.29 8.16
N GLU A 49 8.96 -0.73 8.20
CA GLU A 49 7.98 -0.94 7.10
C GLU A 49 8.38 -0.08 5.89
N GLU A 50 8.84 1.12 6.16
CA GLU A 50 9.30 2.05 5.10
C GLU A 50 10.55 2.76 5.59
N SER A 51 11.40 3.19 4.70
CA SER A 51 12.66 3.88 5.12
C SER A 51 13.33 4.58 3.93
N ILE A 52 12.56 4.90 2.92
CA ILE A 52 13.09 5.57 1.71
C ILE A 52 12.40 6.92 1.56
N VAL A 53 11.10 6.94 1.77
CA VAL A 53 10.33 8.20 1.67
C VAL A 53 9.98 8.74 3.06
N GLY A 54 9.01 8.15 3.72
CA GLY A 54 8.61 8.61 5.09
C GLY A 54 7.87 9.95 5.00
N ASP A 55 8.52 10.96 4.51
CA ASP A 55 7.87 12.29 4.39
C ASP A 55 8.09 12.88 2.98
N GLY A 56 7.63 14.08 2.77
CA GLY A 56 7.80 14.74 1.44
C GLY A 56 7.61 16.23 1.64
N GLU A 57 6.57 16.60 2.35
CA GLU A 57 6.32 18.04 2.64
C GLU A 57 7.02 18.44 3.96
N THR A 58 7.58 17.49 4.68
CA THR A 58 8.28 17.78 5.98
C THR A 58 7.24 18.16 7.06
N LYS A 59 6.63 17.17 7.68
CA LYS A 59 5.59 17.44 8.72
C LYS A 59 6.00 16.86 10.09
N GLU A 60 5.42 17.39 11.16
CA GLU A 60 5.75 16.88 12.54
C GLU A 60 5.34 15.40 12.71
N PRO A 61 4.11 15.07 12.37
CA PRO A 61 3.63 13.67 12.52
C PRO A 61 4.35 12.74 11.53
N PHE A 62 4.29 11.45 11.78
CA PHE A 62 4.96 10.44 10.89
C PHE A 62 6.49 10.54 11.01
N LEU A 63 7.06 11.66 10.70
CA LEU A 63 8.55 11.81 10.82
C LEU A 63 9.00 11.64 12.27
N LEU A 64 8.30 12.25 13.19
CA LEU A 64 8.68 12.13 14.63
C LEU A 64 8.76 10.65 15.05
N VAL A 65 7.70 9.90 14.87
CA VAL A 65 7.74 8.46 15.27
C VAL A 65 8.72 7.68 14.37
N GLN A 66 8.83 8.04 13.11
CA GLN A 66 9.79 7.33 12.21
C GLN A 66 11.20 7.50 12.75
N TYR A 67 11.59 8.72 13.03
CA TYR A 67 12.95 8.98 13.57
C TYR A 67 13.06 8.40 14.99
N SER A 68 12.01 8.54 15.76
CA SER A 68 12.02 8.00 17.17
C SER A 68 12.23 6.47 17.16
N ALA A 69 11.73 5.79 16.15
CA ALA A 69 11.91 4.31 16.09
C ALA A 69 13.15 3.94 15.27
N LYS A 70 13.27 4.48 14.08
CA LYS A 70 14.46 4.17 13.21
C LYS A 70 15.76 4.51 13.94
N GLY A 71 15.81 5.63 14.58
CA GLY A 71 17.05 6.05 15.32
C GLY A 71 17.60 4.89 16.16
N PRO A 72 16.82 4.49 17.14
CA PRO A 72 17.25 3.36 18.01
C PRO A 72 17.28 2.05 17.20
N CYS A 73 16.33 1.82 16.33
CA CYS A 73 16.35 0.57 15.51
C CYS A 73 17.65 0.51 14.69
N VAL A 74 18.01 1.60 14.06
CA VAL A 74 19.27 1.64 13.26
C VAL A 74 20.47 1.58 14.21
N GLU A 75 20.44 2.38 15.25
CA GLU A 75 21.56 2.37 16.25
C GLU A 75 21.76 0.96 16.80
N ARG A 76 20.69 0.26 17.05
CA ARG A 76 20.76 -1.12 17.57
C ARG A 76 21.28 -2.08 16.49
N LYS A 77 20.74 -2.02 15.30
CA LYS A 77 21.23 -2.93 14.21
C LYS A 77 22.67 -2.57 13.82
N ALA A 78 23.03 -1.32 13.93
CA ALA A 78 24.42 -0.90 13.59
C ALA A 78 25.38 -1.42 14.65
N LYS A 79 25.05 -1.23 15.90
CA LYS A 79 25.94 -1.73 17.00
C LYS A 79 25.86 -3.27 17.06
N LEU A 80 24.71 -3.84 16.79
CA LEU A 80 24.59 -5.34 16.82
C LEU A 80 25.48 -5.96 15.73
N MET A 81 25.44 -5.42 14.54
CA MET A 81 26.30 -5.97 13.43
C MET A 81 27.76 -5.54 13.63
N THR A 82 28.00 -4.31 14.03
CA THR A 82 29.41 -3.85 14.24
C THR A 82 29.59 -3.32 15.67
N PRO A 83 29.50 -4.21 16.64
CA PRO A 83 29.67 -3.82 18.07
C PRO A 83 31.15 -3.62 18.45
N ASN A 84 32.07 -3.99 17.58
CA ASN A 84 33.54 -3.87 17.90
C ASN A 84 33.93 -4.87 18.99
N GLY A 85 33.22 -4.88 20.09
CA GLY A 85 33.52 -5.84 21.20
C GLY A 85 32.23 -6.61 21.55
N PRO A 86 32.36 -7.92 21.65
CA PRO A 86 31.18 -8.76 22.00
C PRO A 86 30.68 -8.47 23.42
N GLU A 87 31.49 -7.83 24.24
CA GLU A 87 31.07 -7.49 25.65
C GLU A 87 29.70 -6.81 25.65
N VAL A 88 29.49 -5.91 24.73
CA VAL A 88 28.18 -5.19 24.64
C VAL A 88 27.21 -5.92 23.72
N HIS A 89 27.72 -6.74 22.80
CA HIS A 89 26.84 -7.51 21.85
C HIS A 89 26.14 -6.55 20.88
N GLY A 90 25.40 -5.60 21.38
CA GLY A 90 24.69 -4.62 20.48
C GLY A 90 23.18 -4.83 20.53
N GLY A 1 -16.12 29.38 -3.60
CA GLY A 1 -14.91 30.26 -3.86
C GLY A 1 -15.07 30.97 -5.20
N SER A 2 -14.53 32.15 -5.34
CA SER A 2 -14.66 32.89 -6.63
C SER A 2 -13.69 32.33 -7.67
N MET A 3 -12.46 32.14 -7.31
CA MET A 3 -11.46 31.59 -8.26
C MET A 3 -10.62 30.50 -7.59
N SER A 4 -9.65 29.96 -8.30
CA SER A 4 -8.78 28.88 -7.73
C SER A 4 -9.64 27.74 -7.15
N ILE A 5 -10.69 27.39 -7.85
CA ILE A 5 -11.57 26.28 -7.36
C ILE A 5 -11.19 24.97 -8.07
N MET A 6 -12.07 24.40 -8.87
CA MET A 6 -11.76 23.12 -9.59
C MET A 6 -11.72 21.94 -8.61
N ASP A 7 -11.76 20.73 -9.12
CA ASP A 7 -11.74 19.51 -8.26
C ASP A 7 -12.68 19.67 -7.05
N HIS A 8 -13.78 20.37 -7.23
CA HIS A 8 -14.77 20.57 -6.13
C HIS A 8 -14.08 21.02 -4.82
N SER A 9 -13.17 21.95 -4.92
CA SER A 9 -12.44 22.45 -3.73
C SER A 9 -11.44 23.54 -4.17
N PRO A 10 -10.69 24.06 -3.24
CA PRO A 10 -9.69 25.10 -3.61
C PRO A 10 -8.50 24.43 -4.31
N THR A 11 -7.91 25.11 -5.26
CA THR A 11 -6.73 24.53 -5.98
C THR A 11 -5.72 24.01 -4.97
N THR A 12 -5.42 24.79 -3.97
CA THR A 12 -4.46 24.34 -2.92
C THR A 12 -5.02 23.15 -2.15
N GLY A 13 -6.31 23.11 -1.95
CA GLY A 13 -6.93 21.97 -1.22
C GLY A 13 -6.84 20.70 -2.06
N VAL A 14 -7.34 20.73 -3.26
CA VAL A 14 -7.26 19.51 -4.12
C VAL A 14 -5.79 19.17 -4.43
N VAL A 15 -4.93 20.16 -4.54
CA VAL A 15 -3.48 19.86 -4.82
C VAL A 15 -2.83 19.25 -3.57
N THR A 16 -3.02 19.85 -2.43
CA THR A 16 -2.42 19.30 -1.19
C THR A 16 -2.93 17.88 -0.94
N VAL A 17 -4.21 17.68 -1.00
CA VAL A 17 -4.75 16.30 -0.79
C VAL A 17 -4.25 15.36 -1.90
N ILE A 18 -4.14 15.84 -3.14
CA ILE A 18 -3.61 14.95 -4.22
C ILE A 18 -2.13 14.66 -3.96
N VAL A 19 -1.40 15.62 -3.49
CA VAL A 19 0.04 15.37 -3.18
C VAL A 19 0.11 14.38 -2.01
N ILE A 20 -0.72 14.56 -1.00
CA ILE A 20 -0.73 13.61 0.15
C ILE A 20 -1.16 12.23 -0.36
N LEU A 21 -2.22 12.20 -1.13
CA LEU A 21 -2.69 10.90 -1.71
C LEU A 21 -1.56 10.30 -2.56
N ILE A 22 -0.98 11.09 -3.45
CA ILE A 22 0.15 10.56 -4.29
C ILE A 22 1.25 10.02 -3.38
N ALA A 23 1.57 10.74 -2.33
CA ALA A 23 2.63 10.26 -1.39
C ALA A 23 2.17 8.98 -0.67
N ILE A 24 0.95 8.96 -0.18
CA ILE A 24 0.44 7.73 0.51
C ILE A 24 0.45 6.55 -0.49
N ALA A 25 -0.03 6.77 -1.69
CA ALA A 25 -0.01 5.68 -2.70
C ALA A 25 1.43 5.29 -3.02
N ALA A 26 2.29 6.26 -3.18
CA ALA A 26 3.73 5.94 -3.46
C ALA A 26 4.32 5.19 -2.26
N LEU A 27 4.03 5.64 -1.07
CA LEU A 27 4.54 4.92 0.14
C LEU A 27 3.96 3.51 0.15
N GLY A 28 2.67 3.38 -0.08
CA GLY A 28 2.06 2.02 -0.12
C GLY A 28 2.75 1.20 -1.20
N ALA A 29 2.91 1.76 -2.37
CA ALA A 29 3.61 1.01 -3.46
C ALA A 29 5.04 0.67 -3.04
N LEU A 30 5.75 1.60 -2.47
CA LEU A 30 7.15 1.31 -2.02
C LEU A 30 7.13 0.25 -0.92
N ILE A 31 6.15 0.26 -0.06
CA ILE A 31 6.07 -0.79 1.02
C ILE A 31 5.68 -2.12 0.38
N LEU A 32 4.68 -2.11 -0.45
CA LEU A 32 4.23 -3.36 -1.14
C LEU A 32 5.40 -3.95 -1.94
N GLY A 33 6.05 -3.14 -2.74
CA GLY A 33 7.21 -3.64 -3.55
C GLY A 33 8.39 -4.00 -2.62
N CYS A 34 8.70 -3.17 -1.67
CA CYS A 34 9.83 -3.47 -0.73
C CYS A 34 9.62 -4.84 -0.06
N TRP A 35 8.40 -5.15 0.32
CA TRP A 35 8.14 -6.46 0.96
C TRP A 35 8.21 -7.58 -0.09
N CYS A 36 7.44 -7.47 -1.15
CA CYS A 36 7.44 -8.51 -2.25
C CYS A 36 6.24 -8.27 -3.19
N TYR A 37 5.11 -7.92 -2.64
CA TYR A 37 3.88 -7.65 -3.46
C TYR A 37 2.89 -6.83 -2.60
N LEU A 38 2.43 -7.38 -1.50
CA LEU A 38 1.50 -6.62 -0.60
C LEU A 38 2.19 -6.40 0.75
N ARG A 39 2.46 -7.48 1.45
CA ARG A 39 3.16 -7.40 2.76
C ARG A 39 3.85 -8.75 3.03
N LEU A 40 3.10 -9.83 3.00
CA LEU A 40 3.66 -11.19 3.23
C LEU A 40 4.56 -11.23 4.49
N GLN A 41 5.57 -12.06 4.50
CA GLN A 41 6.47 -12.17 5.69
C GLN A 41 5.64 -12.36 6.98
N ARG A 42 4.47 -12.92 6.84
CA ARG A 42 3.59 -13.16 8.03
C ARG A 42 4.16 -14.31 8.86
N ILE A 43 4.43 -15.40 8.21
CA ILE A 43 5.00 -16.59 8.88
C ILE A 43 6.54 -16.45 8.92
N SER A 44 7.09 -15.62 8.05
CA SER A 44 8.58 -15.42 7.99
C SER A 44 9.29 -16.77 8.00
N GLN A 45 9.02 -17.57 7.00
CA GLN A 45 9.66 -18.92 6.89
C GLN A 45 9.49 -19.72 8.20
N SER A 46 10.54 -19.92 8.97
CA SER A 46 10.40 -20.72 10.24
C SER A 46 9.74 -22.07 9.93
N GLU A 47 9.97 -22.58 8.73
CA GLU A 47 9.35 -23.89 8.32
C GLU A 47 9.74 -25.03 9.27
N ASP A 48 8.85 -26.00 9.40
CA ASP A 48 9.10 -27.17 10.32
C ASP A 48 9.13 -26.73 11.78
N GLU A 49 10.08 -25.91 12.16
CA GLU A 49 10.20 -25.43 13.57
C GLU A 49 10.53 -26.60 14.50
N GLU A 50 9.62 -27.53 14.64
CA GLU A 50 9.88 -28.71 15.51
C GLU A 50 9.15 -29.95 14.96
N SER A 51 9.61 -30.48 13.86
CA SER A 51 8.96 -31.69 13.26
C SER A 51 10.02 -32.76 12.98
N ILE A 52 10.85 -32.56 11.99
CA ILE A 52 11.92 -33.55 11.68
C ILE A 52 12.88 -33.68 12.86
N VAL A 53 13.17 -32.58 13.52
CA VAL A 53 14.09 -32.61 14.70
C VAL A 53 13.38 -33.23 15.92
N GLY A 54 12.09 -33.07 16.04
CA GLY A 54 11.34 -33.66 17.20
C GLY A 54 10.77 -35.01 16.78
N ASP A 55 11.61 -35.96 16.47
CA ASP A 55 11.14 -37.31 16.02
C ASP A 55 10.09 -37.89 16.98
N GLY A 56 9.04 -38.45 16.42
CA GLY A 56 7.94 -39.04 17.25
C GLY A 56 6.58 -38.75 16.59
N GLU A 57 6.41 -39.19 15.35
CA GLU A 57 5.12 -38.93 14.62
C GLU A 57 4.85 -37.42 14.52
N THR A 58 5.89 -36.63 14.46
CA THR A 58 5.75 -35.15 14.36
C THR A 58 5.43 -34.72 12.93
N LYS A 59 4.31 -35.17 12.41
CA LYS A 59 3.94 -34.81 11.01
C LYS A 59 3.72 -33.29 10.88
N GLU A 60 3.99 -32.75 9.70
CA GLU A 60 3.81 -31.28 9.46
C GLU A 60 4.72 -30.44 10.37
N PRO A 61 4.76 -29.16 10.10
CA PRO A 61 5.59 -28.24 10.92
C PRO A 61 4.93 -28.02 12.27
N PHE A 62 5.71 -27.86 13.31
CA PHE A 62 5.13 -27.62 14.65
C PHE A 62 4.43 -26.24 14.69
N LEU A 63 4.74 -25.38 13.75
CA LEU A 63 4.12 -24.01 13.70
C LEU A 63 2.60 -24.06 13.93
N LEU A 64 1.94 -25.03 13.40
CA LEU A 64 0.46 -25.12 13.61
C LEU A 64 0.14 -25.12 15.11
N VAL A 65 0.79 -25.97 15.87
CA VAL A 65 0.55 -26.01 17.35
C VAL A 65 1.34 -24.89 18.03
N GLN A 66 2.54 -24.65 17.58
CA GLN A 66 3.37 -23.56 18.17
C GLN A 66 2.59 -22.26 18.09
N TYR A 67 2.11 -21.93 16.93
CA TYR A 67 1.30 -20.68 16.79
C TYR A 67 -0.02 -20.82 17.53
N SER A 68 -0.71 -21.91 17.33
CA SER A 68 -2.02 -22.12 18.04
C SER A 68 -1.82 -21.99 19.56
N ALA A 69 -0.68 -22.41 20.07
CA ALA A 69 -0.44 -22.29 21.54
C ALA A 69 0.19 -20.92 21.89
N LYS A 70 1.19 -20.52 21.15
CA LYS A 70 1.85 -19.20 21.43
C LYS A 70 0.87 -18.04 21.21
N GLY A 71 0.06 -18.11 20.18
CA GLY A 71 -0.92 -17.01 19.90
C GLY A 71 -1.67 -16.63 21.19
N PRO A 72 -2.43 -17.56 21.71
CA PRO A 72 -3.18 -17.32 22.96
C PRO A 72 -2.21 -17.15 24.15
N CYS A 73 -1.13 -17.90 24.19
CA CYS A 73 -0.17 -17.72 25.31
C CYS A 73 0.43 -16.31 25.25
N VAL A 74 0.76 -15.85 24.08
CA VAL A 74 1.31 -14.47 23.94
C VAL A 74 0.21 -13.46 24.20
N GLU A 75 -0.97 -13.69 23.65
CA GLU A 75 -2.10 -12.75 23.91
C GLU A 75 -2.39 -12.70 25.41
N ARG A 76 -2.35 -13.84 26.05
CA ARG A 76 -2.58 -13.88 27.53
C ARG A 76 -1.47 -13.12 28.24
N LYS A 77 -0.23 -13.45 27.97
CA LYS A 77 0.92 -12.73 28.61
C LYS A 77 0.85 -11.24 28.29
N ALA A 78 0.66 -10.91 27.04
CA ALA A 78 0.57 -9.48 26.62
C ALA A 78 -0.60 -8.78 27.31
N LYS A 79 -1.73 -9.42 27.37
CA LYS A 79 -2.91 -8.80 28.06
C LYS A 79 -2.64 -8.72 29.56
N LEU A 80 -2.10 -9.77 30.12
CA LEU A 80 -1.78 -9.78 31.58
C LEU A 80 -0.69 -8.74 31.88
N MET A 81 0.22 -8.57 30.97
CA MET A 81 1.32 -7.57 31.17
C MET A 81 0.86 -6.15 30.74
N THR A 82 -0.13 -6.05 29.89
CA THR A 82 -0.63 -4.71 29.42
C THR A 82 -0.82 -3.72 30.59
N PRO A 83 -1.53 -4.15 31.62
CA PRO A 83 -1.75 -3.27 32.80
C PRO A 83 -0.43 -3.04 33.56
N ASN A 84 0.61 -3.75 33.19
CA ASN A 84 1.95 -3.58 33.86
C ASN A 84 1.82 -3.79 35.38
N GLY A 85 0.82 -4.51 35.82
CA GLY A 85 0.67 -4.76 37.29
C GLY A 85 0.92 -6.23 37.61
N PRO A 86 2.18 -6.61 37.60
CA PRO A 86 2.55 -8.03 37.90
C PRO A 86 2.25 -8.38 39.36
N GLU A 87 2.03 -7.39 40.20
CA GLU A 87 1.73 -7.66 41.65
C GLU A 87 0.53 -8.63 41.76
N VAL A 88 -0.39 -8.53 40.85
CA VAL A 88 -1.58 -9.45 40.86
C VAL A 88 -1.29 -10.67 39.97
N HIS A 89 -0.58 -10.48 38.87
CA HIS A 89 -0.26 -11.62 37.96
C HIS A 89 0.92 -11.26 37.03
N GLY A 90 1.96 -12.05 37.03
CA GLY A 90 3.14 -11.77 36.15
C GLY A 90 3.04 -12.56 34.86
N GLY A 1 -2.40 27.34 -0.05
CA GLY A 1 -1.24 26.53 0.42
C GLY A 1 -1.73 25.14 0.87
N SER A 2 -1.08 24.54 1.84
CA SER A 2 -1.53 23.20 2.33
C SER A 2 -2.75 23.36 3.24
N MET A 3 -2.53 23.64 4.50
CA MET A 3 -3.67 23.83 5.45
C MET A 3 -4.37 25.18 5.15
N SER A 4 -4.87 25.34 3.95
CA SER A 4 -5.57 26.61 3.58
C SER A 4 -6.68 26.32 2.56
N ILE A 5 -7.85 25.99 3.02
CA ILE A 5 -9.00 25.67 2.12
C ILE A 5 -9.03 26.60 0.88
N MET A 6 -9.04 27.88 1.11
CA MET A 6 -9.06 28.84 -0.04
C MET A 6 -7.65 29.39 -0.32
N ASP A 7 -7.21 30.36 0.45
CA ASP A 7 -5.82 30.93 0.24
C ASP A 7 -5.70 31.60 -1.14
N HIS A 8 -6.04 30.90 -2.20
CA HIS A 8 -5.92 31.51 -3.56
C HIS A 8 -7.13 31.13 -4.43
N SER A 9 -7.54 29.89 -4.37
CA SER A 9 -8.70 29.43 -5.19
C SER A 9 -9.04 27.97 -4.85
N PRO A 10 -10.15 27.50 -5.41
CA PRO A 10 -10.59 26.10 -5.18
C PRO A 10 -9.64 25.11 -5.86
N THR A 11 -8.42 25.07 -5.42
CA THR A 11 -7.40 24.14 -6.02
C THR A 11 -6.28 23.83 -5.01
N THR A 12 -5.84 24.80 -4.25
CA THR A 12 -4.74 24.53 -3.25
C THR A 12 -5.10 23.35 -2.34
N GLY A 13 -6.38 23.19 -2.04
CA GLY A 13 -6.82 22.05 -1.18
C GLY A 13 -6.78 20.76 -2.01
N VAL A 14 -7.40 20.77 -3.17
CA VAL A 14 -7.39 19.54 -4.05
C VAL A 14 -5.93 19.15 -4.35
N VAL A 15 -5.07 20.11 -4.55
CA VAL A 15 -3.64 19.78 -4.83
C VAL A 15 -3.01 19.23 -3.55
N THR A 16 -3.28 19.85 -2.43
CA THR A 16 -2.72 19.36 -1.13
C THR A 16 -3.11 17.91 -0.92
N VAL A 17 -4.38 17.61 -1.03
CA VAL A 17 -4.84 16.20 -0.83
C VAL A 17 -4.25 15.29 -1.93
N ILE A 18 -4.17 15.76 -3.16
CA ILE A 18 -3.57 14.90 -4.23
C ILE A 18 -2.09 14.67 -3.93
N VAL A 19 -1.42 15.65 -3.41
CA VAL A 19 0.02 15.46 -3.07
C VAL A 19 0.14 14.43 -1.94
N ILE A 20 -0.57 14.61 -0.85
CA ILE A 20 -0.49 13.61 0.25
C ILE A 20 -1.03 12.27 -0.25
N LEU A 21 -2.05 12.28 -1.08
CA LEU A 21 -2.58 11.00 -1.63
C LEU A 21 -1.50 10.35 -2.49
N ILE A 22 -0.90 11.11 -3.39
CA ILE A 22 0.19 10.54 -4.24
C ILE A 22 1.32 10.03 -3.33
N ALA A 23 1.68 10.80 -2.33
CA ALA A 23 2.75 10.37 -1.39
C ALA A 23 2.32 9.09 -0.66
N ILE A 24 1.09 9.05 -0.18
CA ILE A 24 0.60 7.81 0.52
C ILE A 24 0.64 6.64 -0.47
N ALA A 25 0.15 6.85 -1.67
CA ALA A 25 0.17 5.76 -2.69
C ALA A 25 1.61 5.37 -3.01
N ALA A 26 2.47 6.34 -3.17
CA ALA A 26 3.91 6.03 -3.45
C ALA A 26 4.49 5.25 -2.25
N LEU A 27 4.22 5.70 -1.05
CA LEU A 27 4.72 4.99 0.14
C LEU A 27 4.12 3.57 0.17
N GLY A 28 2.84 3.46 -0.05
CA GLY A 28 2.19 2.11 -0.08
C GLY A 28 2.85 1.27 -1.18
N ALA A 29 3.09 1.85 -2.33
CA ALA A 29 3.75 1.10 -3.44
C ALA A 29 5.17 0.70 -3.03
N LEU A 30 5.89 1.61 -2.43
CA LEU A 30 7.28 1.28 -1.99
C LEU A 30 7.23 0.17 -0.92
N ILE A 31 6.23 0.20 -0.06
CA ILE A 31 6.11 -0.86 0.98
C ILE A 31 5.66 -2.17 0.30
N LEU A 32 4.64 -2.10 -0.52
CA LEU A 32 4.17 -3.32 -1.24
C LEU A 32 5.31 -3.91 -2.07
N GLY A 33 6.02 -3.09 -2.81
CA GLY A 33 7.16 -3.59 -3.63
C GLY A 33 8.25 -4.16 -2.71
N CYS A 34 8.58 -3.46 -1.65
CA CYS A 34 9.63 -3.97 -0.70
C CYS A 34 9.23 -5.35 -0.15
N TRP A 35 8.02 -5.50 0.33
CA TRP A 35 7.59 -6.83 0.88
C TRP A 35 6.09 -6.83 1.23
N CYS A 36 5.26 -6.29 0.36
CA CYS A 36 3.77 -6.25 0.61
C CYS A 36 3.43 -5.37 1.82
N TYR A 37 3.93 -5.70 2.99
CA TYR A 37 3.64 -4.87 4.21
C TYR A 37 4.57 -5.28 5.36
N LEU A 38 4.51 -6.52 5.79
CA LEU A 38 5.39 -6.99 6.90
C LEU A 38 6.21 -8.20 6.43
N ARG A 39 5.57 -9.31 6.19
CA ARG A 39 6.30 -10.53 5.73
C ARG A 39 5.45 -11.36 4.74
N LEU A 40 4.57 -10.70 3.99
CA LEU A 40 3.70 -11.43 3.01
C LEU A 40 3.02 -12.64 3.67
N GLN A 41 2.54 -12.48 4.87
CA GLN A 41 1.85 -13.60 5.58
C GLN A 41 0.41 -13.21 5.96
N ARG A 42 -0.21 -12.33 5.20
CA ARG A 42 -1.61 -11.92 5.53
C ARG A 42 -2.35 -11.53 4.24
N ILE A 43 -3.28 -10.59 4.31
CA ILE A 43 -4.04 -10.14 3.09
C ILE A 43 -3.12 -9.99 1.87
N SER A 44 -1.91 -9.53 2.10
CA SER A 44 -0.91 -9.34 1.00
C SER A 44 -1.39 -8.28 -0.01
N GLN A 45 -2.37 -8.57 -0.82
CA GLN A 45 -2.86 -7.58 -1.81
C GLN A 45 -3.92 -6.65 -1.17
N SER A 46 -3.50 -5.51 -0.69
CA SER A 46 -4.45 -4.55 -0.04
C SER A 46 -3.80 -3.17 0.12
N GLU A 47 -3.11 -2.71 -0.89
CA GLU A 47 -2.44 -1.38 -0.82
C GLU A 47 -2.57 -0.63 -2.16
N ASP A 48 -1.69 0.33 -2.37
CA ASP A 48 -1.72 1.12 -3.65
C ASP A 48 -3.07 1.85 -3.82
N GLU A 49 -3.56 2.45 -2.76
CA GLU A 49 -4.86 3.21 -2.82
C GLU A 49 -5.99 2.36 -3.46
N GLU A 50 -6.16 1.14 -3.01
CA GLU A 50 -7.23 0.29 -3.58
C GLU A 50 -8.57 0.59 -2.90
N SER A 51 -9.60 0.71 -3.68
CA SER A 51 -10.96 1.01 -3.12
C SER A 51 -12.06 0.60 -4.11
N ILE A 52 -11.75 -0.29 -5.02
CA ILE A 52 -12.75 -0.76 -6.01
C ILE A 52 -12.85 -2.26 -5.88
N VAL A 53 -11.71 -2.92 -5.79
CA VAL A 53 -11.62 -4.43 -5.64
C VAL A 53 -12.31 -5.19 -6.80
N GLY A 54 -13.40 -4.67 -7.32
CA GLY A 54 -14.10 -5.37 -8.44
C GLY A 54 -14.31 -4.41 -9.60
N ASP A 55 -13.26 -3.74 -10.03
CA ASP A 55 -13.40 -2.77 -11.16
C ASP A 55 -13.92 -3.47 -12.43
N GLY A 56 -14.68 -2.77 -13.23
CA GLY A 56 -15.22 -3.36 -14.50
C GLY A 56 -14.72 -2.51 -15.65
N GLU A 57 -14.96 -1.22 -15.59
CA GLU A 57 -14.47 -0.31 -16.66
C GLU A 57 -14.00 1.01 -16.03
N THR A 58 -13.42 0.94 -14.86
CA THR A 58 -12.90 2.16 -14.15
C THR A 58 -13.95 3.28 -14.15
N LYS A 59 -15.21 2.93 -14.08
CA LYS A 59 -16.30 3.94 -14.07
C LYS A 59 -17.54 3.33 -13.41
N GLU A 60 -17.48 3.16 -12.12
CA GLU A 60 -18.62 2.57 -11.36
C GLU A 60 -18.92 3.38 -10.09
N PRO A 61 -20.11 3.20 -9.58
CA PRO A 61 -20.53 3.92 -8.33
C PRO A 61 -19.74 3.43 -7.11
N PHE A 62 -19.35 2.17 -7.10
CA PHE A 62 -18.57 1.61 -5.94
C PHE A 62 -17.35 2.49 -5.63
N LEU A 63 -16.43 2.57 -6.55
CA LEU A 63 -15.21 3.41 -6.29
C LEU A 63 -15.60 4.89 -6.16
N LEU A 64 -16.68 5.29 -6.78
CA LEU A 64 -17.13 6.72 -6.67
C LEU A 64 -17.47 7.04 -5.22
N VAL A 65 -18.28 6.23 -4.58
CA VAL A 65 -18.62 6.47 -3.14
C VAL A 65 -17.42 6.10 -2.26
N GLN A 66 -16.70 5.08 -2.63
CA GLN A 66 -15.49 4.68 -1.83
C GLN A 66 -14.49 5.83 -1.81
N TYR A 67 -14.18 6.37 -2.96
CA TYR A 67 -13.23 7.52 -3.01
C TYR A 67 -13.86 8.74 -2.35
N SER A 68 -15.13 8.96 -2.60
CA SER A 68 -15.84 10.11 -1.96
C SER A 68 -15.73 10.01 -0.44
N ALA A 69 -15.81 8.82 0.10
CA ALA A 69 -15.69 8.65 1.59
C ALA A 69 -14.21 8.62 2.00
N LYS A 70 -13.38 7.99 1.21
CA LYS A 70 -11.92 7.93 1.55
C LYS A 70 -11.32 9.34 1.57
N GLY A 71 -11.74 10.20 0.68
CA GLY A 71 -11.19 11.60 0.63
C GLY A 71 -11.18 12.22 2.03
N PRO A 72 -12.35 12.38 2.60
CA PRO A 72 -12.45 12.96 3.97
C PRO A 72 -11.83 11.98 4.99
N CYS A 73 -12.04 10.70 4.82
CA CYS A 73 -11.44 9.71 5.78
C CYS A 73 -9.91 9.80 5.73
N VAL A 74 -9.36 9.81 4.55
CA VAL A 74 -7.87 9.92 4.42
C VAL A 74 -7.42 11.30 4.90
N GLU A 75 -8.12 12.34 4.53
CA GLU A 75 -7.75 13.70 5.01
C GLU A 75 -7.75 13.71 6.54
N ARG A 76 -8.74 13.07 7.13
CA ARG A 76 -8.83 12.98 8.61
C ARG A 76 -7.62 12.21 9.16
N LYS A 77 -7.43 11.01 8.68
CA LYS A 77 -6.27 10.17 9.14
C LYS A 77 -4.95 10.92 8.92
N ALA A 78 -4.70 11.34 7.71
CA ALA A 78 -3.43 12.07 7.38
C ALA A 78 -3.23 13.26 8.32
N LYS A 79 -4.25 14.02 8.55
CA LYS A 79 -4.12 15.21 9.46
C LYS A 79 -4.01 14.75 10.92
N LEU A 80 -4.78 13.78 11.33
CA LEU A 80 -4.73 13.31 12.75
C LEU A 80 -3.40 12.60 13.05
N MET A 81 -2.94 11.79 12.14
CA MET A 81 -1.65 11.05 12.36
C MET A 81 -0.43 11.86 11.87
N THR A 82 -0.64 12.78 10.95
CA THR A 82 0.49 13.61 10.41
C THR A 82 1.63 12.72 9.92
N PRO A 83 1.31 11.90 8.94
CA PRO A 83 2.33 10.97 8.37
C PRO A 83 3.23 11.71 7.38
N ASN A 84 3.30 13.01 7.43
CA ASN A 84 4.17 13.75 6.48
C ASN A 84 5.66 13.59 6.85
N GLY A 85 6.08 12.37 7.14
CA GLY A 85 7.50 12.13 7.50
C GLY A 85 8.40 12.38 6.29
N PRO A 86 8.18 11.60 5.25
CA PRO A 86 8.99 11.75 4.02
C PRO A 86 8.72 13.09 3.33
N GLU A 87 7.53 13.60 3.48
CA GLU A 87 7.19 14.92 2.84
C GLU A 87 8.15 16.01 3.34
N VAL A 88 8.57 15.92 4.58
CA VAL A 88 9.50 16.93 5.15
C VAL A 88 10.92 16.33 5.36
N HIS A 89 11.05 15.01 5.32
CA HIS A 89 12.40 14.38 5.51
C HIS A 89 12.43 13.00 4.82
N GLY A 90 13.06 12.92 3.67
CA GLY A 90 13.13 11.62 2.94
C GLY A 90 14.53 11.43 2.34
N GLY A 1 -19.90 34.28 3.33
CA GLY A 1 -19.81 34.27 4.82
C GLY A 1 -18.43 33.74 5.24
N SER A 2 -18.38 32.82 6.18
CA SER A 2 -17.06 32.24 6.57
C SER A 2 -16.37 31.70 5.32
N MET A 3 -17.16 31.06 4.51
CA MET A 3 -16.67 30.52 3.22
C MET A 3 -17.35 31.32 2.10
N SER A 4 -17.07 31.01 0.87
CA SER A 4 -17.71 31.77 -0.24
C SER A 4 -17.35 31.14 -1.58
N ILE A 5 -16.14 30.73 -1.73
CA ILE A 5 -15.71 30.11 -2.98
C ILE A 5 -15.27 28.68 -2.70
N MET A 6 -14.30 28.18 -3.42
CA MET A 6 -13.85 26.78 -3.19
C MET A 6 -12.95 26.70 -1.96
N ASP A 7 -13.30 27.38 -0.89
CA ASP A 7 -12.48 27.33 0.36
C ASP A 7 -12.24 25.86 0.75
N HIS A 8 -13.25 25.05 0.55
CA HIS A 8 -13.16 23.60 0.86
C HIS A 8 -12.11 22.89 0.00
N SER A 9 -12.17 23.11 -1.28
CA SER A 9 -11.22 22.43 -2.21
C SER A 9 -10.67 23.38 -3.25
N PRO A 10 -9.93 24.35 -2.80
CA PRO A 10 -9.32 25.32 -3.73
C PRO A 10 -8.19 24.61 -4.49
N THR A 11 -7.62 25.22 -5.49
CA THR A 11 -6.51 24.58 -6.23
C THR A 11 -5.47 24.06 -5.23
N THR A 12 -5.15 24.86 -4.24
CA THR A 12 -4.18 24.42 -3.20
C THR A 12 -4.75 23.27 -2.37
N GLY A 13 -6.03 23.31 -2.09
CA GLY A 13 -6.68 22.22 -1.30
C GLY A 13 -6.64 20.91 -2.08
N VAL A 14 -7.24 20.88 -3.25
CA VAL A 14 -7.23 19.62 -4.06
C VAL A 14 -5.78 19.20 -4.35
N VAL A 15 -4.90 20.13 -4.58
CA VAL A 15 -3.47 19.76 -4.83
C VAL A 15 -2.86 19.19 -3.55
N THR A 16 -3.15 19.79 -2.43
CA THR A 16 -2.61 19.30 -1.14
C THR A 16 -3.07 17.86 -0.89
N VAL A 17 -4.35 17.62 -0.98
CA VAL A 17 -4.86 16.24 -0.76
C VAL A 17 -4.35 15.31 -1.86
N ILE A 18 -4.20 15.79 -3.08
CA ILE A 18 -3.68 14.92 -4.17
C ILE A 18 -2.21 14.60 -3.90
N VAL A 19 -1.46 15.57 -3.47
CA VAL A 19 -0.03 15.29 -3.14
C VAL A 19 0.03 14.30 -1.96
N ILE A 20 -0.82 14.51 -0.97
CA ILE A 20 -0.84 13.57 0.19
C ILE A 20 -1.29 12.18 -0.29
N LEU A 21 -2.35 12.13 -1.04
CA LEU A 21 -2.82 10.81 -1.55
C LEU A 21 -1.73 10.22 -2.45
N ILE A 22 -1.12 11.03 -3.30
CA ILE A 22 -0.03 10.50 -4.17
C ILE A 22 1.11 9.97 -3.29
N ALA A 23 1.48 10.71 -2.27
CA ALA A 23 2.55 10.25 -1.35
C ALA A 23 2.11 8.98 -0.63
N ILE A 24 0.90 8.95 -0.11
CA ILE A 24 0.40 7.72 0.58
C ILE A 24 0.42 6.55 -0.40
N ALA A 25 -0.05 6.76 -1.61
CA ALA A 25 -0.03 5.67 -2.63
C ALA A 25 1.41 5.28 -2.95
N ALA A 26 2.25 6.24 -3.16
CA ALA A 26 3.69 5.93 -3.45
C ALA A 26 4.28 5.18 -2.24
N LEU A 27 3.96 5.62 -1.05
CA LEU A 27 4.44 4.93 0.17
C LEU A 27 3.92 3.48 0.17
N GLY A 28 2.62 3.32 0.02
CA GLY A 28 2.05 1.94 -0.02
C GLY A 28 2.74 1.14 -1.13
N ALA A 29 2.94 1.75 -2.28
CA ALA A 29 3.63 1.03 -3.40
C ALA A 29 5.06 0.69 -2.98
N LEU A 30 5.75 1.63 -2.37
CA LEU A 30 7.14 1.35 -1.91
C LEU A 30 7.14 0.18 -0.92
N ILE A 31 6.17 0.15 -0.03
CA ILE A 31 6.08 -0.97 0.95
C ILE A 31 5.70 -2.27 0.23
N LEU A 32 4.80 -2.19 -0.72
CA LEU A 32 4.40 -3.42 -1.48
C LEU A 32 5.57 -3.91 -2.34
N GLY A 33 6.28 -3.01 -2.99
CA GLY A 33 7.44 -3.44 -3.84
C GLY A 33 8.61 -3.92 -2.96
N CYS A 34 8.85 -3.27 -1.85
CA CYS A 34 10.00 -3.69 -0.98
C CYS A 34 9.62 -4.86 -0.05
N TRP A 35 8.38 -4.92 0.41
CA TRP A 35 7.99 -6.03 1.33
C TRP A 35 6.81 -6.86 0.80
N CYS A 36 6.47 -6.72 -0.46
CA CYS A 36 5.33 -7.49 -1.06
C CYS A 36 3.98 -7.14 -0.41
N TYR A 37 3.84 -7.37 0.86
CA TYR A 37 2.55 -7.06 1.57
C TYR A 37 2.79 -6.02 2.68
N LEU A 38 3.36 -6.46 3.78
CA LEU A 38 3.65 -5.52 4.91
C LEU A 38 5.15 -5.48 5.15
N ARG A 39 5.75 -6.62 5.37
CA ARG A 39 7.23 -6.68 5.60
C ARG A 39 7.81 -8.02 5.12
N LEU A 40 7.27 -8.59 4.07
CA LEU A 40 7.80 -9.88 3.56
C LEU A 40 9.06 -9.62 2.73
N GLN A 41 10.20 -9.55 3.37
CA GLN A 41 11.46 -9.26 2.62
C GLN A 41 12.29 -10.52 2.37
N ARG A 42 11.72 -11.69 2.57
CA ARG A 42 12.49 -12.95 2.33
C ARG A 42 11.73 -13.85 1.34
N ILE A 43 11.52 -15.11 1.66
CA ILE A 43 10.78 -16.02 0.73
C ILE A 43 9.43 -15.42 0.35
N SER A 44 8.83 -14.71 1.27
CA SER A 44 7.48 -14.09 1.02
C SER A 44 6.41 -15.18 0.94
N GLN A 45 6.43 -16.07 1.90
CA GLN A 45 5.45 -17.20 1.93
C GLN A 45 4.89 -17.39 3.35
N SER A 46 5.70 -17.16 4.37
CA SER A 46 5.24 -17.33 5.78
C SER A 46 5.93 -16.33 6.71
N GLU A 47 5.85 -15.05 6.42
CA GLU A 47 6.51 -14.04 7.29
C GLU A 47 5.50 -13.02 7.82
N ASP A 48 5.68 -12.58 9.04
CA ASP A 48 4.77 -11.57 9.66
C ASP A 48 3.30 -12.01 9.54
N GLU A 49 2.37 -11.08 9.42
CA GLU A 49 0.91 -11.43 9.32
C GLU A 49 0.39 -12.07 10.61
N GLU A 50 0.94 -13.20 11.00
CA GLU A 50 0.47 -13.87 12.25
C GLU A 50 1.56 -13.81 13.34
N SER A 51 1.44 -14.64 14.34
CA SER A 51 2.45 -14.63 15.45
C SER A 51 2.89 -16.06 15.80
N ILE A 52 1.96 -16.98 15.80
CA ILE A 52 2.30 -18.40 16.13
C ILE A 52 2.73 -19.13 14.86
N VAL A 53 1.90 -19.10 13.85
CA VAL A 53 2.24 -19.79 12.57
C VAL A 53 3.01 -18.83 11.66
N GLY A 54 2.35 -17.82 11.16
CA GLY A 54 3.02 -16.83 10.24
C GLY A 54 2.93 -17.33 8.80
N ASP A 55 2.42 -18.53 8.61
CA ASP A 55 2.29 -19.10 7.24
C ASP A 55 1.24 -18.33 6.44
N GLY A 56 1.32 -18.39 5.14
CA GLY A 56 0.35 -17.67 4.28
C GLY A 56 0.31 -18.33 2.91
N GLU A 57 1.46 -18.49 2.29
CA GLU A 57 1.49 -19.12 0.93
C GLU A 57 2.46 -20.33 0.88
N THR A 58 3.21 -20.60 1.92
CA THR A 58 4.16 -21.77 1.87
C THR A 58 3.40 -23.08 1.59
N LYS A 59 2.37 -23.36 2.34
CA LYS A 59 1.58 -24.62 2.12
C LYS A 59 0.08 -24.34 2.11
N GLU A 60 -0.29 -23.15 1.74
CA GLU A 60 -1.73 -22.77 1.70
C GLU A 60 -2.05 -22.07 0.39
N PRO A 61 -3.09 -22.49 -0.26
CA PRO A 61 -3.51 -21.86 -1.54
C PRO A 61 -4.15 -20.48 -1.25
N PHE A 62 -3.44 -19.64 -0.53
CA PHE A 62 -3.98 -18.29 -0.20
C PHE A 62 -4.19 -17.48 -1.47
N LEU A 63 -3.19 -17.40 -2.31
CA LEU A 63 -3.34 -16.64 -3.58
C LEU A 63 -4.43 -17.29 -4.43
N LEU A 64 -4.56 -18.59 -4.35
CA LEU A 64 -5.61 -19.30 -5.12
C LEU A 64 -7.00 -18.83 -4.67
N VAL A 65 -7.31 -18.94 -3.40
CA VAL A 65 -8.63 -18.47 -2.90
C VAL A 65 -8.70 -16.94 -2.97
N GLN A 66 -7.58 -16.28 -2.78
CA GLN A 66 -7.58 -14.79 -2.86
C GLN A 66 -8.00 -14.37 -4.26
N TYR A 67 -7.33 -14.87 -5.26
CA TYR A 67 -7.70 -14.55 -6.68
C TYR A 67 -9.07 -15.12 -6.99
N SER A 68 -9.33 -16.32 -6.53
CA SER A 68 -10.68 -16.95 -6.75
C SER A 68 -11.76 -16.00 -6.21
N ALA A 69 -11.48 -15.28 -5.16
CA ALA A 69 -12.48 -14.32 -4.61
C ALA A 69 -12.45 -13.03 -5.43
N LYS A 70 -11.27 -12.58 -5.81
CA LYS A 70 -11.17 -11.32 -6.63
C LYS A 70 -11.92 -11.46 -7.94
N GLY A 71 -11.66 -12.52 -8.66
CA GLY A 71 -12.34 -12.75 -9.98
C GLY A 71 -13.83 -12.36 -9.92
N PRO A 72 -14.58 -13.07 -9.11
CA PRO A 72 -16.02 -12.77 -8.95
C PRO A 72 -16.23 -11.39 -8.30
N CYS A 73 -15.42 -11.02 -7.33
CA CYS A 73 -15.58 -9.67 -6.70
C CYS A 73 -15.33 -8.58 -7.74
N VAL A 74 -14.28 -8.74 -8.51
CA VAL A 74 -13.97 -7.73 -9.58
C VAL A 74 -15.05 -7.79 -10.65
N GLU A 75 -15.40 -8.99 -11.07
CA GLU A 75 -16.48 -9.15 -12.09
C GLU A 75 -17.78 -8.53 -11.55
N ARG A 76 -18.03 -8.70 -10.28
CA ARG A 76 -19.25 -8.11 -9.65
C ARG A 76 -19.20 -6.59 -9.70
N LYS A 77 -18.25 -6.01 -9.02
CA LYS A 77 -18.14 -4.51 -9.01
C LYS A 77 -17.96 -3.97 -10.43
N ALA A 78 -17.30 -4.71 -11.29
CA ALA A 78 -17.12 -4.26 -12.71
C ALA A 78 -18.49 -4.19 -13.38
N LYS A 79 -19.30 -5.19 -13.16
CA LYS A 79 -20.67 -5.20 -13.75
C LYS A 79 -21.54 -4.18 -13.02
N LEU A 80 -21.54 -4.23 -11.71
CA LEU A 80 -22.33 -3.27 -10.89
C LEU A 80 -22.00 -1.83 -11.28
N MET A 81 -20.74 -1.56 -11.51
CA MET A 81 -20.33 -0.19 -11.93
C MET A 81 -20.59 -0.01 -13.42
N THR A 82 -20.20 -0.99 -14.21
CA THR A 82 -20.42 -0.92 -15.69
C THR A 82 -19.82 0.37 -16.27
N PRO A 83 -20.05 0.64 -17.53
CA PRO A 83 -19.52 1.87 -18.14
C PRO A 83 -20.43 3.07 -17.80
N ASN A 84 -21.32 2.92 -16.84
CA ASN A 84 -22.25 4.04 -16.44
C ASN A 84 -23.35 4.25 -17.50
N GLY A 85 -23.10 3.96 -18.75
CA GLY A 85 -24.15 4.14 -19.80
C GLY A 85 -25.20 3.02 -19.68
N PRO A 86 -26.44 3.38 -19.84
CA PRO A 86 -27.55 2.38 -19.74
C PRO A 86 -27.44 1.31 -20.83
N GLU A 87 -26.68 1.57 -21.88
CA GLU A 87 -26.51 0.54 -22.96
C GLU A 87 -25.97 -0.75 -22.34
N VAL A 88 -25.13 -0.62 -21.36
CA VAL A 88 -24.54 -1.81 -20.68
C VAL A 88 -25.12 -1.95 -19.25
N HIS A 89 -25.47 -0.85 -18.62
CA HIS A 89 -26.04 -0.93 -17.24
C HIS A 89 -27.56 -0.70 -17.28
N GLY A 90 -28.33 -1.75 -17.32
CA GLY A 90 -29.82 -1.59 -17.35
C GLY A 90 -30.48 -2.86 -16.82
N GLY A 1 -7.01 31.33 -0.59
CA GLY A 1 -6.56 32.33 0.42
C GLY A 1 -7.09 33.71 0.04
N SER A 2 -8.11 34.18 0.74
CA SER A 2 -8.73 35.52 0.44
C SER A 2 -9.56 35.45 -0.84
N MET A 3 -10.82 35.07 -0.72
CA MET A 3 -11.71 34.98 -1.92
C MET A 3 -11.85 36.34 -2.60
N SER A 4 -10.94 36.66 -3.48
CA SER A 4 -10.96 37.97 -4.19
C SER A 4 -10.32 37.81 -5.56
N ILE A 5 -9.02 37.79 -5.61
CA ILE A 5 -8.31 37.59 -6.90
C ILE A 5 -8.00 36.09 -7.05
N MET A 6 -6.75 35.73 -7.27
CA MET A 6 -6.41 34.29 -7.39
C MET A 6 -6.94 33.49 -6.22
N ASP A 7 -6.64 33.89 -4.99
CA ASP A 7 -7.12 33.15 -3.78
C ASP A 7 -6.50 31.73 -3.76
N HIS A 8 -6.64 30.99 -4.83
CA HIS A 8 -6.06 29.61 -4.90
C HIS A 8 -6.41 28.76 -3.66
N SER A 9 -7.56 28.96 -3.06
CA SER A 9 -7.93 28.15 -1.86
C SER A 9 -8.33 26.71 -2.25
N PRO A 10 -9.30 26.60 -3.14
CA PRO A 10 -9.77 25.25 -3.57
C PRO A 10 -8.67 24.51 -4.35
N THR A 11 -7.93 25.20 -5.17
CA THR A 11 -6.84 24.54 -5.94
C THR A 11 -5.75 24.05 -4.98
N THR A 12 -5.28 24.89 -4.09
CA THR A 12 -4.23 24.44 -3.12
C THR A 12 -4.76 23.28 -2.27
N GLY A 13 -6.04 23.29 -1.98
CA GLY A 13 -6.65 22.19 -1.18
C GLY A 13 -6.62 20.89 -1.98
N VAL A 14 -7.28 20.86 -3.11
CA VAL A 14 -7.28 19.61 -3.94
C VAL A 14 -5.84 19.20 -4.29
N VAL A 15 -4.96 20.16 -4.51
CA VAL A 15 -3.55 19.82 -4.82
C VAL A 15 -2.89 19.21 -3.58
N THR A 16 -3.09 19.82 -2.45
CA THR A 16 -2.50 19.30 -1.18
C THR A 16 -2.98 17.87 -0.93
N VAL A 17 -4.27 17.66 -0.99
CA VAL A 17 -4.80 16.28 -0.76
C VAL A 17 -4.33 15.34 -1.88
N ILE A 18 -4.21 15.83 -3.10
CA ILE A 18 -3.71 14.94 -4.21
C ILE A 18 -2.25 14.61 -3.97
N VAL A 19 -1.47 15.57 -3.54
CA VAL A 19 -0.04 15.28 -3.24
C VAL A 19 0.03 14.30 -2.06
N ILE A 20 -0.75 14.55 -1.04
CA ILE A 20 -0.77 13.61 0.14
C ILE A 20 -1.24 12.23 -0.33
N LEU A 21 -2.32 12.20 -1.09
CA LEU A 21 -2.83 10.90 -1.61
C LEU A 21 -1.73 10.25 -2.48
N ILE A 22 -1.17 11.01 -3.40
CA ILE A 22 -0.07 10.44 -4.25
C ILE A 22 1.06 9.94 -3.34
N ALA A 23 1.41 10.71 -2.34
CA ALA A 23 2.49 10.26 -1.40
C ALA A 23 2.06 8.98 -0.69
N ILE A 24 0.85 8.94 -0.20
CA ILE A 24 0.36 7.70 0.49
C ILE A 24 0.44 6.53 -0.49
N ALA A 25 -0.09 6.71 -1.68
CA ALA A 25 -0.05 5.62 -2.71
C ALA A 25 1.41 5.26 -3.02
N ALA A 26 2.25 6.25 -3.19
CA ALA A 26 3.69 5.98 -3.48
C ALA A 26 4.30 5.21 -2.29
N LEU A 27 4.00 5.64 -1.09
CA LEU A 27 4.52 4.92 0.11
C LEU A 27 3.96 3.49 0.11
N GLY A 28 2.68 3.34 -0.12
CA GLY A 28 2.07 1.98 -0.18
C GLY A 28 2.81 1.16 -1.24
N ALA A 29 3.00 1.71 -2.41
CA ALA A 29 3.72 0.96 -3.48
C ALA A 29 5.16 0.67 -3.03
N LEU A 30 5.81 1.62 -2.43
CA LEU A 30 7.20 1.42 -1.92
C LEU A 30 7.21 0.30 -0.87
N ILE A 31 6.21 0.25 -0.03
CA ILE A 31 6.15 -0.83 1.01
C ILE A 31 5.80 -2.17 0.33
N LEU A 32 4.79 -2.17 -0.51
CA LEU A 32 4.41 -3.43 -1.22
C LEU A 32 5.61 -3.95 -2.02
N GLY A 33 6.27 -3.08 -2.74
CA GLY A 33 7.47 -3.50 -3.55
C GLY A 33 8.56 -4.01 -2.60
N CYS A 34 8.95 -3.22 -1.63
CA CYS A 34 10.00 -3.68 -0.66
C CYS A 34 9.55 -5.00 0.00
N TRP A 35 8.29 -5.11 0.32
CA TRP A 35 7.76 -6.36 0.93
C TRP A 35 7.89 -7.51 -0.08
N CYS A 36 7.21 -7.42 -1.22
CA CYS A 36 7.30 -8.48 -2.28
C CYS A 36 6.80 -9.85 -1.76
N TYR A 37 7.44 -10.39 -0.76
CA TYR A 37 7.00 -11.69 -0.19
C TYR A 37 6.52 -11.49 1.25
N LEU A 38 5.91 -12.48 1.85
CA LEU A 38 5.41 -12.35 3.27
C LEU A 38 6.58 -12.21 4.28
N ARG A 39 7.61 -11.49 3.95
CA ARG A 39 8.76 -11.32 4.89
C ARG A 39 8.57 -10.10 5.80
N LEU A 40 7.92 -9.07 5.31
CA LEU A 40 7.70 -7.85 6.14
C LEU A 40 6.20 -7.58 6.29
N GLN A 41 5.48 -8.53 6.83
CA GLN A 41 4.00 -8.35 7.00
C GLN A 41 3.67 -7.24 8.02
N ARG A 42 4.66 -6.69 8.69
CA ARG A 42 4.42 -5.60 9.70
C ARG A 42 3.54 -6.11 10.84
N ILE A 43 2.34 -6.48 10.53
CA ILE A 43 1.42 -7.03 11.56
C ILE A 43 1.95 -8.40 12.04
N SER A 44 2.85 -9.00 11.27
CA SER A 44 3.44 -10.33 11.63
C SER A 44 2.40 -11.45 11.61
N GLN A 45 2.68 -12.54 12.29
CA GLN A 45 1.75 -13.70 12.33
C GLN A 45 1.31 -14.10 10.90
N SER A 46 0.06 -13.97 10.56
CA SER A 46 -0.38 -14.35 9.19
C SER A 46 -1.60 -13.52 8.77
N GLU A 47 -1.63 -12.26 9.15
CA GLU A 47 -2.78 -11.40 8.78
C GLU A 47 -2.32 -10.19 7.95
N ASP A 48 -3.13 -9.75 7.04
CA ASP A 48 -2.75 -8.57 6.20
C ASP A 48 -3.97 -7.65 5.99
N GLU A 49 -4.95 -7.73 6.86
CA GLU A 49 -6.16 -6.87 6.72
C GLU A 49 -5.86 -5.45 7.20
N GLU A 50 -4.92 -4.81 6.57
CA GLU A 50 -4.55 -3.41 6.96
C GLU A 50 -4.74 -2.47 5.77
N SER A 51 -3.74 -1.67 5.43
CA SER A 51 -3.89 -0.74 4.27
C SER A 51 -2.53 -0.37 3.69
N ILE A 52 -1.58 -0.07 4.53
CA ILE A 52 -0.21 0.28 4.05
C ILE A 52 0.52 -0.98 3.59
N VAL A 53 0.48 -2.02 4.37
CA VAL A 53 1.15 -3.30 3.98
C VAL A 53 0.32 -4.04 2.91
N GLY A 54 -0.98 -3.87 2.93
CA GLY A 54 -1.85 -4.55 1.92
C GLY A 54 -2.31 -3.53 0.87
N ASP A 55 -1.37 -2.88 0.21
CA ASP A 55 -1.74 -1.87 -0.83
C ASP A 55 -2.37 -2.54 -2.05
N GLY A 56 -3.42 -1.97 -2.59
CA GLY A 56 -4.09 -2.59 -3.76
C GLY A 56 -5.45 -3.11 -3.32
N GLU A 57 -6.26 -2.24 -2.75
CA GLU A 57 -7.60 -2.65 -2.27
C GLU A 57 -7.49 -3.72 -1.17
N THR A 58 -6.62 -3.51 -0.20
CA THR A 58 -6.42 -4.49 0.92
C THR A 58 -5.83 -5.80 0.39
N LYS A 59 -6.49 -6.44 -0.53
CA LYS A 59 -5.98 -7.71 -1.12
C LYS A 59 -6.88 -8.11 -2.31
N GLU A 60 -6.58 -9.19 -2.97
CA GLU A 60 -7.41 -9.60 -4.15
C GLU A 60 -8.75 -10.21 -3.70
N PRO A 61 -9.81 -9.47 -3.94
CA PRO A 61 -11.16 -9.95 -3.56
C PRO A 61 -11.63 -11.08 -4.50
N PHE A 62 -11.22 -11.06 -5.75
CA PHE A 62 -11.65 -12.15 -6.68
C PHE A 62 -11.04 -13.48 -6.24
N LEU A 63 -9.90 -13.45 -5.61
CA LEU A 63 -9.25 -14.71 -5.12
C LEU A 63 -10.21 -15.47 -4.23
N LEU A 64 -10.97 -14.75 -3.44
CA LEU A 64 -11.97 -15.38 -2.55
C LEU A 64 -12.90 -16.28 -3.37
N VAL A 65 -13.41 -15.77 -4.46
CA VAL A 65 -14.31 -16.60 -5.34
C VAL A 65 -13.47 -17.57 -6.17
N GLN A 66 -12.35 -17.10 -6.66
CA GLN A 66 -11.44 -17.98 -7.46
C GLN A 66 -11.13 -19.24 -6.66
N TYR A 67 -10.90 -19.08 -5.38
CA TYR A 67 -10.63 -20.23 -4.48
C TYR A 67 -11.95 -20.93 -4.15
N SER A 68 -12.95 -20.16 -3.80
CA SER A 68 -14.30 -20.73 -3.46
C SER A 68 -14.81 -21.59 -4.62
N ALA A 69 -14.48 -21.24 -5.84
CA ALA A 69 -14.94 -22.06 -7.00
C ALA A 69 -13.92 -23.17 -7.28
N LYS A 70 -12.68 -22.82 -7.39
CA LYS A 70 -11.60 -23.83 -7.68
C LYS A 70 -11.54 -24.91 -6.60
N GLY A 71 -11.47 -24.51 -5.37
CA GLY A 71 -11.39 -25.48 -4.22
C GLY A 71 -12.34 -26.66 -4.46
N PRO A 72 -13.62 -26.36 -4.51
CA PRO A 72 -14.64 -27.41 -4.76
C PRO A 72 -14.50 -27.96 -6.18
N CYS A 73 -14.32 -27.11 -7.18
CA CYS A 73 -14.16 -27.63 -8.58
C CYS A 73 -13.01 -28.64 -8.62
N VAL A 74 -11.91 -28.30 -7.99
CA VAL A 74 -10.75 -29.24 -7.96
C VAL A 74 -11.12 -30.47 -7.11
N GLU A 75 -11.62 -30.22 -5.93
CA GLU A 75 -12.04 -31.34 -5.02
C GLU A 75 -12.99 -32.28 -5.78
N ARG A 76 -13.89 -31.73 -6.54
CA ARG A 76 -14.86 -32.56 -7.30
C ARG A 76 -14.17 -33.35 -8.42
N LYS A 77 -13.46 -32.70 -9.31
CA LYS A 77 -12.79 -33.46 -10.42
C LYS A 77 -11.73 -34.41 -9.84
N ALA A 78 -11.08 -34.02 -8.77
CA ALA A 78 -10.05 -34.92 -8.16
C ALA A 78 -10.71 -36.15 -7.56
N LYS A 79 -11.74 -35.96 -6.78
CA LYS A 79 -12.43 -37.15 -6.16
C LYS A 79 -13.28 -37.90 -7.19
N LEU A 80 -13.85 -37.20 -8.16
CA LEU A 80 -14.68 -37.90 -9.19
C LEU A 80 -13.79 -38.70 -10.15
N MET A 81 -12.82 -38.05 -10.75
CA MET A 81 -11.89 -38.75 -11.70
C MET A 81 -10.80 -39.51 -10.93
N THR A 82 -10.62 -39.20 -9.67
CA THR A 82 -9.57 -39.86 -8.82
C THR A 82 -8.21 -39.89 -9.55
N PRO A 83 -7.76 -38.74 -9.99
CA PRO A 83 -6.45 -38.63 -10.68
C PRO A 83 -5.28 -38.66 -9.67
N ASN A 84 -5.52 -39.08 -8.45
CA ASN A 84 -4.45 -39.13 -7.41
C ASN A 84 -3.97 -37.72 -7.04
N GLY A 85 -3.60 -36.93 -8.01
CA GLY A 85 -3.14 -35.54 -7.72
C GLY A 85 -2.46 -34.97 -8.96
N PRO A 86 -3.25 -34.70 -9.97
CA PRO A 86 -2.69 -34.13 -11.23
C PRO A 86 -2.12 -32.73 -10.95
N GLU A 87 -2.52 -32.15 -9.83
CA GLU A 87 -1.98 -30.81 -9.44
C GLU A 87 -0.50 -30.98 -9.04
N VAL A 88 -0.17 -32.12 -8.50
CA VAL A 88 1.24 -32.40 -8.07
C VAL A 88 1.90 -33.44 -9.00
N HIS A 89 1.13 -34.20 -9.73
CA HIS A 89 1.73 -35.23 -10.65
C HIS A 89 0.81 -35.48 -11.85
N GLY A 90 1.30 -35.22 -13.05
CA GLY A 90 0.46 -35.46 -14.27
C GLY A 90 0.59 -36.92 -14.73
N GLY A 1 6.61 33.14 -15.29
CA GLY A 1 5.25 32.94 -15.86
C GLY A 1 4.35 32.25 -14.83
N SER A 2 3.18 31.82 -15.21
CA SER A 2 2.28 31.12 -14.26
C SER A 2 1.14 30.41 -15.02
N MET A 3 0.07 30.08 -14.35
CA MET A 3 -1.07 29.39 -15.03
C MET A 3 -2.38 30.17 -14.85
N SER A 4 -3.31 29.99 -15.75
CA SER A 4 -4.61 30.72 -15.65
C SER A 4 -5.79 29.76 -15.43
N ILE A 5 -5.68 28.90 -14.44
CA ILE A 5 -6.79 27.93 -14.14
C ILE A 5 -8.10 28.70 -13.99
N MET A 6 -8.05 29.78 -13.26
CA MET A 6 -9.26 30.63 -13.02
C MET A 6 -10.43 29.78 -12.49
N ASP A 7 -10.14 28.71 -11.80
CA ASP A 7 -11.24 27.85 -11.23
C ASP A 7 -11.99 28.60 -10.11
N HIS A 8 -11.38 29.62 -9.54
CA HIS A 8 -12.04 30.40 -8.44
C HIS A 8 -12.40 29.45 -7.28
N SER A 9 -11.59 28.45 -7.06
CA SER A 9 -11.86 27.48 -5.96
C SER A 9 -10.58 27.19 -5.18
N PRO A 10 -10.72 26.44 -4.10
CA PRO A 10 -9.53 26.10 -3.27
C PRO A 10 -8.68 25.01 -3.94
N THR A 11 -8.22 25.27 -5.14
CA THR A 11 -7.38 24.24 -5.86
C THR A 11 -6.19 23.82 -4.99
N THR A 12 -5.61 24.74 -4.25
CA THR A 12 -4.45 24.38 -3.36
C THR A 12 -4.86 23.26 -2.41
N GLY A 13 -6.12 23.18 -2.05
CA GLY A 13 -6.58 22.07 -1.15
C GLY A 13 -6.60 20.77 -1.95
N VAL A 14 -7.29 20.76 -3.05
CA VAL A 14 -7.32 19.53 -3.91
C VAL A 14 -5.88 19.13 -4.25
N VAL A 15 -5.06 20.09 -4.57
CA VAL A 15 -3.62 19.78 -4.89
C VAL A 15 -2.94 19.23 -3.64
N THR A 16 -3.16 19.86 -2.52
CA THR A 16 -2.54 19.37 -1.23
C THR A 16 -2.99 17.92 -0.98
N VAL A 17 -4.26 17.66 -1.13
CA VAL A 17 -4.74 16.25 -0.93
C VAL A 17 -4.16 15.36 -2.02
N ILE A 18 -4.05 15.83 -3.23
CA ILE A 18 -3.47 14.99 -4.31
C ILE A 18 -2.02 14.67 -3.97
N VAL A 19 -1.29 15.63 -3.47
CA VAL A 19 0.12 15.34 -3.08
C VAL A 19 0.12 14.37 -1.90
N ILE A 20 -0.79 14.55 -0.96
CA ILE A 20 -0.88 13.61 0.20
C ILE A 20 -1.30 12.24 -0.31
N LEU A 21 -2.35 12.18 -1.10
CA LEU A 21 -2.80 10.86 -1.64
C LEU A 21 -1.68 10.27 -2.53
N ILE A 22 -1.04 11.07 -3.35
CA ILE A 22 0.08 10.53 -4.19
C ILE A 22 1.21 10.04 -3.27
N ALA A 23 1.46 10.76 -2.20
CA ALA A 23 2.53 10.32 -1.26
C ALA A 23 2.14 9.03 -0.53
N ILE A 24 0.97 8.97 0.05
CA ILE A 24 0.57 7.69 0.74
C ILE A 24 0.51 6.56 -0.28
N ALA A 25 0.05 6.84 -1.48
CA ALA A 25 0.01 5.78 -2.53
C ALA A 25 1.44 5.37 -2.88
N ALA A 26 2.31 6.32 -3.09
CA ALA A 26 3.72 5.99 -3.39
C ALA A 26 4.33 5.23 -2.22
N LEU A 27 4.07 5.67 -1.01
CA LEU A 27 4.60 4.94 0.18
C LEU A 27 4.01 3.52 0.19
N GLY A 28 2.71 3.40 -0.04
CA GLY A 28 2.07 2.05 -0.07
C GLY A 28 2.75 1.20 -1.15
N ALA A 29 2.96 1.76 -2.32
CA ALA A 29 3.64 0.99 -3.41
C ALA A 29 5.08 0.69 -3.00
N LEU A 30 5.75 1.65 -2.42
CA LEU A 30 7.15 1.42 -1.97
C LEU A 30 7.17 0.24 -0.96
N ILE A 31 6.20 0.22 -0.07
CA ILE A 31 6.12 -0.91 0.91
C ILE A 31 5.70 -2.20 0.18
N LEU A 32 4.71 -2.10 -0.68
CA LEU A 32 4.27 -3.30 -1.46
C LEU A 32 5.45 -3.87 -2.24
N GLY A 33 6.19 -3.03 -2.92
CA GLY A 33 7.38 -3.52 -3.69
C GLY A 33 8.47 -4.00 -2.74
N CYS A 34 8.72 -3.25 -1.68
CA CYS A 34 9.78 -3.67 -0.70
C CYS A 34 9.48 -5.08 -0.17
N TRP A 35 8.28 -5.31 0.31
CA TRP A 35 7.94 -6.68 0.84
C TRP A 35 6.44 -6.84 1.10
N CYS A 36 5.62 -6.63 0.09
CA CYS A 36 4.13 -6.81 0.27
C CYS A 36 3.83 -8.21 0.80
N TYR A 37 4.58 -9.19 0.36
CA TYR A 37 4.37 -10.59 0.84
C TYR A 37 5.68 -11.12 1.46
N LEU A 38 5.61 -12.20 2.20
CA LEU A 38 6.86 -12.76 2.81
C LEU A 38 7.81 -13.34 1.75
N ARG A 39 7.47 -13.27 0.49
CA ARG A 39 8.36 -13.81 -0.58
C ARG A 39 8.83 -12.71 -1.54
N LEU A 40 8.56 -11.45 -1.23
CA LEU A 40 8.99 -10.35 -2.14
C LEU A 40 10.49 -10.07 -1.99
N GLN A 41 11.11 -9.49 -2.99
CA GLN A 41 12.58 -9.18 -2.95
C GLN A 41 13.42 -10.48 -2.79
N ARG A 42 12.82 -11.62 -3.00
CA ARG A 42 13.58 -12.91 -2.88
C ARG A 42 13.06 -13.91 -3.90
N ILE A 43 11.91 -14.46 -3.65
CA ILE A 43 11.30 -15.44 -4.58
C ILE A 43 10.44 -14.70 -5.62
N SER A 44 9.71 -13.68 -5.20
CA SER A 44 8.84 -12.89 -6.13
C SER A 44 8.07 -13.81 -7.09
N GLN A 45 8.55 -14.01 -8.30
CA GLN A 45 7.81 -14.91 -9.26
C GLN A 45 8.70 -16.08 -9.71
N SER A 46 10.00 -15.87 -9.80
CA SER A 46 10.92 -16.98 -10.21
C SER A 46 12.25 -16.83 -9.46
N GLU A 47 12.19 -16.61 -8.17
CA GLU A 47 13.43 -16.43 -7.35
C GLU A 47 14.16 -15.14 -7.77
N ASP A 48 15.44 -15.02 -7.46
CA ASP A 48 16.21 -13.78 -7.84
C ASP A 48 15.83 -13.29 -9.26
N GLU A 49 15.77 -14.18 -10.21
CA GLU A 49 15.38 -13.79 -11.62
C GLU A 49 16.21 -12.59 -12.14
N GLU A 50 15.69 -11.38 -12.04
CA GLU A 50 16.44 -10.18 -12.54
C GLU A 50 17.69 -9.92 -11.68
N SER A 51 18.70 -10.72 -11.86
CA SER A 51 19.96 -10.57 -11.09
C SER A 51 20.94 -11.68 -11.49
N ILE A 52 20.58 -12.90 -11.20
CA ILE A 52 21.45 -14.06 -11.56
C ILE A 52 21.24 -14.45 -13.03
N VAL A 53 20.01 -14.36 -13.50
CA VAL A 53 19.71 -14.74 -14.92
C VAL A 53 20.74 -14.14 -15.89
N GLY A 54 21.21 -12.94 -15.63
CA GLY A 54 22.23 -12.33 -16.54
C GLY A 54 21.55 -11.93 -17.86
N ASP A 55 21.03 -12.90 -18.58
CA ASP A 55 20.33 -12.59 -19.85
C ASP A 55 18.97 -11.93 -19.57
N GLY A 56 18.90 -10.65 -19.75
CA GLY A 56 17.63 -9.89 -19.50
C GLY A 56 17.82 -8.45 -19.99
N GLU A 57 18.54 -8.30 -21.07
CA GLU A 57 18.82 -6.93 -21.62
C GLU A 57 19.13 -7.01 -23.12
N THR A 58 19.84 -8.03 -23.55
CA THR A 58 20.19 -8.16 -25.00
C THR A 58 19.01 -8.77 -25.79
N LYS A 59 19.29 -9.52 -26.83
CA LYS A 59 18.19 -10.14 -27.65
C LYS A 59 17.23 -10.92 -26.73
N GLU A 60 15.94 -10.81 -26.95
CA GLU A 60 14.97 -11.56 -26.09
C GLU A 60 13.76 -12.03 -26.90
N PRO A 61 13.35 -13.25 -26.65
CA PRO A 61 12.17 -13.82 -27.36
C PRO A 61 10.86 -13.38 -26.68
N PHE A 62 9.73 -13.82 -27.18
CA PHE A 62 8.43 -13.42 -26.56
C PHE A 62 8.41 -13.78 -25.06
N LEU A 63 7.61 -13.10 -24.28
CA LEU A 63 7.57 -13.41 -22.80
C LEU A 63 7.34 -14.91 -22.55
N LEU A 64 6.63 -15.58 -23.43
CA LEU A 64 6.40 -17.05 -23.27
C LEU A 64 7.75 -17.78 -23.30
N VAL A 65 8.49 -17.64 -24.37
CA VAL A 65 9.83 -18.30 -24.45
C VAL A 65 10.76 -17.67 -23.41
N GLN A 66 10.60 -16.41 -23.16
CA GLN A 66 11.45 -15.73 -22.15
C GLN A 66 11.29 -16.46 -20.82
N TYR A 67 10.09 -16.51 -20.30
CA TYR A 67 9.87 -17.23 -19.02
C TYR A 67 10.19 -18.72 -19.21
N SER A 68 9.89 -19.26 -20.37
CA SER A 68 10.19 -20.70 -20.65
C SER A 68 11.69 -20.97 -20.56
N ALA A 69 12.51 -20.10 -21.09
CA ALA A 69 13.99 -20.33 -21.02
C ALA A 69 14.58 -19.74 -19.74
N LYS A 70 14.13 -18.58 -19.35
CA LYS A 70 14.65 -17.95 -18.09
C LYS A 70 14.24 -18.78 -16.88
N GLY A 71 13.02 -19.24 -16.85
CA GLY A 71 12.52 -20.07 -15.69
C GLY A 71 13.58 -21.12 -15.31
N PRO A 72 13.87 -22.01 -16.23
CA PRO A 72 14.88 -23.07 -15.97
C PRO A 72 16.28 -22.45 -15.84
N CYS A 73 16.61 -21.44 -16.61
CA CYS A 73 17.96 -20.81 -16.48
C CYS A 73 18.08 -20.12 -15.11
N VAL A 74 17.06 -19.41 -14.71
CA VAL A 74 17.08 -18.72 -13.39
C VAL A 74 16.99 -19.75 -12.28
N GLU A 75 16.12 -20.72 -12.42
CA GLU A 75 16.00 -21.79 -11.37
C GLU A 75 17.35 -22.45 -11.13
N ARG A 76 18.07 -22.73 -12.18
CA ARG A 76 19.42 -23.36 -12.06
C ARG A 76 20.39 -22.38 -11.43
N LYS A 77 20.42 -21.18 -11.94
CA LYS A 77 21.33 -20.13 -11.39
C LYS A 77 21.01 -19.87 -9.92
N ALA A 78 19.77 -19.56 -9.65
CA ALA A 78 19.34 -19.29 -8.24
C ALA A 78 19.71 -20.46 -7.34
N LYS A 79 19.37 -21.66 -7.71
CA LYS A 79 19.71 -22.83 -6.87
C LYS A 79 21.24 -23.07 -6.83
N LEU A 80 21.95 -22.63 -7.85
CA LEU A 80 23.43 -22.81 -7.86
C LEU A 80 24.10 -21.72 -7.01
N MET A 81 23.50 -20.55 -6.96
CA MET A 81 24.08 -19.43 -6.14
C MET A 81 23.54 -19.50 -4.71
N THR A 82 22.24 -19.64 -4.56
CA THR A 82 21.64 -19.72 -3.19
C THR A 82 21.77 -21.17 -2.65
N PRO A 83 21.49 -21.33 -1.38
CA PRO A 83 21.61 -22.68 -0.75
C PRO A 83 20.44 -23.63 -1.12
N ASN A 84 19.55 -23.23 -2.00
CA ASN A 84 18.40 -24.12 -2.40
C ASN A 84 17.58 -24.54 -1.17
N GLY A 85 17.66 -23.80 -0.09
CA GLY A 85 16.88 -24.15 1.15
C GLY A 85 16.72 -22.90 2.02
N PRO A 86 17.75 -22.62 2.79
CA PRO A 86 17.73 -21.40 3.65
C PRO A 86 17.90 -20.17 2.77
N GLU A 87 17.96 -18.99 3.35
CA GLU A 87 18.08 -17.72 2.54
C GLU A 87 16.77 -17.53 1.76
N VAL A 88 16.46 -18.47 0.93
CA VAL A 88 15.17 -18.44 0.16
C VAL A 88 14.04 -18.98 1.05
N HIS A 89 14.37 -19.86 1.97
CA HIS A 89 13.35 -20.45 2.90
C HIS A 89 12.18 -21.06 2.12
N GLY A 90 12.45 -21.99 1.24
CA GLY A 90 11.37 -22.64 0.45
C GLY A 90 11.20 -21.92 -0.90
N GLY A 1 -3.68 33.10 -3.73
CA GLY A 1 -2.39 33.72 -4.17
C GLY A 1 -1.26 32.68 -4.15
N SER A 2 -0.15 32.95 -4.82
CA SER A 2 0.98 31.96 -4.84
C SER A 2 0.50 30.61 -5.42
N MET A 3 1.07 29.51 -4.98
CA MET A 3 0.59 28.19 -5.49
C MET A 3 -0.92 28.10 -5.29
N SER A 4 -1.40 28.69 -4.22
CA SER A 4 -2.87 28.72 -3.95
C SER A 4 -3.47 29.88 -4.76
N ILE A 5 -3.22 29.91 -6.06
CA ILE A 5 -3.73 31.01 -6.95
C ILE A 5 -4.99 31.63 -6.36
N MET A 6 -6.05 30.90 -6.36
CA MET A 6 -7.30 31.42 -5.78
C MET A 6 -7.50 30.81 -4.39
N ASP A 7 -7.15 31.52 -3.34
CA ASP A 7 -7.35 30.97 -1.96
C ASP A 7 -8.84 30.66 -1.77
N HIS A 8 -9.69 31.33 -2.53
CA HIS A 8 -11.15 31.03 -2.46
C HIS A 8 -11.48 29.87 -3.42
N SER A 9 -10.58 28.93 -3.57
CA SER A 9 -10.83 27.79 -4.51
C SER A 9 -10.20 26.50 -3.95
N PRO A 10 -10.72 25.38 -4.41
CA PRO A 10 -10.20 24.07 -3.95
C PRO A 10 -8.91 23.68 -4.72
N THR A 11 -8.27 24.62 -5.38
CA THR A 11 -7.02 24.31 -6.12
C THR A 11 -5.93 23.83 -5.16
N THR A 12 -5.52 24.68 -4.26
CA THR A 12 -4.47 24.30 -3.26
C THR A 12 -4.98 23.16 -2.38
N GLY A 13 -6.26 23.13 -2.11
CA GLY A 13 -6.83 22.03 -1.27
C GLY A 13 -6.76 20.73 -2.06
N VAL A 14 -7.29 20.72 -3.26
CA VAL A 14 -7.23 19.48 -4.10
C VAL A 14 -5.76 19.13 -4.37
N VAL A 15 -4.91 20.10 -4.57
CA VAL A 15 -3.46 19.79 -4.82
C VAL A 15 -2.85 19.22 -3.54
N THR A 16 -3.17 19.81 -2.41
CA THR A 16 -2.62 19.29 -1.12
C THR A 16 -3.06 17.85 -0.90
N VAL A 17 -4.33 17.57 -1.02
CA VAL A 17 -4.81 16.18 -0.84
C VAL A 17 -4.23 15.28 -1.93
N ILE A 18 -4.13 15.76 -3.16
CA ILE A 18 -3.53 14.92 -4.24
C ILE A 18 -2.06 14.66 -3.91
N VAL A 19 -1.37 15.63 -3.39
CA VAL A 19 0.06 15.40 -3.03
C VAL A 19 0.15 14.41 -1.87
N ILE A 20 -0.62 14.59 -0.82
CA ILE A 20 -0.56 13.61 0.31
C ILE A 20 -1.12 12.26 -0.15
N LEU A 21 -2.12 12.24 -1.00
CA LEU A 21 -2.65 10.93 -1.49
C LEU A 21 -1.60 10.31 -2.43
N ILE A 22 -1.00 11.10 -3.30
CA ILE A 22 0.06 10.54 -4.20
C ILE A 22 1.19 10.01 -3.34
N ALA A 23 1.58 10.76 -2.34
CA ALA A 23 2.66 10.30 -1.42
C ALA A 23 2.22 9.03 -0.68
N ILE A 24 1.02 9.02 -0.15
CA ILE A 24 0.53 7.80 0.56
C ILE A 24 0.51 6.61 -0.42
N ALA A 25 -0.01 6.81 -1.61
CA ALA A 25 -0.02 5.72 -2.62
C ALA A 25 1.42 5.33 -2.96
N ALA A 26 2.28 6.30 -3.16
CA ALA A 26 3.70 5.98 -3.46
C ALA A 26 4.32 5.23 -2.29
N LEU A 27 4.04 5.66 -1.07
CA LEU A 27 4.58 4.94 0.12
C LEU A 27 4.00 3.53 0.15
N GLY A 28 2.70 3.40 -0.05
CA GLY A 28 2.07 2.05 -0.07
C GLY A 28 2.73 1.21 -1.17
N ALA A 29 2.92 1.78 -2.34
CA ALA A 29 3.58 1.03 -3.44
C ALA A 29 5.02 0.71 -3.04
N LEU A 30 5.72 1.66 -2.46
CA LEU A 30 7.12 1.42 -2.01
C LEU A 30 7.11 0.28 -0.99
N ILE A 31 6.15 0.26 -0.10
CA ILE A 31 6.07 -0.84 0.91
C ILE A 31 5.70 -2.15 0.21
N LEU A 32 4.66 -2.12 -0.60
CA LEU A 32 4.25 -3.36 -1.33
C LEU A 32 5.43 -3.88 -2.17
N GLY A 33 6.14 -2.99 -2.84
CA GLY A 33 7.32 -3.41 -3.65
C GLY A 33 8.44 -3.87 -2.71
N CYS A 34 8.63 -3.19 -1.61
CA CYS A 34 9.72 -3.58 -0.66
C CYS A 34 9.48 -4.99 -0.13
N TRP A 35 8.28 -5.29 0.31
CA TRP A 35 7.99 -6.67 0.83
C TRP A 35 6.48 -6.89 1.03
N CYS A 36 5.68 -6.50 0.06
CA CYS A 36 4.19 -6.67 0.14
C CYS A 36 3.60 -5.97 1.37
N TYR A 37 3.66 -6.57 2.54
CA TYR A 37 3.07 -5.92 3.76
C TYR A 37 3.77 -6.39 5.05
N LEU A 38 3.66 -7.66 5.39
CA LEU A 38 4.32 -8.15 6.64
C LEU A 38 5.52 -9.06 6.31
N ARG A 39 6.03 -9.00 5.09
CA ARG A 39 7.20 -9.83 4.66
C ARG A 39 7.28 -11.17 5.41
N LEU A 40 6.19 -11.89 5.43
CA LEU A 40 6.14 -13.23 6.12
C LEU A 40 6.85 -13.19 7.47
N GLN A 41 6.56 -12.19 8.28
CA GLN A 41 7.22 -12.10 9.64
C GLN A 41 6.68 -13.18 10.60
N ARG A 42 6.50 -14.39 10.14
CA ARG A 42 5.98 -15.47 11.03
C ARG A 42 6.69 -16.80 10.73
N ILE A 43 6.48 -17.34 9.56
CA ILE A 43 7.12 -18.62 9.16
C ILE A 43 8.32 -18.34 8.25
N SER A 44 8.16 -17.38 7.38
CA SER A 44 9.25 -16.98 6.40
C SER A 44 9.37 -17.99 5.26
N GLN A 45 8.98 -17.61 4.08
CA GLN A 45 9.07 -18.53 2.90
C GLN A 45 9.96 -17.92 1.81
N SER A 46 10.18 -18.64 0.74
CA SER A 46 11.04 -18.12 -0.36
C SER A 46 10.27 -17.08 -1.20
N GLU A 47 9.11 -17.42 -1.67
CA GLU A 47 8.31 -16.45 -2.48
C GLU A 47 6.99 -16.09 -1.79
N ASP A 48 6.15 -15.32 -2.45
CA ASP A 48 4.82 -14.92 -1.87
C ASP A 48 5.01 -14.12 -0.56
N GLU A 49 3.92 -13.61 -0.04
CA GLU A 49 3.98 -12.83 1.22
C GLU A 49 2.67 -13.02 2.01
N GLU A 50 1.56 -12.64 1.42
CA GLU A 50 0.25 -12.81 2.12
C GLU A 50 -0.58 -13.90 1.42
N SER A 51 -0.81 -15.00 2.08
CA SER A 51 -1.61 -16.10 1.47
C SER A 51 -2.17 -17.02 2.56
N ILE A 52 -1.33 -17.79 3.21
CA ILE A 52 -1.79 -18.73 4.28
C ILE A 52 -2.67 -18.00 5.30
N VAL A 53 -2.16 -16.95 5.91
CA VAL A 53 -2.97 -16.20 6.92
C VAL A 53 -3.87 -15.15 6.25
N GLY A 54 -3.42 -14.57 5.16
CA GLY A 54 -4.25 -13.53 4.46
C GLY A 54 -4.77 -14.09 3.13
N ASP A 55 -5.61 -15.09 3.19
CA ASP A 55 -6.16 -15.66 1.92
C ASP A 55 -7.48 -14.97 1.54
N GLY A 56 -8.32 -15.63 0.78
CA GLY A 56 -9.61 -15.03 0.35
C GLY A 56 -9.82 -15.37 -1.12
N GLU A 57 -8.77 -15.29 -1.89
CA GLU A 57 -8.86 -15.63 -3.34
C GLU A 57 -7.61 -16.42 -3.77
N THR A 58 -7.13 -17.30 -2.89
CA THR A 58 -5.89 -18.12 -3.20
C THR A 58 -4.87 -17.30 -3.99
N LYS A 59 -4.49 -16.16 -3.48
CA LYS A 59 -3.49 -15.31 -4.20
C LYS A 59 -2.14 -16.02 -4.31
N GLU A 60 -1.98 -16.77 -5.36
CA GLU A 60 -0.71 -17.52 -5.58
C GLU A 60 0.18 -16.77 -6.59
N PRO A 61 1.22 -16.15 -6.07
CA PRO A 61 2.16 -15.39 -6.92
C PRO A 61 3.03 -16.33 -7.78
N PHE A 62 3.37 -17.48 -7.25
CA PHE A 62 4.19 -18.44 -8.05
C PHE A 62 3.46 -18.88 -9.32
N LEU A 63 2.17 -19.09 -9.23
CA LEU A 63 1.38 -19.50 -10.44
C LEU A 63 1.65 -18.55 -11.61
N LEU A 64 1.79 -17.28 -11.31
CA LEU A 64 2.07 -16.27 -12.38
C LEU A 64 3.41 -16.61 -13.05
N VAL A 65 4.47 -16.75 -12.26
CA VAL A 65 5.80 -17.10 -12.86
C VAL A 65 5.73 -18.53 -13.42
N GLN A 66 4.95 -19.38 -12.80
CA GLN A 66 4.80 -20.78 -13.30
C GLN A 66 4.29 -20.71 -14.74
N TYR A 67 3.23 -19.98 -14.94
CA TYR A 67 2.66 -19.81 -16.30
C TYR A 67 3.61 -18.97 -17.16
N SER A 68 4.14 -17.91 -16.59
CA SER A 68 5.09 -17.03 -17.33
C SER A 68 6.32 -17.82 -17.78
N ALA A 69 6.80 -18.74 -16.97
CA ALA A 69 7.98 -19.55 -17.38
C ALA A 69 7.54 -20.76 -18.22
N LYS A 70 6.49 -21.42 -17.81
CA LYS A 70 6.00 -22.61 -18.58
C LYS A 70 5.52 -22.20 -19.96
N GLY A 71 4.75 -21.15 -20.03
CA GLY A 71 4.22 -20.65 -21.34
C GLY A 71 5.32 -20.73 -22.42
N PRO A 72 6.35 -19.94 -22.21
CA PRO A 72 7.49 -19.94 -23.17
C PRO A 72 8.25 -21.28 -23.08
N CYS A 73 8.47 -21.81 -21.90
CA CYS A 73 9.18 -23.12 -21.81
C CYS A 73 8.42 -24.19 -22.61
N VAL A 74 7.12 -24.17 -22.54
CA VAL A 74 6.30 -25.16 -23.32
C VAL A 74 6.31 -24.76 -24.78
N GLU A 75 6.04 -23.52 -25.07
CA GLU A 75 6.06 -23.06 -26.49
C GLU A 75 7.42 -23.41 -27.11
N ARG A 76 8.49 -23.18 -26.39
CA ARG A 76 9.85 -23.51 -26.91
C ARG A 76 9.99 -25.03 -27.10
N LYS A 77 9.63 -25.80 -26.10
CA LYS A 77 9.72 -27.29 -26.26
C LYS A 77 8.81 -27.75 -27.41
N ALA A 78 7.70 -27.07 -27.59
CA ALA A 78 6.77 -27.42 -28.71
C ALA A 78 7.39 -26.99 -30.03
N LYS A 79 7.97 -25.82 -30.07
CA LYS A 79 8.63 -25.33 -31.33
C LYS A 79 9.89 -26.17 -31.60
N LEU A 80 10.56 -26.61 -30.56
CA LEU A 80 11.78 -27.44 -30.74
C LEU A 80 11.41 -28.87 -31.16
N MET A 81 10.28 -29.35 -30.69
CA MET A 81 9.85 -30.74 -31.05
C MET A 81 9.11 -30.73 -32.40
N THR A 82 8.22 -29.78 -32.61
CA THR A 82 7.47 -29.70 -33.90
C THR A 82 8.28 -28.91 -34.93
N PRO A 83 7.85 -28.93 -36.18
CA PRO A 83 8.56 -28.17 -37.23
C PRO A 83 8.27 -26.66 -37.13
N ASN A 84 7.51 -26.24 -36.15
CA ASN A 84 7.22 -24.78 -36.00
C ASN A 84 8.47 -24.04 -35.48
N GLY A 85 9.65 -24.42 -35.95
CA GLY A 85 10.89 -23.74 -35.47
C GLY A 85 10.98 -22.32 -36.02
N PRO A 86 11.01 -22.20 -37.33
CA PRO A 86 11.10 -20.88 -37.97
C PRO A 86 9.80 -20.09 -37.83
N GLU A 87 8.67 -20.75 -37.84
CA GLU A 87 7.37 -20.02 -37.68
C GLU A 87 7.44 -19.13 -36.44
N VAL A 88 8.02 -19.64 -35.39
CA VAL A 88 8.15 -18.84 -34.14
C VAL A 88 9.59 -18.30 -33.99
N HIS A 89 10.55 -18.91 -34.67
CA HIS A 89 11.97 -18.44 -34.60
C HIS A 89 12.50 -18.54 -33.15
N GLY A 90 12.41 -19.70 -32.55
CA GLY A 90 12.93 -19.88 -31.16
C GLY A 90 11.77 -20.02 -30.18
N GLY A 1 -7.86 28.36 7.92
CA GLY A 1 -7.27 29.56 8.59
C GLY A 1 -8.38 30.47 9.10
N SER A 2 -8.99 31.23 8.22
CA SER A 2 -10.10 32.13 8.66
C SER A 2 -11.33 31.99 7.75
N MET A 3 -11.12 31.89 6.47
CA MET A 3 -12.28 31.76 5.52
C MET A 3 -12.39 30.32 5.02
N SER A 4 -13.14 29.50 5.71
CA SER A 4 -13.32 28.08 5.27
C SER A 4 -13.74 28.01 3.80
N ILE A 5 -14.45 29.00 3.33
CA ILE A 5 -14.90 29.01 1.90
C ILE A 5 -13.69 28.95 0.97
N MET A 6 -12.66 29.65 1.31
CA MET A 6 -11.42 29.65 0.47
C MET A 6 -10.17 29.64 1.36
N ASP A 7 -9.84 30.76 1.97
CA ASP A 7 -8.60 30.82 2.83
C ASP A 7 -7.33 30.64 1.98
N HIS A 8 -7.30 29.63 1.12
CA HIS A 8 -6.10 29.40 0.26
C HIS A 8 -6.54 28.87 -1.12
N SER A 9 -7.75 29.19 -1.53
CA SER A 9 -8.29 28.71 -2.85
C SER A 9 -8.52 27.20 -2.84
N PRO A 10 -9.50 26.76 -3.59
CA PRO A 10 -9.82 25.31 -3.68
C PRO A 10 -8.68 24.57 -4.41
N THR A 11 -7.95 25.27 -5.23
CA THR A 11 -6.80 24.66 -5.97
C THR A 11 -5.76 24.11 -4.98
N THR A 12 -5.29 24.95 -4.09
CA THR A 12 -4.29 24.49 -3.08
C THR A 12 -4.86 23.35 -2.23
N GLY A 13 -6.15 23.34 -2.04
CA GLY A 13 -6.79 22.25 -1.24
C GLY A 13 -6.74 20.94 -2.03
N VAL A 14 -7.29 20.92 -3.22
CA VAL A 14 -7.27 19.67 -4.03
C VAL A 14 -5.81 19.27 -4.34
N VAL A 15 -4.93 20.23 -4.49
CA VAL A 15 -3.50 19.88 -4.75
C VAL A 15 -2.88 19.27 -3.49
N THR A 16 -3.17 19.85 -2.35
CA THR A 16 -2.64 19.31 -1.06
C THR A 16 -3.09 17.87 -0.87
N VAL A 17 -4.38 17.63 -0.99
CA VAL A 17 -4.89 16.24 -0.81
C VAL A 17 -4.34 15.33 -1.94
N ILE A 18 -4.19 15.85 -3.14
CA ILE A 18 -3.62 15.01 -4.24
C ILE A 18 -2.16 14.67 -3.93
N VAL A 19 -1.40 15.62 -3.49
CA VAL A 19 0.01 15.34 -3.13
C VAL A 19 0.04 14.34 -1.97
N ILE A 20 -0.82 14.52 -1.00
CA ILE A 20 -0.88 13.57 0.15
C ILE A 20 -1.31 12.19 -0.34
N LEU A 21 -2.37 12.15 -1.11
CA LEU A 21 -2.83 10.83 -1.66
C LEU A 21 -1.72 10.25 -2.56
N ILE A 22 -1.11 11.07 -3.39
CA ILE A 22 0.01 10.56 -4.24
C ILE A 22 1.12 10.00 -3.35
N ALA A 23 1.47 10.72 -2.31
CA ALA A 23 2.54 10.24 -1.39
C ALA A 23 2.07 8.95 -0.69
N ILE A 24 0.87 8.94 -0.19
CA ILE A 24 0.34 7.69 0.48
C ILE A 24 0.41 6.53 -0.51
N ALA A 25 -0.06 6.74 -1.72
CA ALA A 25 -0.01 5.65 -2.74
C ALA A 25 1.44 5.28 -3.05
N ALA A 26 2.28 6.26 -3.26
CA ALA A 26 3.71 5.96 -3.54
C ALA A 26 4.31 5.17 -2.37
N LEU A 27 4.05 5.61 -1.16
CA LEU A 27 4.55 4.85 0.03
C LEU A 27 3.94 3.45 0.02
N GLY A 28 2.64 3.35 -0.17
CA GLY A 28 1.96 2.02 -0.22
C GLY A 28 2.66 1.12 -1.25
N ALA A 29 3.06 1.68 -2.38
CA ALA A 29 3.76 0.86 -3.40
C ALA A 29 5.20 0.62 -2.96
N LEU A 30 5.83 1.64 -2.44
CA LEU A 30 7.24 1.50 -1.95
C LEU A 30 7.33 0.34 -0.95
N ILE A 31 6.41 0.26 -0.01
CA ILE A 31 6.44 -0.85 0.98
C ILE A 31 5.93 -2.16 0.36
N LEU A 32 4.85 -2.12 -0.39
CA LEU A 32 4.34 -3.39 -1.02
C LEU A 32 5.45 -3.99 -1.88
N GLY A 33 6.11 -3.17 -2.67
CA GLY A 33 7.22 -3.69 -3.53
C GLY A 33 8.36 -4.20 -2.65
N CYS A 34 8.87 -3.37 -1.77
CA CYS A 34 9.99 -3.84 -0.89
C CYS A 34 9.59 -5.10 -0.09
N TRP A 35 8.35 -5.18 0.34
CA TRP A 35 7.90 -6.37 1.12
C TRP A 35 7.65 -7.59 0.19
N CYS A 36 6.88 -7.40 -0.85
CA CYS A 36 6.56 -8.54 -1.77
C CYS A 36 7.76 -8.90 -2.67
N TYR A 37 8.65 -7.97 -2.95
CA TYR A 37 9.83 -8.30 -3.82
C TYR A 37 11.01 -8.75 -2.96
N LEU A 38 11.36 -8.00 -1.94
CA LEU A 38 12.49 -8.39 -1.07
C LEU A 38 11.97 -9.08 0.19
N ARG A 39 11.34 -8.33 1.06
CA ARG A 39 10.79 -8.90 2.33
C ARG A 39 10.38 -7.75 3.27
N LEU A 40 11.31 -6.88 3.61
CA LEU A 40 11.03 -5.74 4.53
C LEU A 40 10.66 -6.23 5.94
N GLN A 41 10.59 -5.33 6.90
CA GLN A 41 10.27 -5.73 8.32
C GLN A 41 11.22 -6.84 8.81
N ARG A 42 12.46 -6.79 8.38
CA ARG A 42 13.46 -7.82 8.83
C ARG A 42 14.12 -7.37 10.14
N ILE A 43 14.58 -6.15 10.16
CA ILE A 43 15.23 -5.59 11.37
C ILE A 43 14.20 -5.45 12.51
N SER A 44 12.94 -5.50 12.18
CA SER A 44 11.87 -5.38 13.21
C SER A 44 11.32 -6.77 13.60
N GLN A 45 10.17 -6.81 14.23
CA GLN A 45 9.58 -8.11 14.65
C GLN A 45 8.22 -8.35 13.97
N SER A 46 7.60 -9.48 14.22
CA SER A 46 6.26 -9.79 13.61
C SER A 46 6.35 -9.76 12.08
N GLU A 47 7.19 -10.59 11.52
CA GLU A 47 7.32 -10.63 10.03
C GLU A 47 6.12 -11.32 9.38
N ASP A 48 5.83 -10.98 8.15
CA ASP A 48 4.68 -11.61 7.44
C ASP A 48 4.87 -11.50 5.91
N GLU A 49 4.01 -12.13 5.16
CA GLU A 49 4.09 -12.09 3.67
C GLU A 49 3.85 -10.66 3.17
N GLU A 50 3.03 -9.91 3.86
CA GLU A 50 2.73 -8.50 3.43
C GLU A 50 2.32 -7.66 4.65
N SER A 51 1.75 -6.50 4.42
CA SER A 51 1.31 -5.63 5.55
C SER A 51 0.03 -4.89 5.17
N ILE A 52 0.05 -4.19 4.07
CA ILE A 52 -1.16 -3.44 3.62
C ILE A 52 -2.15 -4.41 2.96
N VAL A 53 -1.67 -5.38 2.25
CA VAL A 53 -2.57 -6.36 1.58
C VAL A 53 -3.26 -7.23 2.65
N GLY A 54 -2.49 -7.85 3.49
CA GLY A 54 -3.07 -8.71 4.57
C GLY A 54 -3.31 -10.11 4.01
N ASP A 55 -4.09 -10.20 2.96
CA ASP A 55 -4.40 -11.52 2.32
C ASP A 55 -5.20 -12.44 3.26
N GLY A 56 -5.81 -13.44 2.71
CA GLY A 56 -6.59 -14.43 3.51
C GLY A 56 -6.18 -15.82 3.03
N GLU A 57 -4.90 -16.01 2.87
CA GLU A 57 -4.35 -17.29 2.35
C GLU A 57 -4.83 -17.51 0.91
N THR A 58 -4.92 -16.45 0.15
CA THR A 58 -5.36 -16.56 -1.28
C THR A 58 -4.17 -16.96 -2.16
N LYS A 59 -3.41 -17.95 -1.76
CA LYS A 59 -2.23 -18.37 -2.57
C LYS A 59 -1.95 -19.87 -2.40
N GLU A 60 -0.88 -20.35 -2.97
CA GLU A 60 -0.55 -21.80 -2.85
C GLU A 60 0.86 -22.00 -2.26
N PRO A 61 0.96 -21.77 -0.97
CA PRO A 61 2.28 -21.91 -0.28
C PRO A 61 2.66 -23.38 -0.06
N PHE A 62 1.75 -24.20 0.41
CA PHE A 62 2.09 -25.64 0.63
C PHE A 62 0.83 -26.49 0.84
N LEU A 63 0.13 -26.29 1.92
CA LEU A 63 -1.11 -27.09 2.19
C LEU A 63 -2.11 -26.91 1.05
N LEU A 64 -2.34 -25.68 0.65
CA LEU A 64 -3.28 -25.40 -0.47
C LEU A 64 -2.80 -26.13 -1.74
N VAL A 65 -1.50 -26.16 -1.97
CA VAL A 65 -0.96 -26.89 -3.17
C VAL A 65 -1.20 -28.38 -2.96
N GLN A 66 -0.93 -28.85 -1.78
CA GLN A 66 -1.13 -30.30 -1.49
C GLN A 66 -2.58 -30.68 -1.79
N TYR A 67 -3.51 -29.87 -1.36
CA TYR A 67 -4.95 -30.15 -1.63
C TYR A 67 -5.31 -29.89 -3.09
N SER A 68 -4.95 -28.74 -3.60
CA SER A 68 -5.27 -28.42 -5.03
C SER A 68 -4.56 -29.41 -5.98
N ALA A 69 -3.38 -29.86 -5.64
CA ALA A 69 -2.68 -30.83 -6.54
C ALA A 69 -3.23 -32.24 -6.33
N LYS A 70 -3.45 -32.63 -5.10
CA LYS A 70 -4.00 -34.00 -4.82
C LYS A 70 -5.45 -34.10 -5.29
N GLY A 71 -6.20 -33.02 -5.24
CA GLY A 71 -7.63 -33.06 -5.70
C GLY A 71 -7.70 -33.75 -7.06
N PRO A 72 -7.09 -33.15 -8.05
CA PRO A 72 -7.04 -33.74 -9.40
C PRO A 72 -6.19 -35.01 -9.39
N CYS A 73 -5.06 -35.00 -8.70
CA CYS A 73 -4.22 -36.24 -8.65
C CYS A 73 -5.07 -37.41 -8.13
N VAL A 74 -5.85 -37.17 -7.11
CA VAL A 74 -6.73 -38.24 -6.56
C VAL A 74 -7.92 -38.45 -7.51
N GLU A 75 -8.53 -37.38 -7.96
CA GLU A 75 -9.67 -37.51 -8.92
C GLU A 75 -9.25 -38.38 -10.10
N ARG A 76 -8.06 -38.13 -10.60
CA ARG A 76 -7.53 -38.93 -11.74
C ARG A 76 -7.20 -40.35 -11.26
N LYS A 77 -6.56 -40.45 -10.13
CA LYS A 77 -6.21 -41.80 -9.59
C LYS A 77 -7.48 -42.64 -9.40
N ALA A 78 -8.53 -42.02 -8.93
CA ALA A 78 -9.82 -42.75 -8.72
C ALA A 78 -10.51 -43.01 -10.06
N LYS A 79 -10.48 -42.04 -10.95
CA LYS A 79 -11.11 -42.23 -12.30
C LYS A 79 -10.34 -43.30 -13.08
N LEU A 80 -9.04 -43.25 -13.03
CA LEU A 80 -8.20 -44.26 -13.74
C LEU A 80 -8.39 -45.64 -13.10
N MET A 81 -8.42 -45.68 -11.79
CA MET A 81 -8.60 -46.97 -11.08
C MET A 81 -10.04 -47.50 -11.29
N THR A 82 -11.01 -46.62 -11.16
CA THR A 82 -12.44 -47.03 -11.36
C THR A 82 -13.05 -46.17 -12.48
N PRO A 83 -13.20 -46.77 -13.64
CA PRO A 83 -13.78 -46.04 -14.80
C PRO A 83 -15.30 -45.81 -14.67
N ASN A 84 -15.86 -45.97 -13.49
CA ASN A 84 -17.33 -45.75 -13.33
C ASN A 84 -17.64 -44.25 -13.38
N GLY A 85 -17.15 -43.56 -14.37
CA GLY A 85 -17.41 -42.09 -14.47
C GLY A 85 -17.11 -41.60 -15.89
N PRO A 86 -17.65 -40.47 -16.23
CA PRO A 86 -17.45 -39.90 -17.59
C PRO A 86 -16.01 -39.37 -17.76
N GLU A 87 -15.75 -38.71 -18.87
CA GLU A 87 -14.37 -38.18 -19.16
C GLU A 87 -13.47 -39.36 -19.52
N VAL A 88 -13.35 -40.28 -18.62
CA VAL A 88 -12.54 -41.50 -18.88
C VAL A 88 -13.41 -42.54 -19.61
N HIS A 89 -14.69 -42.60 -19.26
CA HIS A 89 -15.63 -43.57 -19.93
C HIS A 89 -15.25 -45.03 -19.65
N GLY A 90 -14.08 -45.44 -20.04
CA GLY A 90 -13.66 -46.86 -19.81
C GLY A 90 -12.42 -47.17 -20.65
N GLY A 1 -1.75 34.07 2.68
CA GLY A 1 -1.33 35.09 1.66
C GLY A 1 0.19 35.29 1.74
N SER A 2 0.72 36.16 0.90
CA SER A 2 2.20 36.42 0.89
C SER A 2 2.96 35.09 0.68
N MET A 3 2.67 34.40 -0.39
CA MET A 3 3.36 33.10 -0.65
C MET A 3 3.67 32.92 -2.14
N SER A 4 4.44 31.92 -2.48
CA SER A 4 4.79 31.67 -3.92
C SER A 4 3.73 30.77 -4.58
N ILE A 5 3.09 29.93 -3.80
CA ILE A 5 2.06 29.01 -4.38
C ILE A 5 0.69 29.70 -4.46
N MET A 6 -0.38 28.97 -4.24
CA MET A 6 -1.75 29.57 -4.31
C MET A 6 -2.16 30.15 -2.95
N ASP A 7 -2.49 29.32 -1.98
CA ASP A 7 -2.93 29.84 -0.63
C ASP A 7 -4.25 30.60 -0.75
N HIS A 8 -4.33 31.57 -1.64
CA HIS A 8 -5.60 32.34 -1.81
C HIS A 8 -6.47 31.68 -2.90
N SER A 9 -6.61 30.37 -2.85
CA SER A 9 -7.45 29.65 -3.86
C SER A 9 -7.86 28.28 -3.32
N PRO A 10 -9.07 27.87 -3.67
CA PRO A 10 -9.60 26.55 -3.20
C PRO A 10 -8.83 25.38 -3.82
N THR A 11 -8.11 25.63 -4.89
CA THR A 11 -7.32 24.52 -5.52
C THR A 11 -6.20 24.06 -4.58
N THR A 12 -5.70 24.95 -3.75
CA THR A 12 -4.62 24.58 -2.78
C THR A 12 -5.03 23.33 -1.99
N GLY A 13 -6.29 23.21 -1.68
CA GLY A 13 -6.78 22.02 -0.92
C GLY A 13 -6.76 20.80 -1.84
N VAL A 14 -7.37 20.90 -2.99
CA VAL A 14 -7.37 19.76 -3.96
C VAL A 14 -5.92 19.36 -4.27
N VAL A 15 -5.04 20.32 -4.41
CA VAL A 15 -3.61 20.00 -4.70
C VAL A 15 -2.96 19.37 -3.46
N THR A 16 -3.25 19.90 -2.30
CA THR A 16 -2.68 19.34 -1.05
C THR A 16 -3.09 17.88 -0.90
N VAL A 17 -4.34 17.58 -1.09
CA VAL A 17 -4.81 16.18 -0.95
C VAL A 17 -4.27 15.30 -2.07
N ILE A 18 -4.24 15.74 -3.31
CA ILE A 18 -3.68 14.85 -4.38
C ILE A 18 -2.19 14.63 -4.13
N VAL A 19 -1.52 15.61 -3.57
CA VAL A 19 -0.06 15.44 -3.28
C VAL A 19 0.11 14.43 -2.14
N ILE A 20 -0.62 14.58 -1.05
CA ILE A 20 -0.48 13.58 0.05
C ILE A 20 -1.06 12.24 -0.44
N LEU A 21 -2.05 12.28 -1.29
CA LEU A 21 -2.63 11.02 -1.83
C LEU A 21 -1.57 10.33 -2.71
N ILE A 22 -1.00 11.02 -3.68
CA ILE A 22 0.04 10.36 -4.52
C ILE A 22 1.19 9.89 -3.63
N ALA A 23 1.58 10.71 -2.70
CA ALA A 23 2.68 10.32 -1.76
C ALA A 23 2.27 9.08 -0.97
N ILE A 24 1.07 9.05 -0.43
CA ILE A 24 0.61 7.85 0.33
C ILE A 24 0.61 6.64 -0.61
N ALA A 25 0.09 6.79 -1.81
CA ALA A 25 0.08 5.67 -2.78
C ALA A 25 1.52 5.25 -3.09
N ALA A 26 2.39 6.20 -3.30
CA ALA A 26 3.82 5.87 -3.59
C ALA A 26 4.42 5.16 -2.37
N LEU A 27 4.15 5.67 -1.18
CA LEU A 27 4.67 5.00 0.05
C LEU A 27 4.08 3.58 0.13
N GLY A 28 2.79 3.45 -0.11
CA GLY A 28 2.15 2.10 -0.08
C GLY A 28 2.83 1.21 -1.11
N ALA A 29 3.05 1.71 -2.31
CA ALA A 29 3.74 0.90 -3.35
C ALA A 29 5.17 0.59 -2.92
N LEU A 30 5.85 1.57 -2.39
CA LEU A 30 7.25 1.35 -1.91
C LEU A 30 7.24 0.24 -0.84
N ILE A 31 6.27 0.26 0.04
CA ILE A 31 6.17 -0.80 1.08
C ILE A 31 5.77 -2.13 0.43
N LEU A 32 4.76 -2.12 -0.40
CA LEU A 32 4.31 -3.39 -1.08
C LEU A 32 5.49 -3.99 -1.87
N GLY A 33 6.16 -3.20 -2.66
CA GLY A 33 7.32 -3.73 -3.45
C GLY A 33 8.41 -4.23 -2.50
N CYS A 34 8.74 -3.46 -1.49
CA CYS A 34 9.79 -3.90 -0.51
C CYS A 34 9.33 -5.16 0.25
N TRP A 35 8.04 -5.30 0.47
CA TRP A 35 7.53 -6.51 1.19
C TRP A 35 7.40 -7.70 0.21
N CYS A 36 6.60 -7.53 -0.82
CA CYS A 36 6.38 -8.60 -1.86
C CYS A 36 6.37 -10.02 -1.24
N TYR A 37 7.47 -10.72 -1.24
CA TYR A 37 7.49 -12.09 -0.65
C TYR A 37 8.45 -12.18 0.54
N LEU A 38 9.13 -11.09 0.87
CA LEU A 38 10.07 -11.12 2.04
C LEU A 38 9.55 -10.24 3.19
N ARG A 39 8.56 -9.42 2.95
CA ARG A 39 8.04 -8.54 4.04
C ARG A 39 9.20 -7.79 4.72
N LEU A 40 10.11 -7.26 3.93
CA LEU A 40 11.29 -6.53 4.50
C LEU A 40 11.91 -7.29 5.69
N GLN A 41 11.99 -8.59 5.61
CA GLN A 41 12.58 -9.39 6.73
C GLN A 41 14.13 -9.40 6.69
N ARG A 42 14.74 -8.31 6.31
CA ARG A 42 16.23 -8.26 6.27
C ARG A 42 16.75 -7.76 7.62
N ILE A 43 16.43 -6.54 7.96
CA ILE A 43 16.88 -5.96 9.27
C ILE A 43 16.35 -6.81 10.43
N SER A 44 15.16 -7.33 10.26
CA SER A 44 14.51 -8.17 11.32
C SER A 44 14.16 -7.33 12.55
N GLN A 45 13.26 -6.40 12.38
CA GLN A 45 12.85 -5.52 13.53
C GLN A 45 12.05 -6.33 14.59
N SER A 46 11.51 -7.47 14.22
CA SER A 46 10.73 -8.30 15.20
C SER A 46 9.61 -7.47 15.86
N GLU A 47 8.80 -6.82 15.07
CA GLU A 47 7.70 -5.98 15.65
C GLU A 47 6.56 -6.87 16.19
N ASP A 48 5.62 -6.30 16.90
CA ASP A 48 4.49 -7.11 17.46
C ASP A 48 3.16 -6.72 16.79
N GLU A 49 2.91 -5.45 16.60
CA GLU A 49 1.63 -5.01 15.96
C GLU A 49 1.64 -5.28 14.44
N GLU A 50 0.48 -5.29 13.84
CA GLU A 50 0.40 -5.52 12.36
C GLU A 50 -0.88 -4.87 11.81
N SER A 51 -0.85 -4.39 10.60
CA SER A 51 -2.07 -3.73 10.02
C SER A 51 -1.98 -3.63 8.49
N ILE A 52 -1.16 -4.46 7.88
CA ILE A 52 -1.03 -4.43 6.40
C ILE A 52 -1.40 -5.81 5.86
N VAL A 53 -0.91 -6.84 6.52
CA VAL A 53 -1.22 -8.23 6.09
C VAL A 53 -2.54 -8.68 6.75
N GLY A 54 -2.55 -8.75 8.06
CA GLY A 54 -3.79 -9.18 8.78
C GLY A 54 -3.78 -10.70 8.97
N ASP A 55 -3.59 -11.44 7.90
CA ASP A 55 -3.57 -12.93 7.98
C ASP A 55 -4.92 -13.49 8.47
N GLY A 56 -4.92 -14.66 9.06
CA GLY A 56 -6.19 -15.27 9.55
C GLY A 56 -6.01 -16.79 9.57
N GLU A 57 -5.41 -17.34 8.55
CA GLU A 57 -5.19 -18.80 8.52
C GLU A 57 -3.70 -19.16 8.64
N THR A 58 -2.82 -18.42 7.99
CA THR A 58 -1.35 -18.73 8.10
C THR A 58 -0.92 -18.72 9.57
N LYS A 59 -1.42 -17.76 10.33
CA LYS A 59 -1.07 -17.63 11.79
C LYS A 59 0.40 -17.24 11.98
N GLU A 60 0.63 -16.12 12.62
CA GLU A 60 2.03 -15.63 12.87
C GLU A 60 2.89 -15.72 11.59
N PRO A 61 2.44 -15.07 10.54
CA PRO A 61 3.18 -15.07 9.24
C PRO A 61 4.54 -14.38 9.37
N PHE A 62 4.66 -13.41 10.25
CA PHE A 62 5.96 -12.68 10.42
C PHE A 62 7.08 -13.64 10.84
N LEU A 63 6.99 -14.18 12.02
CA LEU A 63 8.04 -15.14 12.50
C LEU A 63 8.05 -16.43 11.66
N LEU A 64 6.94 -16.80 11.09
CA LEU A 64 6.89 -18.02 10.24
C LEU A 64 7.90 -17.89 9.08
N VAL A 65 7.78 -16.87 8.28
CA VAL A 65 8.76 -16.69 7.16
C VAL A 65 10.10 -16.23 7.71
N GLN A 66 10.10 -15.51 8.81
CA GLN A 66 11.40 -15.08 9.41
C GLN A 66 12.22 -16.34 9.74
N TYR A 67 11.62 -17.28 10.41
CA TYR A 67 12.32 -18.55 10.75
C TYR A 67 12.49 -19.39 9.48
N SER A 68 11.44 -19.53 8.71
CA SER A 68 11.51 -20.34 7.44
C SER A 68 12.63 -19.81 6.55
N ALA A 69 12.73 -18.53 6.37
CA ALA A 69 13.82 -17.97 5.50
C ALA A 69 15.20 -18.07 6.20
N LYS A 70 15.32 -17.48 7.37
CA LYS A 70 16.63 -17.52 8.11
C LYS A 70 17.19 -18.93 8.28
N GLY A 71 16.44 -19.77 8.94
CA GLY A 71 16.90 -21.19 9.21
C GLY A 71 17.78 -21.72 8.07
N PRO A 72 17.19 -21.91 6.92
CA PRO A 72 17.95 -22.40 5.74
C PRO A 72 18.99 -21.38 5.29
N CYS A 73 18.66 -20.11 5.28
CA CYS A 73 19.68 -19.08 4.87
C CYS A 73 20.89 -19.18 5.80
N VAL A 74 20.65 -19.32 7.07
CA VAL A 74 21.77 -19.45 8.05
C VAL A 74 22.43 -20.81 7.89
N GLU A 75 21.64 -21.85 7.79
CA GLU A 75 22.23 -23.21 7.59
C GLU A 75 23.11 -23.22 6.34
N ARG A 76 22.66 -22.59 5.28
CA ARG A 76 23.47 -22.52 4.03
C ARG A 76 24.72 -21.68 4.28
N LYS A 77 24.56 -20.49 4.82
CA LYS A 77 25.74 -19.62 5.10
C LYS A 77 26.72 -20.37 6.03
N ALA A 78 26.19 -21.04 7.01
CA ALA A 78 27.05 -21.80 7.97
C ALA A 78 27.72 -22.96 7.24
N LYS A 79 26.99 -23.73 6.49
CA LYS A 79 27.61 -24.86 5.74
C LYS A 79 28.64 -24.30 4.73
N LEU A 80 28.25 -23.33 3.95
CA LEU A 80 29.19 -22.74 2.94
C LEU A 80 30.45 -22.17 3.60
N MET A 81 30.30 -21.49 4.70
CA MET A 81 31.51 -20.94 5.40
C MET A 81 32.19 -22.02 6.24
N THR A 82 31.43 -22.99 6.71
CA THR A 82 31.98 -24.09 7.56
C THR A 82 32.66 -23.51 8.80
N PRO A 83 31.84 -23.16 9.77
CA PRO A 83 32.36 -22.57 11.04
C PRO A 83 33.15 -23.60 11.87
N ASN A 84 33.24 -24.83 11.41
CA ASN A 84 34.00 -25.88 12.17
C ASN A 84 33.41 -26.05 13.59
N GLY A 85 32.17 -25.69 13.79
CA GLY A 85 31.55 -25.85 15.14
C GLY A 85 30.83 -27.20 15.21
N PRO A 86 29.57 -27.20 14.87
CA PRO A 86 28.78 -28.45 14.87
C PRO A 86 29.20 -29.37 13.74
N GLU A 87 29.73 -28.82 12.68
CA GLU A 87 30.19 -29.66 11.52
C GLU A 87 31.18 -30.74 11.99
N VAL A 88 32.03 -30.40 12.92
CA VAL A 88 33.01 -31.41 13.43
C VAL A 88 32.61 -31.91 14.85
N HIS A 89 31.72 -31.21 15.53
CA HIS A 89 31.30 -31.67 16.90
C HIS A 89 30.04 -32.53 16.83
N GLY A 90 29.14 -32.21 15.93
CA GLY A 90 27.88 -33.01 15.82
C GLY A 90 26.72 -32.25 16.47
N GLY A 1 -13.85 31.69 -12.50
CA GLY A 1 -12.47 32.23 -12.73
C GLY A 1 -11.60 31.14 -13.38
N SER A 2 -10.31 31.14 -13.09
CA SER A 2 -9.40 30.10 -13.70
C SER A 2 -9.67 28.70 -13.10
N MET A 3 -8.84 27.73 -13.43
CA MET A 3 -9.05 26.36 -12.87
C MET A 3 -8.41 26.22 -11.48
N SER A 4 -7.38 26.98 -11.19
CA SER A 4 -6.74 26.90 -9.84
C SER A 4 -7.08 28.15 -9.02
N ILE A 5 -8.34 28.46 -8.92
CA ILE A 5 -8.77 29.65 -8.14
C ILE A 5 -9.29 29.23 -6.77
N MET A 6 -9.99 30.11 -6.08
CA MET A 6 -10.53 29.75 -4.73
C MET A 6 -11.95 30.31 -4.52
N ASP A 7 -12.55 30.90 -5.54
CA ASP A 7 -13.94 31.45 -5.37
C ASP A 7 -14.95 30.31 -5.12
N HIS A 8 -14.64 29.11 -5.58
CA HIS A 8 -15.59 27.97 -5.35
C HIS A 8 -14.87 26.62 -5.16
N SER A 9 -13.57 26.57 -5.37
CA SER A 9 -12.83 25.29 -5.20
C SER A 9 -11.43 25.58 -4.66
N PRO A 10 -11.11 24.99 -3.54
CA PRO A 10 -9.79 25.21 -2.93
C PRO A 10 -8.71 24.45 -3.71
N THR A 11 -8.24 25.02 -4.80
CA THR A 11 -7.18 24.31 -5.60
C THR A 11 -5.99 23.95 -4.68
N THR A 12 -5.63 24.82 -3.78
CA THR A 12 -4.51 24.50 -2.82
C THR A 12 -4.88 23.26 -2.01
N GLY A 13 -6.12 23.19 -1.58
CA GLY A 13 -6.59 22.00 -0.81
C GLY A 13 -6.64 20.78 -1.74
N VAL A 14 -7.29 20.92 -2.87
CA VAL A 14 -7.37 19.78 -3.83
C VAL A 14 -5.94 19.33 -4.20
N VAL A 15 -5.05 20.27 -4.37
CA VAL A 15 -3.63 19.91 -4.70
C VAL A 15 -2.98 19.29 -3.45
N THR A 16 -3.22 19.87 -2.30
CA THR A 16 -2.65 19.32 -1.05
C THR A 16 -3.09 17.87 -0.85
N VAL A 17 -4.36 17.59 -1.02
CA VAL A 17 -4.85 16.19 -0.84
C VAL A 17 -4.34 15.28 -1.98
N ILE A 18 -4.33 15.71 -3.23
CA ILE A 18 -3.80 14.79 -4.29
C ILE A 18 -2.30 14.59 -4.10
N VAL A 19 -1.59 15.58 -3.64
CA VAL A 19 -0.13 15.41 -3.40
C VAL A 19 0.05 14.43 -2.22
N ILE A 20 -0.73 14.58 -1.19
CA ILE A 20 -0.62 13.61 -0.05
C ILE A 20 -1.11 12.25 -0.55
N LEU A 21 -2.15 12.24 -1.33
CA LEU A 21 -2.68 10.96 -1.88
C LEU A 21 -1.61 10.29 -2.74
N ILE A 22 -1.04 10.99 -3.70
CA ILE A 22 0.02 10.35 -4.55
C ILE A 22 1.18 9.91 -3.65
N ALA A 23 1.56 10.74 -2.71
CA ALA A 23 2.65 10.37 -1.78
C ALA A 23 2.27 9.12 -0.99
N ILE A 24 1.06 9.08 -0.46
CA ILE A 24 0.62 7.87 0.29
C ILE A 24 0.62 6.66 -0.64
N ALA A 25 0.11 6.83 -1.84
CA ALA A 25 0.12 5.70 -2.83
C ALA A 25 1.56 5.30 -3.13
N ALA A 26 2.42 6.26 -3.34
CA ALA A 26 3.85 5.94 -3.62
C ALA A 26 4.44 5.20 -2.41
N LEU A 27 4.20 5.71 -1.22
CA LEU A 27 4.70 5.01 0.00
C LEU A 27 4.10 3.61 0.06
N GLY A 28 2.82 3.49 -0.19
CA GLY A 28 2.16 2.14 -0.18
C GLY A 28 2.85 1.25 -1.22
N ALA A 29 3.10 1.77 -2.40
CA ALA A 29 3.78 0.96 -3.44
C ALA A 29 5.20 0.60 -2.98
N LEU A 30 5.90 1.56 -2.42
CA LEU A 30 7.28 1.30 -1.92
C LEU A 30 7.23 0.21 -0.85
N ILE A 31 6.24 0.28 0.01
CA ILE A 31 6.08 -0.77 1.08
C ILE A 31 5.70 -2.10 0.43
N LEU A 32 4.73 -2.10 -0.45
CA LEU A 32 4.31 -3.36 -1.14
C LEU A 32 5.51 -3.98 -1.89
N GLY A 33 6.22 -3.17 -2.65
CA GLY A 33 7.40 -3.70 -3.40
C GLY A 33 8.44 -4.24 -2.41
N CYS A 34 8.76 -3.48 -1.39
CA CYS A 34 9.76 -3.94 -0.37
C CYS A 34 9.25 -5.23 0.31
N TRP A 35 7.99 -5.26 0.67
CA TRP A 35 7.42 -6.49 1.33
C TRP A 35 7.41 -7.66 0.33
N CYS A 36 6.96 -7.42 -0.88
CA CYS A 36 6.93 -8.49 -1.91
C CYS A 36 7.11 -7.85 -3.30
N TYR A 37 8.25 -8.03 -3.91
CA TYR A 37 8.50 -7.40 -5.25
C TYR A 37 7.32 -7.63 -6.18
N LEU A 38 6.73 -6.56 -6.67
CA LEU A 38 5.54 -6.65 -7.58
C LEU A 38 4.54 -7.73 -7.10
N ARG A 39 4.50 -7.98 -5.82
CA ARG A 39 3.56 -9.00 -5.25
C ARG A 39 3.76 -10.37 -5.91
N LEU A 40 4.95 -10.67 -6.38
CA LEU A 40 5.21 -11.99 -7.05
C LEU A 40 4.12 -12.30 -8.09
N GLN A 41 3.78 -11.33 -8.90
CA GLN A 41 2.71 -11.56 -9.93
C GLN A 41 3.30 -11.76 -11.34
N ARG A 42 4.59 -11.93 -11.47
CA ARG A 42 5.20 -12.14 -12.81
C ARG A 42 6.55 -12.85 -12.66
N ILE A 43 7.54 -12.49 -13.47
CA ILE A 43 8.89 -13.13 -13.35
C ILE A 43 9.36 -13.19 -11.90
N SER A 44 9.04 -12.16 -11.15
CA SER A 44 9.44 -12.08 -9.70
C SER A 44 10.96 -11.98 -9.55
N GLN A 45 11.71 -12.92 -10.07
CA GLN A 45 13.19 -12.87 -9.94
C GLN A 45 13.75 -11.74 -10.82
N SER A 46 14.00 -10.59 -10.24
CA SER A 46 14.55 -9.45 -11.01
C SER A 46 16.01 -9.23 -10.60
N GLU A 47 16.26 -8.59 -9.49
CA GLU A 47 17.65 -8.39 -9.02
C GLU A 47 18.12 -9.64 -8.28
N ASP A 48 19.42 -9.80 -8.11
CA ASP A 48 19.98 -11.01 -7.41
C ASP A 48 19.68 -12.27 -8.23
N GLU A 49 20.67 -13.09 -8.47
CA GLU A 49 20.47 -14.32 -9.28
C GLU A 49 20.66 -15.59 -8.44
N GLU A 50 19.71 -16.49 -8.49
CA GLU A 50 19.83 -17.77 -7.70
C GLU A 50 19.47 -19.00 -8.57
N SER A 51 19.67 -18.92 -9.86
CA SER A 51 19.34 -20.07 -10.76
C SER A 51 20.48 -20.37 -11.75
N ILE A 52 20.96 -19.36 -12.42
CA ILE A 52 22.07 -19.55 -13.41
C ILE A 52 23.43 -19.53 -12.70
N VAL A 53 23.71 -18.51 -11.92
CA VAL A 53 25.01 -18.42 -11.21
C VAL A 53 24.82 -18.56 -9.68
N GLY A 54 23.74 -18.02 -9.14
CA GLY A 54 23.50 -18.10 -7.66
C GLY A 54 24.46 -17.16 -6.93
N ASP A 55 25.72 -17.50 -6.89
CA ASP A 55 26.71 -16.63 -6.19
C ASP A 55 27.81 -16.16 -7.16
N GLY A 56 28.80 -15.49 -6.65
CA GLY A 56 29.90 -14.96 -7.51
C GLY A 56 30.10 -13.50 -7.15
N GLU A 57 29.13 -12.69 -7.42
CA GLU A 57 29.22 -11.26 -7.05
C GLU A 57 27.98 -10.82 -6.24
N THR A 58 27.04 -11.70 -6.01
CA THR A 58 25.82 -11.32 -5.23
C THR A 58 26.18 -11.28 -3.73
N LYS A 59 27.10 -10.43 -3.36
CA LYS A 59 27.50 -10.33 -1.91
C LYS A 59 26.34 -9.76 -1.09
N GLU A 60 26.05 -10.34 0.06
CA GLU A 60 24.91 -9.85 0.91
C GLU A 60 23.66 -9.61 0.04
N PRO A 61 23.21 -10.66 -0.62
CA PRO A 61 22.01 -10.55 -1.50
C PRO A 61 20.71 -10.47 -0.68
N PHE A 62 19.66 -9.97 -1.28
CA PHE A 62 18.36 -9.86 -0.57
C PHE A 62 17.25 -10.53 -1.39
N LEU A 63 17.08 -10.10 -2.62
CA LEU A 63 16.04 -10.73 -3.50
C LEU A 63 16.39 -12.21 -3.69
N LEU A 64 17.67 -12.53 -3.68
CA LEU A 64 18.10 -13.94 -3.82
C LEU A 64 17.43 -14.79 -2.73
N VAL A 65 17.58 -14.40 -1.49
CA VAL A 65 16.90 -15.17 -0.39
C VAL A 65 15.39 -15.03 -0.54
N GLN A 66 14.94 -13.89 -1.04
CA GLN A 66 13.47 -13.71 -1.26
C GLN A 66 12.97 -14.78 -2.22
N TYR A 67 13.63 -14.96 -3.33
CA TYR A 67 13.22 -16.03 -4.29
C TYR A 67 13.36 -17.38 -3.60
N SER A 68 14.52 -17.62 -3.05
CA SER A 68 14.80 -18.91 -2.34
C SER A 68 13.75 -19.18 -1.26
N ALA A 69 13.30 -18.18 -0.55
CA ALA A 69 12.28 -18.41 0.53
C ALA A 69 10.86 -18.45 -0.06
N LYS A 70 10.57 -17.57 -0.98
CA LYS A 70 9.21 -17.54 -1.61
C LYS A 70 8.95 -18.79 -2.44
N GLY A 71 9.90 -19.17 -3.26
CA GLY A 71 9.74 -20.39 -4.12
C GLY A 71 9.11 -21.54 -3.34
N PRO A 72 9.80 -21.99 -2.32
CA PRO A 72 9.27 -23.09 -1.47
C PRO A 72 8.04 -22.62 -0.71
N CYS A 73 8.06 -21.43 -0.14
CA CYS A 73 6.86 -20.93 0.60
C CYS A 73 5.63 -20.99 -0.32
N VAL A 74 5.79 -20.58 -1.55
CA VAL A 74 4.64 -20.63 -2.52
C VAL A 74 4.39 -22.08 -2.93
N GLU A 75 5.42 -22.81 -3.28
CA GLU A 75 5.23 -24.24 -3.66
C GLU A 75 4.48 -24.99 -2.55
N ARG A 76 4.82 -24.71 -1.32
CA ARG A 76 4.14 -25.36 -0.16
C ARG A 76 2.70 -24.85 -0.02
N LYS A 77 2.49 -23.56 -0.05
CA LYS A 77 1.09 -23.03 0.07
C LYS A 77 0.25 -23.47 -1.15
N ALA A 78 0.88 -23.67 -2.27
CA ALA A 78 0.15 -24.12 -3.48
C ALA A 78 -0.18 -25.61 -3.36
N LYS A 79 0.77 -26.39 -2.93
CA LYS A 79 0.55 -27.84 -2.74
C LYS A 79 -0.42 -28.07 -1.57
N LEU A 80 -0.26 -27.30 -0.51
CA LEU A 80 -1.16 -27.45 0.67
C LEU A 80 -2.60 -27.08 0.28
N MET A 81 -2.77 -25.97 -0.40
CA MET A 81 -4.15 -25.56 -0.83
C MET A 81 -4.67 -26.50 -1.92
N THR A 82 -3.89 -26.73 -2.94
CA THR A 82 -4.33 -27.64 -4.05
C THR A 82 -3.32 -28.80 -4.17
N PRO A 83 -3.55 -29.83 -3.37
CA PRO A 83 -2.64 -31.02 -3.36
C PRO A 83 -2.75 -31.85 -4.65
N ASN A 84 -3.92 -31.88 -5.27
CA ASN A 84 -4.13 -32.67 -6.53
C ASN A 84 -4.06 -34.18 -6.25
N GLY A 85 -3.02 -34.63 -5.61
CA GLY A 85 -2.90 -36.08 -5.28
C GLY A 85 -1.52 -36.35 -4.67
N PRO A 86 -0.71 -37.09 -5.38
CA PRO A 86 0.65 -37.43 -4.88
C PRO A 86 1.58 -36.22 -4.95
N GLU A 87 1.25 -35.22 -5.70
CA GLU A 87 2.13 -34.00 -5.81
C GLU A 87 2.44 -33.42 -4.41
N VAL A 88 1.52 -33.55 -3.50
CA VAL A 88 1.73 -33.01 -2.11
C VAL A 88 2.16 -34.12 -1.14
N HIS A 89 1.78 -35.36 -1.41
CA HIS A 89 2.16 -36.48 -0.50
C HIS A 89 3.45 -37.15 -0.99
N GLY A 90 4.53 -36.40 -1.06
CA GLY A 90 5.83 -36.97 -1.54
C GLY A 90 6.99 -36.17 -0.92
N GLY A 1 -28.33 16.22 -3.38
CA GLY A 1 -28.69 17.42 -2.55
C GLY A 1 -27.50 17.80 -1.66
N SER A 2 -27.54 18.93 -0.98
CA SER A 2 -26.40 19.36 -0.10
C SER A 2 -25.08 19.37 -0.88
N MET A 3 -25.06 19.96 -2.04
CA MET A 3 -23.80 20.01 -2.84
C MET A 3 -23.41 21.46 -3.11
N SER A 4 -22.29 21.66 -3.75
CA SER A 4 -21.80 23.05 -4.07
C SER A 4 -21.31 23.74 -2.79
N ILE A 5 -22.13 23.74 -1.77
CA ILE A 5 -21.76 24.39 -0.47
C ILE A 5 -20.36 23.94 -0.01
N MET A 6 -20.10 22.68 -0.12
CA MET A 6 -18.75 22.15 0.27
C MET A 6 -18.14 21.37 -0.90
N ASP A 7 -18.38 21.82 -2.11
CA ASP A 7 -17.80 21.14 -3.31
C ASP A 7 -16.93 22.12 -4.10
N HIS A 8 -16.67 23.28 -3.54
CA HIS A 8 -15.84 24.30 -4.24
C HIS A 8 -14.40 24.32 -3.68
N SER A 9 -13.75 23.18 -3.63
CA SER A 9 -12.36 23.13 -3.09
C SER A 9 -11.40 23.95 -3.97
N PRO A 10 -10.58 24.75 -3.32
CA PRO A 10 -9.59 25.59 -4.05
C PRO A 10 -8.46 24.73 -4.64
N THR A 11 -7.79 25.22 -5.64
CA THR A 11 -6.67 24.45 -6.27
C THR A 11 -5.67 24.00 -5.19
N THR A 12 -5.42 24.84 -4.21
CA THR A 12 -4.47 24.47 -3.11
C THR A 12 -5.03 23.28 -2.32
N GLY A 13 -6.31 23.22 -2.16
CA GLY A 13 -6.95 22.09 -1.40
C GLY A 13 -6.83 20.81 -2.23
N VAL A 14 -7.34 20.80 -3.44
CA VAL A 14 -7.25 19.57 -4.28
C VAL A 14 -5.77 19.19 -4.50
N VAL A 15 -4.89 20.16 -4.60
CA VAL A 15 -3.45 19.82 -4.80
C VAL A 15 -2.88 19.25 -3.49
N THR A 16 -3.24 19.85 -2.39
CA THR A 16 -2.75 19.33 -1.06
C THR A 16 -3.19 17.89 -0.88
N VAL A 17 -4.46 17.61 -1.06
CA VAL A 17 -4.95 16.22 -0.89
C VAL A 17 -4.31 15.32 -1.96
N ILE A 18 -4.17 15.79 -3.18
CA ILE A 18 -3.53 14.95 -4.24
C ILE A 18 -2.09 14.67 -3.85
N VAL A 19 -1.39 15.66 -3.38
CA VAL A 19 0.03 15.44 -2.96
C VAL A 19 0.10 14.45 -1.80
N ILE A 20 -0.75 14.57 -0.82
CA ILE A 20 -0.70 13.59 0.30
C ILE A 20 -1.23 12.24 -0.17
N LEU A 21 -2.21 12.24 -1.06
CA LEU A 21 -2.73 10.94 -1.57
C LEU A 21 -1.67 10.28 -2.46
N ILE A 22 -1.05 11.01 -3.37
CA ILE A 22 0.00 10.37 -4.21
C ILE A 22 1.16 9.91 -3.31
N ALA A 23 1.50 10.71 -2.35
CA ALA A 23 2.61 10.35 -1.42
C ALA A 23 2.25 9.07 -0.64
N ILE A 24 1.09 8.99 -0.03
CA ILE A 24 0.73 7.75 0.72
C ILE A 24 0.65 6.58 -0.27
N ALA A 25 0.15 6.82 -1.46
CA ALA A 25 0.08 5.74 -2.48
C ALA A 25 1.49 5.31 -2.86
N ALA A 26 2.36 6.28 -3.08
CA ALA A 26 3.78 5.94 -3.42
C ALA A 26 4.41 5.20 -2.24
N LEU A 27 4.19 5.68 -1.03
CA LEU A 27 4.74 4.98 0.16
C LEU A 27 4.14 3.56 0.24
N GLY A 28 2.84 3.44 0.03
CA GLY A 28 2.20 2.09 0.05
C GLY A 28 2.83 1.23 -1.05
N ALA A 29 3.00 1.79 -2.23
CA ALA A 29 3.63 1.02 -3.34
C ALA A 29 5.07 0.67 -2.98
N LEU A 30 5.78 1.59 -2.40
CA LEU A 30 7.20 1.32 -1.99
C LEU A 30 7.21 0.17 -0.97
N ILE A 31 6.27 0.18 -0.06
CA ILE A 31 6.19 -0.92 0.95
C ILE A 31 5.75 -2.21 0.25
N LEU A 32 4.72 -2.14 -0.55
CA LEU A 32 4.25 -3.36 -1.27
C LEU A 32 5.37 -3.91 -2.17
N GLY A 33 6.08 -3.05 -2.86
CA GLY A 33 7.20 -3.51 -3.74
C GLY A 33 8.32 -4.09 -2.87
N CYS A 34 8.74 -3.36 -1.86
CA CYS A 34 9.83 -3.87 -0.96
C CYS A 34 9.38 -5.17 -0.28
N TRP A 35 8.14 -5.25 0.14
CA TRP A 35 7.63 -6.50 0.80
C TRP A 35 7.48 -7.61 -0.25
N CYS A 36 6.95 -7.26 -1.41
CA CYS A 36 6.75 -8.26 -2.51
C CYS A 36 5.97 -9.50 -2.03
N TYR A 37 6.63 -10.54 -1.62
CA TYR A 37 5.91 -11.77 -1.15
C TYR A 37 6.07 -12.01 0.36
N LEU A 38 7.12 -11.51 0.96
CA LEU A 38 7.34 -11.73 2.44
C LEU A 38 6.38 -10.87 3.29
N ARG A 39 5.44 -10.19 2.68
CA ARG A 39 4.49 -9.32 3.45
C ARG A 39 3.74 -10.12 4.53
N LEU A 40 3.50 -11.40 4.31
CA LEU A 40 2.75 -12.23 5.31
C LEU A 40 1.45 -11.54 5.73
N GLN A 41 1.39 -10.88 6.88
CA GLN A 41 0.14 -10.20 7.31
C GLN A 41 -0.99 -11.21 7.57
N ARG A 42 -1.25 -12.09 6.63
CA ARG A 42 -2.33 -13.11 6.81
C ARG A 42 -2.00 -14.32 5.92
N ILE A 43 -2.87 -14.66 4.99
CA ILE A 43 -2.56 -15.82 4.09
C ILE A 43 -1.35 -15.50 3.22
N SER A 44 -1.25 -14.26 2.80
CA SER A 44 -0.12 -13.81 1.92
C SER A 44 -0.27 -14.42 0.53
N GLN A 45 -0.14 -15.72 0.41
CA GLN A 45 -0.30 -16.39 -0.93
C GLN A 45 -1.66 -16.02 -1.55
N SER A 46 -1.66 -15.08 -2.47
CA SER A 46 -2.92 -14.62 -3.11
C SER A 46 -2.63 -14.19 -4.55
N GLU A 47 -2.00 -13.06 -4.72
CA GLU A 47 -1.64 -12.55 -6.08
C GLU A 47 -2.89 -12.40 -6.98
N ASP A 48 -2.67 -12.20 -8.26
CA ASP A 48 -3.83 -12.04 -9.21
C ASP A 48 -4.50 -13.40 -9.46
N GLU A 49 -5.40 -13.80 -8.60
CA GLU A 49 -6.09 -15.11 -8.80
C GLU A 49 -7.62 -14.96 -8.74
N GLU A 50 -8.34 -16.01 -9.03
CA GLU A 50 -9.83 -15.94 -9.01
C GLU A 50 -10.42 -17.11 -8.21
N SER A 51 -10.33 -17.07 -6.90
CA SER A 51 -10.88 -18.19 -6.08
C SER A 51 -10.88 -17.85 -4.58
N ILE A 52 -9.80 -17.31 -4.09
CA ILE A 52 -9.72 -16.94 -2.64
C ILE A 52 -9.85 -15.43 -2.46
N VAL A 53 -8.97 -14.67 -3.09
CA VAL A 53 -9.05 -13.18 -2.97
C VAL A 53 -9.84 -12.60 -4.15
N GLY A 54 -9.74 -13.20 -5.31
CA GLY A 54 -10.49 -12.71 -6.50
C GLY A 54 -11.96 -13.13 -6.37
N ASP A 55 -12.65 -12.66 -5.36
CA ASP A 55 -14.08 -13.04 -5.18
C ASP A 55 -15.00 -12.13 -5.99
N GLY A 56 -15.84 -12.72 -6.81
CA GLY A 56 -16.78 -11.92 -7.65
C GLY A 56 -16.28 -11.98 -9.10
N GLU A 57 -15.75 -13.12 -9.50
CA GLU A 57 -15.21 -13.27 -10.88
C GLU A 57 -14.11 -12.22 -11.12
N THR A 58 -13.47 -11.75 -10.07
CA THR A 58 -12.37 -10.72 -10.21
C THR A 58 -12.73 -9.65 -11.27
N LYS A 59 -12.04 -9.62 -12.39
CA LYS A 59 -12.33 -8.64 -13.47
C LYS A 59 -12.41 -7.20 -12.93
N GLU A 60 -12.93 -6.29 -13.70
CA GLU A 60 -13.05 -4.88 -13.25
C GLU A 60 -14.52 -4.58 -12.90
N PRO A 61 -14.81 -4.67 -11.62
CA PRO A 61 -16.19 -4.42 -11.14
C PRO A 61 -16.61 -2.95 -11.33
N PHE A 62 -15.65 -2.05 -11.35
CA PHE A 62 -15.97 -0.59 -11.55
C PHE A 62 -16.92 -0.06 -10.46
N LEU A 63 -18.16 -0.43 -10.50
CA LEU A 63 -19.14 0.06 -9.47
C LEU A 63 -18.75 -0.44 -8.06
N LEU A 64 -18.17 -1.61 -7.95
CA LEU A 64 -17.77 -2.12 -6.61
C LEU A 64 -16.70 -1.19 -6.01
N VAL A 65 -15.65 -0.91 -6.74
CA VAL A 65 -14.60 0.01 -6.21
C VAL A 65 -15.14 1.44 -6.20
N GLN A 66 -15.95 1.79 -7.17
CA GLN A 66 -16.54 3.17 -7.20
C GLN A 66 -17.37 3.39 -5.93
N TYR A 67 -18.22 2.44 -5.61
CA TYR A 67 -19.05 2.56 -4.36
C TYR A 67 -18.15 2.42 -3.14
N SER A 68 -17.25 1.47 -3.18
CA SER A 68 -16.31 1.27 -2.03
C SER A 68 -15.48 2.53 -1.78
N ALA A 69 -15.16 3.28 -2.81
CA ALA A 69 -14.36 4.53 -2.61
C ALA A 69 -15.28 5.71 -2.31
N LYS A 70 -16.35 5.84 -3.05
CA LYS A 70 -17.29 6.98 -2.82
C LYS A 70 -17.96 6.88 -1.45
N GLY A 71 -18.25 5.68 -1.00
CA GLY A 71 -18.91 5.50 0.34
C GLY A 71 -18.14 6.29 1.40
N PRO A 72 -16.89 5.92 1.60
CA PRO A 72 -16.05 6.63 2.60
C PRO A 72 -15.77 8.06 2.12
N CYS A 73 -15.66 8.29 0.83
CA CYS A 73 -15.42 9.68 0.32
C CYS A 73 -16.64 10.55 0.59
N VAL A 74 -17.81 10.06 0.25
CA VAL A 74 -19.06 10.83 0.50
C VAL A 74 -19.28 10.99 2.00
N GLU A 75 -19.13 9.90 2.73
CA GLU A 75 -19.31 9.98 4.23
C GLU A 75 -18.37 11.05 4.80
N ARG A 76 -17.16 11.10 4.31
CA ARG A 76 -16.19 12.12 4.79
C ARG A 76 -16.70 13.52 4.45
N LYS A 77 -16.99 13.75 3.20
CA LYS A 77 -17.51 15.09 2.77
C LYS A 77 -18.79 15.46 3.52
N ALA A 78 -19.75 14.58 3.52
CA ALA A 78 -21.04 14.85 4.23
C ALA A 78 -20.79 15.16 5.71
N LYS A 79 -20.00 14.35 6.36
CA LYS A 79 -19.71 14.61 7.80
C LYS A 79 -18.83 15.87 7.95
N LEU A 80 -17.89 16.07 7.05
CA LEU A 80 -17.03 17.29 7.12
C LEU A 80 -17.91 18.54 6.95
N MET A 81 -18.86 18.46 6.07
CA MET A 81 -19.80 19.62 5.87
C MET A 81 -20.77 19.69 7.05
N THR A 82 -21.16 18.55 7.56
CA THR A 82 -22.09 18.49 8.74
C THR A 82 -23.42 19.20 8.45
N PRO A 83 -24.23 18.60 7.60
CA PRO A 83 -25.56 19.18 7.28
C PRO A 83 -26.55 18.95 8.43
N ASN A 84 -26.08 18.56 9.61
CA ASN A 84 -26.99 18.31 10.77
C ASN A 84 -28.01 17.20 10.42
N GLY A 85 -27.71 16.38 9.46
CA GLY A 85 -28.65 15.27 9.07
C GLY A 85 -28.05 13.92 9.44
N PRO A 86 -27.10 13.47 8.63
CA PRO A 86 -26.45 12.16 8.89
C PRO A 86 -25.36 12.29 9.96
N GLU A 87 -24.16 12.68 9.59
CA GLU A 87 -23.03 12.82 10.57
C GLU A 87 -22.68 11.44 11.14
N VAL A 88 -23.64 10.79 11.73
CA VAL A 88 -23.42 9.43 12.29
C VAL A 88 -24.02 8.37 11.34
N HIS A 89 -24.92 8.76 10.47
CA HIS A 89 -25.54 7.79 9.50
C HIS A 89 -26.15 6.58 10.24
N GLY A 90 -26.92 6.84 11.27
CA GLY A 90 -27.55 5.73 12.05
C GLY A 90 -28.26 6.29 13.28
N GLY A 1 -4.16 30.46 3.23
CA GLY A 1 -3.24 30.88 4.34
C GLY A 1 -3.58 32.30 4.78
N SER A 2 -2.58 33.14 4.97
CA SER A 2 -2.85 34.57 5.37
C SER A 2 -3.86 35.17 4.40
N MET A 3 -3.58 35.07 3.14
CA MET A 3 -4.51 35.58 2.09
C MET A 3 -5.35 34.39 1.59
N SER A 4 -6.65 34.50 1.58
CA SER A 4 -7.52 33.37 1.14
C SER A 4 -7.35 32.19 2.11
N ILE A 5 -8.22 32.08 3.07
CA ILE A 5 -8.13 30.98 4.07
C ILE A 5 -8.72 29.68 3.49
N MET A 6 -8.97 28.70 4.32
CA MET A 6 -9.54 27.40 3.83
C MET A 6 -8.60 26.74 2.81
N ASP A 7 -7.32 26.70 3.09
CA ASP A 7 -6.33 26.08 2.16
C ASP A 7 -6.74 24.64 1.78
N HIS A 8 -7.52 23.98 2.62
CA HIS A 8 -7.97 22.59 2.30
C HIS A 8 -9.34 22.63 1.61
N SER A 9 -9.43 23.32 0.50
CA SER A 9 -10.74 23.40 -0.23
C SER A 9 -10.56 23.82 -1.70
N PRO A 10 -9.98 24.98 -1.93
CA PRO A 10 -9.79 25.48 -3.33
C PRO A 10 -8.67 24.69 -4.06
N THR A 11 -8.05 25.29 -5.05
CA THR A 11 -6.95 24.60 -5.81
C THR A 11 -5.87 24.12 -4.84
N THR A 12 -5.38 24.99 -4.01
CA THR A 12 -4.32 24.57 -3.03
C THR A 12 -4.84 23.41 -2.16
N GLY A 13 -6.13 23.34 -1.95
CA GLY A 13 -6.70 22.22 -1.13
C GLY A 13 -6.72 20.94 -1.95
N VAL A 14 -7.38 20.95 -3.09
CA VAL A 14 -7.41 19.73 -3.95
C VAL A 14 -5.97 19.32 -4.32
N VAL A 15 -5.08 20.26 -4.48
CA VAL A 15 -3.66 19.88 -4.80
C VAL A 15 -3.00 19.27 -3.55
N THR A 16 -3.27 19.84 -2.40
CA THR A 16 -2.68 19.27 -1.14
C THR A 16 -3.12 17.82 -0.97
N VAL A 17 -4.40 17.56 -1.10
CA VAL A 17 -4.90 16.16 -0.95
C VAL A 17 -4.36 15.24 -2.06
N ILE A 18 -4.33 15.66 -3.31
CA ILE A 18 -3.77 14.74 -4.36
C ILE A 18 -2.28 14.53 -4.14
N VAL A 19 -1.58 15.52 -3.63
CA VAL A 19 -0.13 15.34 -3.35
C VAL A 19 0.01 14.37 -2.16
N ILE A 20 -0.75 14.60 -1.11
CA ILE A 20 -0.69 13.66 0.06
C ILE A 20 -1.10 12.27 -0.41
N LEU A 21 -2.18 12.21 -1.16
CA LEU A 21 -2.64 10.89 -1.70
C LEU A 21 -1.53 10.27 -2.55
N ILE A 22 -1.00 11.02 -3.50
CA ILE A 22 0.12 10.46 -4.33
C ILE A 22 1.25 10.01 -3.41
N ALA A 23 1.51 10.74 -2.37
CA ALA A 23 2.61 10.36 -1.42
C ALA A 23 2.24 9.08 -0.67
N ILE A 24 1.08 9.01 -0.05
CA ILE A 24 0.71 7.75 0.68
C ILE A 24 0.63 6.59 -0.33
N ALA A 25 0.15 6.85 -1.51
CA ALA A 25 0.08 5.78 -2.54
C ALA A 25 1.51 5.35 -2.91
N ALA A 26 2.38 6.31 -3.13
CA ALA A 26 3.79 5.96 -3.45
C ALA A 26 4.41 5.20 -2.27
N LEU A 27 4.15 5.67 -1.06
CA LEU A 27 4.68 4.96 0.14
C LEU A 27 4.08 3.54 0.18
N GLY A 28 2.79 3.41 -0.02
CA GLY A 28 2.16 2.06 -0.02
C GLY A 28 2.83 1.21 -1.10
N ALA A 29 3.02 1.78 -2.28
CA ALA A 29 3.69 1.01 -3.37
C ALA A 29 5.11 0.64 -2.94
N LEU A 30 5.82 1.58 -2.37
CA LEU A 30 7.20 1.30 -1.88
C LEU A 30 7.17 0.17 -0.85
N ILE A 31 6.18 0.17 0.01
CA ILE A 31 6.07 -0.93 1.03
C ILE A 31 5.71 -2.25 0.33
N LEU A 32 4.75 -2.21 -0.57
CA LEU A 32 4.36 -3.46 -1.31
C LEU A 32 5.57 -3.97 -2.12
N GLY A 33 6.25 -3.10 -2.82
CA GLY A 33 7.44 -3.52 -3.63
C GLY A 33 8.51 -4.08 -2.69
N CYS A 34 8.83 -3.36 -1.64
CA CYS A 34 9.85 -3.86 -0.67
C CYS A 34 9.38 -5.20 -0.07
N TRP A 35 8.11 -5.30 0.25
CA TRP A 35 7.58 -6.57 0.83
C TRP A 35 7.66 -7.70 -0.23
N CYS A 36 7.15 -7.45 -1.41
CA CYS A 36 7.18 -8.48 -2.52
C CYS A 36 6.37 -9.73 -2.13
N TYR A 37 6.84 -10.47 -1.15
CA TYR A 37 6.13 -11.70 -0.70
C TYR A 37 6.90 -12.37 0.45
N LEU A 38 7.46 -11.60 1.35
CA LEU A 38 8.22 -12.21 2.48
C LEU A 38 7.30 -12.59 3.65
N ARG A 39 6.06 -12.15 3.63
CA ARG A 39 5.12 -12.52 4.75
C ARG A 39 3.70 -12.75 4.19
N LEU A 40 2.78 -11.83 4.38
CA LEU A 40 1.38 -12.05 3.86
C LEU A 40 0.63 -10.72 3.65
N GLN A 41 1.33 -9.63 3.47
CA GLN A 41 0.65 -8.31 3.25
C GLN A 41 0.18 -8.17 1.78
N ARG A 42 -0.39 -9.21 1.21
CA ARG A 42 -0.87 -9.12 -0.20
C ARG A 42 -2.28 -8.52 -0.22
N ILE A 43 -3.23 -9.22 0.33
CA ILE A 43 -4.63 -8.70 0.38
C ILE A 43 -4.70 -7.46 1.29
N SER A 44 -3.88 -7.47 2.30
CA SER A 44 -3.83 -6.32 3.26
C SER A 44 -3.13 -5.11 2.63
N GLN A 45 -3.79 -4.45 1.71
CA GLN A 45 -3.19 -3.26 1.04
C GLN A 45 -3.24 -2.03 1.99
N SER A 46 -4.16 -2.03 2.94
CA SER A 46 -4.27 -0.89 3.92
C SER A 46 -4.31 0.47 3.21
N GLU A 47 -5.00 0.55 2.10
CA GLU A 47 -5.08 1.86 1.37
C GLU A 47 -6.17 2.74 2.00
N ASP A 48 -6.42 3.91 1.44
CA ASP A 48 -7.47 4.80 2.01
C ASP A 48 -8.87 4.20 1.80
N GLU A 49 -9.89 4.87 2.24
CA GLU A 49 -11.28 4.33 2.05
C GLU A 49 -11.71 4.50 0.58
N GLU A 50 -11.63 3.44 -0.19
CA GLU A 50 -12.01 3.54 -1.63
C GLU A 50 -13.23 2.65 -1.93
N SER A 51 -13.95 3.00 -2.96
CA SER A 51 -15.16 2.21 -3.38
C SER A 51 -15.78 2.73 -4.70
N ILE A 52 -15.38 3.86 -5.20
CA ILE A 52 -15.97 4.38 -6.48
C ILE A 52 -15.28 3.74 -7.69
N VAL A 53 -13.97 3.60 -7.65
CA VAL A 53 -13.26 2.98 -8.81
C VAL A 53 -13.02 1.48 -8.57
N GLY A 54 -12.64 1.10 -7.37
CA GLY A 54 -12.39 -0.36 -7.08
C GLY A 54 -13.58 -1.21 -7.54
N ASP A 55 -14.78 -0.78 -7.25
CA ASP A 55 -15.98 -1.56 -7.69
C ASP A 55 -16.67 -0.87 -8.88
N GLY A 56 -15.91 -0.12 -9.65
CA GLY A 56 -16.47 0.58 -10.83
C GLY A 56 -15.56 0.34 -12.03
N GLU A 57 -14.26 0.25 -11.80
CA GLU A 57 -13.33 0.01 -12.94
C GLU A 57 -13.72 -1.27 -13.69
N THR A 58 -14.19 -2.26 -12.99
CA THR A 58 -14.61 -3.55 -13.66
C THR A 58 -13.48 -4.07 -14.56
N LYS A 59 -12.28 -4.05 -14.07
CA LYS A 59 -11.11 -4.54 -14.86
C LYS A 59 -10.40 -5.69 -14.12
N GLU A 60 -9.36 -6.23 -14.70
CA GLU A 60 -8.60 -7.35 -14.04
C GLU A 60 -9.55 -8.50 -13.61
N PRO A 61 -9.90 -9.31 -14.58
CA PRO A 61 -10.82 -10.46 -14.32
C PRO A 61 -10.14 -11.62 -13.56
N PHE A 62 -8.94 -11.43 -13.05
CA PHE A 62 -8.27 -12.55 -12.31
C PHE A 62 -8.67 -12.52 -10.83
N LEU A 63 -8.80 -13.68 -10.22
CA LEU A 63 -9.19 -13.73 -8.77
C LEU A 63 -8.17 -12.96 -7.90
N LEU A 64 -6.91 -13.06 -8.23
CA LEU A 64 -5.86 -12.33 -7.44
C LEU A 64 -6.21 -10.83 -7.35
N VAL A 65 -6.34 -10.17 -8.48
CA VAL A 65 -6.69 -8.72 -8.45
C VAL A 65 -8.14 -8.53 -7.97
N GLN A 66 -9.03 -9.42 -8.33
CA GLN A 66 -10.45 -9.29 -7.86
C GLN A 66 -10.47 -9.24 -6.33
N TYR A 67 -9.86 -10.20 -5.70
CA TYR A 67 -9.80 -10.22 -4.20
C TYR A 67 -8.90 -9.08 -3.71
N SER A 68 -7.81 -8.85 -4.40
CA SER A 68 -6.88 -7.74 -3.99
C SER A 68 -7.63 -6.40 -3.98
N ALA A 69 -8.48 -6.15 -4.94
CA ALA A 69 -9.23 -4.86 -4.98
C ALA A 69 -10.52 -4.96 -4.17
N LYS A 70 -11.29 -6.01 -4.36
CA LYS A 70 -12.56 -6.16 -3.60
C LYS A 70 -12.31 -6.35 -2.11
N GLY A 71 -11.25 -7.03 -1.74
CA GLY A 71 -10.95 -7.24 -0.28
C GLY A 71 -11.09 -5.92 0.48
N PRO A 72 -10.26 -4.97 0.12
CA PRO A 72 -10.33 -3.64 0.76
C PRO A 72 -11.63 -2.94 0.36
N CYS A 73 -11.98 -2.93 -0.91
CA CYS A 73 -13.25 -2.28 -1.35
C CYS A 73 -14.43 -2.84 -0.54
N VAL A 74 -14.42 -4.12 -0.29
CA VAL A 74 -15.51 -4.74 0.52
C VAL A 74 -15.31 -4.37 1.99
N GLU A 75 -14.10 -4.50 2.48
CA GLU A 75 -13.81 -4.12 3.89
C GLU A 75 -14.28 -2.68 4.15
N ARG A 76 -14.00 -1.81 3.21
CA ARG A 76 -14.44 -0.39 3.33
C ARG A 76 -15.96 -0.34 3.35
N LYS A 77 -16.59 -0.98 2.39
CA LYS A 77 -18.09 -1.01 2.35
C LYS A 77 -18.61 -1.56 3.68
N ALA A 78 -18.02 -2.63 4.15
CA ALA A 78 -18.43 -3.23 5.45
C ALA A 78 -18.34 -2.17 6.55
N LYS A 79 -17.21 -1.52 6.65
CA LYS A 79 -17.04 -0.44 7.67
C LYS A 79 -18.08 0.66 7.45
N LEU A 80 -18.28 1.06 6.22
CA LEU A 80 -19.28 2.13 5.91
C LEU A 80 -20.70 1.68 6.27
N MET A 81 -21.17 0.66 5.60
CA MET A 81 -22.54 0.13 5.87
C MET A 81 -22.64 -1.33 5.38
N THR A 82 -21.83 -2.20 5.93
CA THR A 82 -21.82 -3.66 5.52
C THR A 82 -21.30 -3.83 4.09
N PRO A 83 -20.63 -4.93 3.85
CA PRO A 83 -20.07 -5.21 2.51
C PRO A 83 -21.16 -5.65 1.53
N ASN A 84 -22.27 -6.15 2.04
CA ASN A 84 -23.39 -6.62 1.15
C ASN A 84 -22.86 -7.64 0.12
N GLY A 85 -21.82 -8.36 0.46
CA GLY A 85 -21.25 -9.37 -0.48
C GLY A 85 -20.89 -10.65 0.28
N PRO A 86 -21.75 -11.63 0.20
CA PRO A 86 -21.50 -12.94 0.88
C PRO A 86 -20.30 -13.67 0.26
N GLU A 87 -19.91 -13.30 -0.94
CA GLU A 87 -18.73 -13.95 -1.59
C GLU A 87 -17.51 -13.89 -0.66
N VAL A 88 -17.39 -12.82 0.08
CA VAL A 88 -16.25 -12.66 1.04
C VAL A 88 -16.76 -12.65 2.49
N HIS A 89 -18.00 -12.25 2.72
CA HIS A 89 -18.56 -12.23 4.11
C HIS A 89 -20.09 -12.15 4.09
N GLY A 90 -20.64 -11.03 3.72
CA GLY A 90 -22.13 -10.88 3.68
C GLY A 90 -22.51 -9.40 3.82
N GLY A 1 -2.98 34.88 15.68
CA GLY A 1 -2.10 34.32 14.62
C GLY A 1 -2.65 34.70 13.23
N SER A 2 -1.92 34.47 12.16
CA SER A 2 -2.45 34.85 10.81
C SER A 2 -3.31 33.71 10.24
N MET A 3 -4.30 34.04 9.44
CA MET A 3 -5.20 32.97 8.90
C MET A 3 -4.93 32.64 7.42
N SER A 4 -4.55 31.42 7.16
CA SER A 4 -4.36 30.97 5.74
C SER A 4 -5.48 29.94 5.42
N ILE A 5 -6.42 29.77 6.36
CA ILE A 5 -7.55 28.82 6.17
C ILE A 5 -8.60 29.43 5.25
N MET A 6 -9.84 29.02 5.39
CA MET A 6 -10.91 29.58 4.50
C MET A 6 -10.44 29.48 3.04
N ASP A 7 -9.57 28.54 2.75
CA ASP A 7 -9.03 28.38 1.38
C ASP A 7 -10.17 28.12 0.39
N HIS A 8 -11.25 27.51 0.85
CA HIS A 8 -12.42 27.22 -0.04
C HIS A 8 -12.15 25.99 -0.92
N SER A 9 -11.02 25.35 -0.74
CA SER A 9 -10.65 24.14 -1.55
C SER A 9 -10.87 24.37 -3.06
N PRO A 10 -10.37 25.48 -3.58
CA PRO A 10 -10.52 25.76 -5.02
C PRO A 10 -9.44 25.01 -5.80
N THR A 11 -8.23 25.08 -5.34
CA THR A 11 -7.09 24.36 -6.01
C THR A 11 -6.05 23.93 -4.97
N THR A 12 -5.72 24.79 -4.04
CA THR A 12 -4.73 24.44 -2.96
C THR A 12 -5.19 23.20 -2.19
N GLY A 13 -6.45 23.17 -1.83
CA GLY A 13 -6.99 21.98 -1.09
C GLY A 13 -6.88 20.74 -1.97
N VAL A 14 -7.32 20.85 -3.21
CA VAL A 14 -7.22 19.68 -4.15
C VAL A 14 -5.75 19.30 -4.37
N VAL A 15 -4.87 20.28 -4.43
CA VAL A 15 -3.42 19.98 -4.64
C VAL A 15 -2.83 19.30 -3.41
N THR A 16 -3.02 19.90 -2.26
CA THR A 16 -2.48 19.31 -1.00
C THR A 16 -2.98 17.88 -0.82
N VAL A 17 -4.26 17.66 -0.95
CA VAL A 17 -4.79 16.27 -0.80
C VAL A 17 -4.25 15.37 -1.93
N ILE A 18 -4.08 15.91 -3.13
CA ILE A 18 -3.54 15.07 -4.25
C ILE A 18 -2.08 14.70 -3.99
N VAL A 19 -1.26 15.65 -3.65
CA VAL A 19 0.16 15.30 -3.37
C VAL A 19 0.22 14.37 -2.15
N ILE A 20 -0.64 14.58 -1.17
CA ILE A 20 -0.66 13.67 0.01
C ILE A 20 -1.13 12.29 -0.44
N LEU A 21 -2.21 12.25 -1.17
CA LEU A 21 -2.73 10.94 -1.69
C LEU A 21 -1.63 10.28 -2.55
N ILE A 22 -1.06 11.03 -3.47
CA ILE A 22 0.03 10.47 -4.32
C ILE A 22 1.16 9.95 -3.42
N ALA A 23 1.52 10.70 -2.42
CA ALA A 23 2.59 10.24 -1.48
C ALA A 23 2.14 8.98 -0.75
N ILE A 24 0.94 8.97 -0.23
CA ILE A 24 0.43 7.75 0.48
C ILE A 24 0.47 6.57 -0.49
N ALA A 25 -0.03 6.75 -1.69
CA ALA A 25 -0.01 5.65 -2.69
C ALA A 25 1.44 5.26 -3.02
N ALA A 26 2.29 6.23 -3.24
CA ALA A 26 3.72 5.93 -3.53
C ALA A 26 4.34 5.16 -2.34
N LEU A 27 4.04 5.61 -1.14
CA LEU A 27 4.57 4.90 0.06
C LEU A 27 3.98 3.48 0.11
N GLY A 28 2.69 3.36 -0.10
CA GLY A 28 2.06 2.01 -0.10
C GLY A 28 2.72 1.16 -1.19
N ALA A 29 2.97 1.75 -2.34
CA ALA A 29 3.63 0.99 -3.44
C ALA A 29 5.07 0.62 -3.05
N LEU A 30 5.81 1.57 -2.53
CA LEU A 30 7.21 1.27 -2.11
C LEU A 30 7.22 0.22 -0.98
N ILE A 31 6.26 0.26 -0.09
CA ILE A 31 6.20 -0.76 0.99
C ILE A 31 5.80 -2.11 0.39
N LEU A 32 4.77 -2.11 -0.44
CA LEU A 32 4.34 -3.39 -1.08
C LEU A 32 5.50 -3.98 -1.89
N GLY A 33 6.16 -3.16 -2.68
CA GLY A 33 7.31 -3.68 -3.49
C GLY A 33 8.39 -4.22 -2.55
N CYS A 34 8.88 -3.40 -1.66
CA CYS A 34 9.93 -3.86 -0.69
C CYS A 34 9.46 -5.13 0.04
N TRP A 35 8.21 -5.15 0.46
CA TRP A 35 7.66 -6.33 1.17
C TRP A 35 7.57 -7.56 0.24
N CYS A 36 6.88 -7.43 -0.87
CA CYS A 36 6.73 -8.58 -1.82
C CYS A 36 8.09 -9.02 -2.40
N TYR A 37 9.07 -8.14 -2.44
CA TYR A 37 10.39 -8.52 -3.03
C TYR A 37 11.40 -8.90 -1.92
N LEU A 38 11.52 -8.10 -0.89
CA LEU A 38 12.51 -8.41 0.20
C LEU A 38 11.76 -8.82 1.48
N ARG A 39 10.66 -8.17 1.76
CA ARG A 39 9.88 -8.49 3.01
C ARG A 39 10.77 -8.43 4.25
N LEU A 40 11.56 -7.39 4.38
CA LEU A 40 12.47 -7.28 5.57
C LEU A 40 11.73 -6.79 6.81
N GLN A 41 11.22 -5.57 6.78
CA GLN A 41 10.53 -5.00 7.99
C GLN A 41 11.56 -4.74 9.11
N ARG A 42 12.39 -5.71 9.41
CA ARG A 42 13.43 -5.54 10.45
C ARG A 42 14.65 -6.41 10.08
N ILE A 43 15.36 -6.94 11.03
CA ILE A 43 16.52 -7.80 10.71
C ILE A 43 16.05 -9.06 9.95
N SER A 44 14.80 -9.43 10.11
CA SER A 44 14.25 -10.63 9.41
C SER A 44 12.74 -10.70 9.65
N GLN A 45 12.33 -10.91 10.89
CA GLN A 45 10.87 -11.00 11.24
C GLN A 45 10.12 -11.91 10.27
N SER A 46 10.51 -13.16 10.17
CA SER A 46 9.81 -14.09 9.24
C SER A 46 8.56 -14.70 9.92
N GLU A 47 7.87 -13.95 10.75
CA GLU A 47 6.66 -14.50 11.43
C GLU A 47 5.39 -14.15 10.65
N ASP A 48 4.23 -14.52 11.17
CA ASP A 48 2.94 -14.22 10.46
C ASP A 48 2.77 -12.70 10.32
N GLU A 49 3.09 -12.16 9.16
CA GLU A 49 2.98 -10.70 8.95
C GLU A 49 2.56 -10.39 7.49
N GLU A 50 1.79 -9.34 7.29
CA GLU A 50 1.34 -9.00 5.92
C GLU A 50 1.50 -7.49 5.65
N SER A 51 1.05 -7.04 4.52
CA SER A 51 1.16 -5.59 4.16
C SER A 51 -0.17 -5.05 3.60
N ILE A 52 -0.91 -5.86 2.87
CA ILE A 52 -2.21 -5.41 2.30
C ILE A 52 -3.34 -5.66 3.30
N VAL A 53 -3.47 -6.88 3.76
CA VAL A 53 -4.55 -7.21 4.74
C VAL A 53 -4.01 -7.05 6.16
N GLY A 54 -3.08 -7.90 6.53
CA GLY A 54 -2.51 -7.83 7.91
C GLY A 54 -3.52 -8.41 8.89
N ASP A 55 -4.66 -7.79 8.99
CA ASP A 55 -5.72 -8.29 9.90
C ASP A 55 -6.47 -9.47 9.24
N GLY A 56 -7.63 -9.83 9.73
CA GLY A 56 -8.37 -10.96 9.12
C GLY A 56 -9.02 -11.78 10.23
N GLU A 57 -8.21 -12.31 11.11
CA GLU A 57 -8.78 -13.11 12.23
C GLU A 57 -8.31 -12.54 13.59
N THR A 58 -7.89 -11.30 13.62
CA THR A 58 -7.42 -10.67 14.90
C THR A 58 -8.62 -10.45 15.84
N LYS A 59 -9.34 -11.49 16.13
CA LYS A 59 -10.51 -11.41 17.04
C LYS A 59 -10.33 -12.44 18.16
N GLU A 60 -11.39 -12.79 18.86
CA GLU A 60 -11.28 -13.81 19.95
C GLU A 60 -10.30 -13.34 21.06
N PRO A 61 -10.84 -12.95 22.19
CA PRO A 61 -9.99 -12.49 23.33
C PRO A 61 -9.18 -13.67 23.92
N PHE A 62 -8.43 -14.34 23.09
CA PHE A 62 -7.60 -15.49 23.56
C PHE A 62 -6.40 -14.97 24.34
N LEU A 63 -5.75 -15.80 25.11
CA LEU A 63 -4.56 -15.32 25.89
C LEU A 63 -3.53 -14.67 24.98
N LEU A 64 -3.32 -15.24 23.81
CA LEU A 64 -2.34 -14.65 22.85
C LEU A 64 -2.75 -13.22 22.50
N VAL A 65 -3.97 -13.02 22.06
CA VAL A 65 -4.43 -11.64 21.72
C VAL A 65 -4.52 -10.80 22.99
N GLN A 66 -4.88 -11.42 24.08
CA GLN A 66 -4.98 -10.67 25.38
C GLN A 66 -3.62 -10.07 25.69
N TYR A 67 -2.62 -10.91 25.80
CA TYR A 67 -1.24 -10.40 26.08
C TYR A 67 -0.79 -9.48 24.93
N SER A 68 -1.08 -9.88 23.71
CA SER A 68 -0.69 -9.04 22.52
C SER A 68 -1.32 -7.66 22.61
N ALA A 69 -2.57 -7.57 23.02
CA ALA A 69 -3.23 -6.23 23.13
C ALA A 69 -2.84 -5.55 24.46
N LYS A 70 -2.81 -6.30 25.53
CA LYS A 70 -2.44 -5.72 26.86
C LYS A 70 -1.02 -5.16 26.84
N GLY A 71 -0.09 -5.91 26.32
CA GLY A 71 1.34 -5.46 26.24
C GLY A 71 1.40 -3.98 25.83
N PRO A 72 1.01 -3.70 24.61
CA PRO A 72 1.01 -2.31 24.10
C PRO A 72 0.01 -1.44 24.88
N CYS A 73 -1.16 -1.96 25.21
CA CYS A 73 -2.14 -1.14 25.98
C CYS A 73 -1.54 -0.77 27.33
N VAL A 74 -0.88 -1.70 27.97
CA VAL A 74 -0.21 -1.42 29.28
C VAL A 74 1.00 -0.52 29.04
N GLU A 75 1.79 -0.83 28.05
CA GLU A 75 2.98 0.01 27.74
C GLU A 75 2.52 1.46 27.49
N ARG A 76 1.45 1.62 26.77
CA ARG A 76 0.92 2.99 26.49
C ARG A 76 0.44 3.62 27.79
N LYS A 77 -0.38 2.91 28.53
CA LYS A 77 -0.89 3.45 29.83
C LYS A 77 0.29 3.80 30.74
N ALA A 78 1.29 2.96 30.75
CA ALA A 78 2.50 3.22 31.59
C ALA A 78 3.26 4.43 31.07
N LYS A 79 3.42 4.54 29.77
CA LYS A 79 4.14 5.72 29.18
C LYS A 79 3.32 7.00 29.39
N LEU A 80 2.05 6.94 29.06
CA LEU A 80 1.17 8.13 29.24
C LEU A 80 1.21 8.57 30.70
N MET A 81 1.05 7.64 31.59
CA MET A 81 1.08 7.97 33.05
C MET A 81 2.52 8.38 33.45
N THR A 82 3.47 7.52 33.16
CA THR A 82 4.90 7.82 33.48
C THR A 82 5.76 7.63 32.23
N PRO A 83 6.05 8.71 31.57
CA PRO A 83 6.90 8.63 30.35
C PRO A 83 8.34 8.23 30.72
N ASN A 84 8.66 8.22 32.01
CA ASN A 84 10.03 7.85 32.49
C ASN A 84 11.05 8.95 32.13
N GLY A 85 11.01 9.45 30.93
CA GLY A 85 11.97 10.52 30.52
C GLY A 85 12.94 9.95 29.49
N PRO A 86 13.99 9.33 29.97
CA PRO A 86 14.99 8.72 29.06
C PRO A 86 14.48 7.41 28.47
N GLU A 87 13.51 6.77 29.09
CA GLU A 87 13.00 5.48 28.54
C GLU A 87 12.45 5.69 27.12
N VAL A 88 11.69 6.74 26.92
CA VAL A 88 11.14 7.04 25.56
C VAL A 88 12.08 7.99 24.79
N HIS A 89 13.08 8.56 25.45
CA HIS A 89 14.01 9.50 24.76
C HIS A 89 15.41 8.87 24.62
N GLY A 90 16.03 8.57 25.72
CA GLY A 90 17.41 7.98 25.72
C GLY A 90 18.29 8.77 26.68
N GLY A 1 -0.69 22.52 -0.56
CA GLY A 1 0.63 22.02 -1.05
C GLY A 1 1.33 21.20 0.04
N SER A 2 2.25 21.78 0.76
CA SER A 2 2.98 21.03 1.83
C SER A 2 2.50 21.42 3.23
N MET A 3 1.48 22.24 3.34
CA MET A 3 0.98 22.62 4.68
C MET A 3 -0.34 21.92 4.98
N SER A 4 -0.73 21.85 6.23
CA SER A 4 -2.02 21.17 6.58
C SER A 4 -3.21 22.15 6.50
N ILE A 5 -3.12 23.14 5.66
CA ILE A 5 -4.22 24.14 5.51
C ILE A 5 -5.56 23.44 5.23
N MET A 6 -5.53 22.46 4.38
CA MET A 6 -6.78 21.70 4.03
C MET A 6 -7.90 22.66 3.59
N ASP A 7 -7.65 23.41 2.54
CA ASP A 7 -8.69 24.37 2.03
C ASP A 7 -9.99 23.62 1.69
N HIS A 8 -9.87 22.40 1.24
CA HIS A 8 -11.08 21.57 0.90
C HIS A 8 -12.04 22.34 -0.03
N SER A 9 -11.53 22.96 -1.06
CA SER A 9 -12.40 23.71 -2.01
C SER A 9 -11.58 24.29 -3.18
N PRO A 10 -10.66 25.17 -2.88
CA PRO A 10 -9.81 25.78 -3.94
C PRO A 10 -8.78 24.77 -4.46
N THR A 11 -8.10 25.11 -5.52
CA THR A 11 -7.07 24.17 -6.08
C THR A 11 -5.97 23.88 -5.06
N THR A 12 -5.68 24.81 -4.18
CA THR A 12 -4.64 24.55 -3.13
C THR A 12 -5.05 23.36 -2.27
N GLY A 13 -6.32 23.22 -2.02
CA GLY A 13 -6.81 22.06 -1.22
C GLY A 13 -6.73 20.81 -2.07
N VAL A 14 -7.29 20.84 -3.25
CA VAL A 14 -7.24 19.65 -4.15
C VAL A 14 -5.78 19.25 -4.41
N VAL A 15 -4.90 20.21 -4.54
CA VAL A 15 -3.46 19.86 -4.77
C VAL A 15 -2.86 19.33 -3.47
N THR A 16 -3.24 19.87 -2.35
CA THR A 16 -2.71 19.36 -1.05
C THR A 16 -3.13 17.91 -0.86
N VAL A 17 -4.40 17.62 -1.03
CA VAL A 17 -4.87 16.22 -0.84
C VAL A 17 -4.31 15.28 -1.93
N ILE A 18 -4.25 15.68 -3.18
CA ILE A 18 -3.69 14.75 -4.21
C ILE A 18 -2.19 14.55 -3.96
N VAL A 19 -1.53 15.55 -3.42
CA VAL A 19 -0.08 15.39 -3.13
C VAL A 19 0.09 14.40 -1.98
N ILE A 20 -0.61 14.62 -0.87
CA ILE A 20 -0.49 13.64 0.25
C ILE A 20 -1.03 12.28 -0.20
N LEU A 21 -2.08 12.28 -0.99
CA LEU A 21 -2.63 10.98 -1.49
C LEU A 21 -1.58 10.33 -2.40
N ILE A 22 -1.03 11.06 -3.33
CA ILE A 22 0.03 10.48 -4.22
C ILE A 22 1.19 9.98 -3.36
N ALA A 23 1.59 10.76 -2.40
CA ALA A 23 2.69 10.35 -1.49
C ALA A 23 2.29 9.08 -0.73
N ILE A 24 1.09 9.05 -0.19
CA ILE A 24 0.62 7.82 0.52
C ILE A 24 0.62 6.64 -0.46
N ALA A 25 0.11 6.85 -1.65
CA ALA A 25 0.10 5.76 -2.68
C ALA A 25 1.53 5.36 -3.00
N ALA A 26 2.40 6.31 -3.20
CA ALA A 26 3.82 5.99 -3.49
C ALA A 26 4.42 5.21 -2.32
N LEU A 27 4.16 5.66 -1.11
CA LEU A 27 4.67 4.94 0.09
C LEU A 27 4.07 3.53 0.11
N GLY A 28 2.77 3.43 -0.11
CA GLY A 28 2.12 2.09 -0.13
C GLY A 28 2.78 1.23 -1.20
N ALA A 29 3.02 1.80 -2.36
CA ALA A 29 3.70 1.02 -3.46
C ALA A 29 5.12 0.64 -3.02
N LEU A 30 5.84 1.59 -2.47
CA LEU A 30 7.23 1.30 -1.99
C LEU A 30 7.18 0.16 -0.96
N ILE A 31 6.20 0.19 -0.09
CA ILE A 31 6.07 -0.91 0.93
C ILE A 31 5.63 -2.21 0.23
N LEU A 32 4.68 -2.12 -0.66
CA LEU A 32 4.22 -3.35 -1.38
C LEU A 32 5.40 -3.98 -2.13
N GLY A 33 6.14 -3.20 -2.86
CA GLY A 33 7.32 -3.73 -3.62
C GLY A 33 8.42 -4.19 -2.66
N CYS A 34 8.68 -3.42 -1.63
CA CYS A 34 9.75 -3.81 -0.65
C CYS A 34 9.38 -5.12 0.07
N TRP A 35 8.14 -5.29 0.47
CA TRP A 35 7.76 -6.55 1.18
C TRP A 35 7.43 -7.67 0.17
N CYS A 36 6.86 -7.34 -0.96
CA CYS A 36 6.54 -8.38 -1.97
C CYS A 36 7.11 -7.99 -3.34
N TYR A 37 8.22 -8.57 -3.72
CA TYR A 37 8.83 -8.23 -5.05
C TYR A 37 7.81 -8.38 -6.18
N LEU A 38 7.03 -9.44 -6.17
CA LEU A 38 6.00 -9.62 -7.25
C LEU A 38 4.81 -8.66 -7.05
N ARG A 39 4.72 -8.00 -5.92
CA ARG A 39 3.61 -7.03 -5.65
C ARG A 39 2.26 -7.60 -6.09
N LEU A 40 2.04 -8.87 -5.84
CA LEU A 40 0.75 -9.53 -6.25
C LEU A 40 0.39 -9.18 -7.71
N GLN A 41 1.33 -9.27 -8.60
CA GLN A 41 1.04 -8.93 -10.03
C GLN A 41 0.10 -9.96 -10.69
N ARG A 42 -0.32 -10.99 -10.00
CA ARG A 42 -1.26 -11.98 -10.60
C ARG A 42 -2.68 -11.41 -10.54
N ILE A 43 -3.15 -11.15 -9.36
CA ILE A 43 -4.52 -10.58 -9.21
C ILE A 43 -4.43 -9.07 -8.89
N SER A 44 -3.45 -8.70 -8.10
CA SER A 44 -3.26 -7.26 -7.70
C SER A 44 -4.49 -6.73 -6.93
N GLN A 45 -5.57 -6.43 -7.63
CA GLN A 45 -6.81 -5.93 -6.94
C GLN A 45 -8.01 -5.99 -7.90
N SER A 46 -9.15 -5.51 -7.49
CA SER A 46 -10.35 -5.55 -8.38
C SER A 46 -11.35 -4.45 -7.99
N GLU A 47 -10.86 -3.32 -7.57
CA GLU A 47 -11.77 -2.21 -7.18
C GLU A 47 -11.88 -1.21 -8.34
N ASP A 48 -12.88 -0.37 -8.31
CA ASP A 48 -13.03 0.64 -9.42
C ASP A 48 -11.86 1.63 -9.38
N GLU A 49 -11.67 2.29 -8.26
CA GLU A 49 -10.53 3.27 -8.10
C GLU A 49 -10.65 4.44 -9.08
N GLU A 50 -10.57 4.21 -10.37
CA GLU A 50 -10.67 5.32 -11.35
C GLU A 50 -11.56 4.91 -12.54
N SER A 51 -12.62 5.64 -12.76
CA SER A 51 -13.54 5.29 -13.90
C SER A 51 -14.33 6.52 -14.38
N ILE A 52 -15.07 7.13 -13.49
CA ILE A 52 -15.90 8.32 -13.87
C ILE A 52 -15.04 9.58 -14.00
N VAL A 53 -14.38 9.96 -12.93
CA VAL A 53 -13.54 11.20 -12.98
C VAL A 53 -12.33 11.00 -13.91
N GLY A 54 -11.63 9.91 -13.79
CA GLY A 54 -10.44 9.67 -14.66
C GLY A 54 -9.37 10.74 -14.37
N ASP A 55 -9.33 11.23 -13.15
CA ASP A 55 -8.33 12.28 -12.77
C ASP A 55 -8.42 13.48 -13.71
N GLY A 56 -9.32 14.38 -13.42
CA GLY A 56 -9.51 15.61 -14.26
C GLY A 56 -10.35 16.61 -13.49
N GLU A 57 -11.44 16.16 -12.93
CA GLU A 57 -12.32 17.05 -12.11
C GLU A 57 -11.97 16.89 -10.62
N THR A 58 -11.89 15.66 -10.17
CA THR A 58 -11.54 15.40 -8.75
C THR A 58 -10.26 14.55 -8.71
N LYS A 59 -9.78 14.23 -7.52
CA LYS A 59 -8.52 13.43 -7.41
C LYS A 59 -7.35 14.20 -8.04
N GLU A 60 -6.32 13.52 -8.45
CA GLU A 60 -5.15 14.24 -9.06
C GLU A 60 -5.58 14.95 -10.35
N PRO A 61 -4.99 16.11 -10.59
CA PRO A 61 -5.33 16.88 -11.81
C PRO A 61 -4.93 16.10 -13.07
N PHE A 62 -3.85 15.34 -13.00
CA PHE A 62 -3.38 14.51 -14.16
C PHE A 62 -3.67 15.18 -15.52
N LEU A 63 -4.80 14.91 -16.11
CA LEU A 63 -5.14 15.53 -17.43
C LEU A 63 -5.11 17.07 -17.34
N LEU A 64 -5.47 17.61 -16.20
CA LEU A 64 -5.45 19.10 -16.04
C LEU A 64 -4.04 19.63 -16.24
N VAL A 65 -3.07 19.14 -15.49
CA VAL A 65 -1.67 19.62 -15.67
C VAL A 65 -1.10 19.07 -16.99
N GLN A 66 -1.52 17.90 -17.40
CA GLN A 66 -1.03 17.32 -18.69
C GLN A 66 -1.42 18.26 -19.84
N TYR A 67 -2.65 18.71 -19.85
CA TYR A 67 -3.11 19.65 -20.93
C TYR A 67 -2.50 21.04 -20.67
N SER A 68 -2.48 21.45 -19.43
CA SER A 68 -1.92 22.80 -19.07
C SER A 68 -0.45 22.90 -19.48
N ALA A 69 0.26 21.80 -19.53
CA ALA A 69 1.71 21.86 -19.92
C ALA A 69 1.89 21.58 -21.42
N LYS A 70 1.21 20.58 -21.93
CA LYS A 70 1.34 20.23 -23.38
C LYS A 70 0.70 21.30 -24.26
N GLY A 71 -0.42 21.81 -23.85
CA GLY A 71 -1.13 22.87 -24.65
C GLY A 71 -0.11 23.93 -25.10
N PRO A 72 0.50 24.58 -24.14
CA PRO A 72 1.52 25.60 -24.46
C PRO A 72 2.75 24.92 -25.08
N CYS A 73 3.20 23.80 -24.53
CA CYS A 73 4.39 23.11 -25.14
C CYS A 73 4.15 22.85 -26.63
N VAL A 74 2.98 22.39 -26.99
CA VAL A 74 2.68 22.13 -28.43
C VAL A 74 2.48 23.47 -29.14
N GLU A 75 1.73 24.35 -28.54
CA GLU A 75 1.51 25.72 -29.14
C GLU A 75 2.86 26.38 -29.45
N ARG A 76 3.79 26.27 -28.54
CA ARG A 76 5.14 26.87 -28.74
C ARG A 76 5.95 26.08 -29.79
N LYS A 77 5.96 24.77 -29.70
CA LYS A 77 6.72 23.96 -30.71
C LYS A 77 6.06 24.10 -32.09
N ALA A 78 4.79 24.32 -32.12
CA ALA A 78 4.08 24.47 -33.43
C ALA A 78 4.39 25.85 -34.00
N LYS A 79 4.18 26.87 -33.24
CA LYS A 79 4.46 28.26 -33.73
C LYS A 79 5.97 28.47 -34.01
N LEU A 80 6.83 27.76 -33.31
CA LEU A 80 8.29 27.93 -33.51
C LEU A 80 8.84 27.00 -34.61
N MET A 81 8.32 25.81 -34.72
CA MET A 81 8.85 24.86 -35.76
C MET A 81 7.83 24.61 -36.88
N THR A 82 6.55 24.49 -36.59
CA THR A 82 5.55 24.22 -37.69
C THR A 82 4.34 25.16 -37.59
N PRO A 83 4.57 26.43 -37.84
CA PRO A 83 3.45 27.42 -37.78
C PRO A 83 2.40 27.12 -38.86
N ASN A 84 2.80 26.45 -39.93
CA ASN A 84 1.86 26.11 -41.06
C ASN A 84 1.39 27.39 -41.77
N GLY A 85 0.88 28.33 -41.03
CA GLY A 85 0.41 29.61 -41.63
C GLY A 85 0.81 30.77 -40.73
N PRO A 86 2.03 31.25 -40.91
CA PRO A 86 2.52 32.38 -40.09
C PRO A 86 1.64 33.62 -40.29
N GLU A 87 0.86 33.65 -41.36
CA GLU A 87 -0.05 34.81 -41.60
C GLU A 87 -0.96 35.01 -40.38
N VAL A 88 -1.38 33.94 -39.79
CA VAL A 88 -2.27 34.03 -38.59
C VAL A 88 -1.44 33.88 -37.31
N HIS A 89 -0.28 33.23 -37.38
CA HIS A 89 0.58 33.05 -36.17
C HIS A 89 -0.20 32.32 -35.06
N GLY A 90 0.24 32.40 -33.83
CA GLY A 90 -0.48 31.70 -32.74
C GLY A 90 0.48 31.41 -31.60
N GLY A 1 -10.33 27.31 3.46
CA GLY A 1 -9.76 27.65 4.82
C GLY A 1 -8.23 27.80 4.72
N SER A 2 -7.60 28.33 5.76
CA SER A 2 -6.11 28.52 5.74
C SER A 2 -5.70 29.27 4.45
N MET A 3 -4.56 28.96 3.89
CA MET A 3 -4.13 29.63 2.62
C MET A 3 -4.89 29.03 1.43
N SER A 4 -6.18 28.88 1.58
CA SER A 4 -7.02 28.30 0.51
C SER A 4 -8.45 28.79 0.69
N ILE A 5 -8.77 29.93 0.15
CA ILE A 5 -10.15 30.47 0.27
C ILE A 5 -11.06 29.74 -0.73
N MET A 6 -12.00 30.43 -1.33
CA MET A 6 -12.91 29.77 -2.32
C MET A 6 -13.79 28.70 -1.67
N ASP A 7 -13.19 27.68 -1.10
CA ASP A 7 -13.97 26.57 -0.47
C ASP A 7 -14.76 25.79 -1.55
N HIS A 8 -15.43 26.46 -2.46
CA HIS A 8 -16.17 25.75 -3.54
C HIS A 8 -15.19 25.01 -4.47
N SER A 9 -13.99 25.53 -4.60
CA SER A 9 -12.96 24.91 -5.48
C SER A 9 -11.54 25.31 -5.05
N PRO A 10 -11.16 24.89 -3.87
CA PRO A 10 -9.80 25.22 -3.36
C PRO A 10 -8.74 24.42 -4.12
N THR A 11 -8.25 24.94 -5.22
CA THR A 11 -7.20 24.20 -6.01
C THR A 11 -6.01 23.86 -5.10
N THR A 12 -5.61 24.77 -4.25
CA THR A 12 -4.48 24.50 -3.32
C THR A 12 -4.84 23.32 -2.41
N GLY A 13 -6.06 23.26 -1.97
CA GLY A 13 -6.51 22.13 -1.11
C GLY A 13 -6.58 20.86 -1.95
N VAL A 14 -7.25 20.92 -3.07
CA VAL A 14 -7.32 19.71 -3.97
C VAL A 14 -5.90 19.24 -4.31
N VAL A 15 -5.01 20.16 -4.55
CA VAL A 15 -3.60 19.76 -4.86
C VAL A 15 -2.95 19.20 -3.59
N THR A 16 -3.19 19.84 -2.47
CA THR A 16 -2.62 19.34 -1.18
C THR A 16 -3.06 17.90 -0.93
N VAL A 17 -4.34 17.64 -0.99
CA VAL A 17 -4.84 16.25 -0.77
C VAL A 17 -4.32 15.32 -1.87
N ILE A 18 -4.24 15.80 -3.09
CA ILE A 18 -3.71 14.93 -4.19
C ILE A 18 -2.23 14.63 -3.93
N VAL A 19 -1.48 15.60 -3.50
CA VAL A 19 -0.04 15.34 -3.19
C VAL A 19 0.04 14.35 -2.02
N ILE A 20 -0.75 14.57 -0.99
CA ILE A 20 -0.74 13.62 0.16
C ILE A 20 -1.19 12.24 -0.32
N LEU A 21 -2.25 12.20 -1.09
CA LEU A 21 -2.74 10.90 -1.64
C LEU A 21 -1.63 10.28 -2.50
N ILE A 22 -1.07 11.05 -3.40
CA ILE A 22 0.04 10.51 -4.25
C ILE A 22 1.17 10.00 -3.36
N ALA A 23 1.50 10.74 -2.32
CA ALA A 23 2.58 10.31 -1.39
C ALA A 23 2.15 9.01 -0.68
N ILE A 24 0.95 8.97 -0.17
CA ILE A 24 0.47 7.73 0.52
C ILE A 24 0.52 6.56 -0.48
N ALA A 25 0.02 6.76 -1.67
CA ALA A 25 0.06 5.68 -2.70
C ALA A 25 1.51 5.31 -3.01
N ALA A 26 2.36 6.28 -3.18
CA ALA A 26 3.80 5.99 -3.44
C ALA A 26 4.39 5.23 -2.25
N LEU A 27 4.08 5.66 -1.05
CA LEU A 27 4.58 4.95 0.16
C LEU A 27 4.02 3.51 0.16
N GLY A 28 2.73 3.37 -0.06
CA GLY A 28 2.12 2.01 -0.11
C GLY A 28 2.83 1.19 -1.19
N ALA A 29 3.06 1.77 -2.35
CA ALA A 29 3.76 1.03 -3.43
C ALA A 29 5.20 0.71 -2.99
N LEU A 30 5.86 1.65 -2.39
CA LEU A 30 7.25 1.40 -1.90
C LEU A 30 7.24 0.26 -0.89
N ILE A 31 6.25 0.25 -0.01
CA ILE A 31 6.16 -0.85 1.00
C ILE A 31 5.81 -2.16 0.30
N LEU A 32 4.75 -2.17 -0.49
CA LEU A 32 4.36 -3.41 -1.23
C LEU A 32 5.55 -3.92 -2.05
N GLY A 33 6.21 -3.04 -2.77
CA GLY A 33 7.39 -3.44 -3.59
C GLY A 33 8.49 -3.99 -2.65
N CYS A 34 8.78 -3.29 -1.58
CA CYS A 34 9.81 -3.79 -0.62
C CYS A 34 9.41 -5.18 -0.10
N TRP A 35 8.15 -5.37 0.20
CA TRP A 35 7.69 -6.71 0.69
C TRP A 35 7.78 -7.73 -0.46
N CYS A 36 7.38 -7.35 -1.64
CA CYS A 36 7.46 -8.26 -2.83
C CYS A 36 6.71 -9.58 -2.58
N TYR A 37 7.26 -10.48 -1.81
CA TYR A 37 6.56 -11.78 -1.55
C TYR A 37 6.86 -12.31 -0.14
N LEU A 38 7.41 -11.50 0.75
CA LEU A 38 7.69 -12.00 2.13
C LEU A 38 6.51 -11.71 3.07
N ARG A 39 5.32 -11.54 2.53
CA ARG A 39 4.11 -11.27 3.38
C ARG A 39 3.98 -12.29 4.52
N LEU A 40 4.09 -13.55 4.20
CA LEU A 40 3.98 -14.61 5.26
C LEU A 40 5.23 -14.63 6.16
N GLN A 41 5.59 -13.50 6.73
CA GLN A 41 6.79 -13.44 7.61
C GLN A 41 6.41 -13.71 9.08
N ARG A 42 5.14 -13.62 9.41
CA ARG A 42 4.70 -13.87 10.82
C ARG A 42 3.20 -14.20 10.85
N ILE A 43 2.44 -13.62 11.76
CA ILE A 43 0.97 -13.90 11.83
C ILE A 43 0.31 -13.67 10.47
N SER A 44 0.81 -12.73 9.74
CA SER A 44 0.27 -12.38 8.38
C SER A 44 0.18 -13.63 7.48
N GLN A 45 -0.99 -14.17 7.33
CA GLN A 45 -1.16 -15.40 6.47
C GLN A 45 -1.32 -15.01 4.99
N SER A 46 -1.79 -13.82 4.70
CA SER A 46 -1.96 -13.40 3.28
C SER A 46 -1.05 -12.21 2.97
N GLU A 47 -1.32 -11.06 3.53
CA GLU A 47 -0.46 -9.87 3.28
C GLU A 47 0.23 -9.42 4.56
N ASP A 48 1.17 -8.53 4.42
CA ASP A 48 1.91 -8.02 5.63
C ASP A 48 2.14 -6.50 5.52
N GLU A 49 2.33 -5.99 4.33
CA GLU A 49 2.57 -4.52 4.15
C GLU A 49 1.26 -3.71 4.34
N GLU A 50 0.99 -2.74 3.49
CA GLU A 50 -0.25 -1.91 3.66
C GLU A 50 -1.53 -2.68 3.27
N SER A 51 -2.01 -3.52 4.14
CA SER A 51 -3.26 -4.29 3.86
C SER A 51 -3.85 -4.81 5.17
N ILE A 52 -3.21 -5.77 5.78
CA ILE A 52 -3.70 -6.31 7.08
C ILE A 52 -3.57 -5.25 8.18
N VAL A 53 -2.62 -4.36 8.03
CA VAL A 53 -2.46 -3.27 9.04
C VAL A 53 -3.78 -2.47 9.14
N GLY A 54 -4.48 -2.34 8.04
CA GLY A 54 -5.80 -1.62 8.04
C GLY A 54 -6.92 -2.66 8.00
N ASP A 55 -6.79 -3.71 8.75
CA ASP A 55 -7.82 -4.79 8.76
C ASP A 55 -8.70 -4.66 10.01
N GLY A 56 -9.83 -4.00 9.90
CA GLY A 56 -10.73 -3.85 11.08
C GLY A 56 -12.15 -3.58 10.59
N GLU A 57 -12.31 -2.59 9.76
CA GLU A 57 -13.65 -2.28 9.21
C GLU A 57 -13.83 -2.93 7.84
N THR A 58 -12.75 -3.22 7.16
CA THR A 58 -12.82 -3.86 5.82
C THR A 58 -13.31 -5.32 5.92
N LYS A 59 -14.51 -5.51 6.43
CA LYS A 59 -15.04 -6.90 6.58
C LYS A 59 -16.39 -7.04 5.86
N GLU A 60 -17.18 -7.99 6.28
CA GLU A 60 -18.53 -8.19 5.67
C GLU A 60 -19.51 -7.16 6.25
N PRO A 61 -19.99 -6.28 5.40
CA PRO A 61 -20.94 -5.23 5.85
C PRO A 61 -22.28 -5.82 6.33
N PHE A 62 -22.77 -6.84 5.68
CA PHE A 62 -24.06 -7.46 6.11
C PHE A 62 -23.91 -8.03 7.53
N LEU A 63 -22.96 -8.89 7.72
CA LEU A 63 -22.72 -9.47 9.08
C LEU A 63 -22.41 -8.36 10.09
N LEU A 64 -21.69 -7.36 9.66
CA LEU A 64 -21.35 -6.23 10.58
C LEU A 64 -22.63 -5.56 11.07
N VAL A 65 -23.55 -5.24 10.18
CA VAL A 65 -24.83 -4.61 10.63
C VAL A 65 -25.70 -5.67 11.30
N GLN A 66 -25.66 -6.88 10.81
CA GLN A 66 -26.47 -7.96 11.43
C GLN A 66 -26.09 -8.11 12.90
N TYR A 67 -24.81 -8.14 13.18
CA TYR A 67 -24.36 -8.25 14.61
C TYR A 67 -24.65 -6.94 15.34
N SER A 68 -24.38 -5.84 14.69
CA SER A 68 -24.65 -4.50 15.30
C SER A 68 -26.14 -4.35 15.60
N ALA A 69 -27.00 -4.87 14.75
CA ALA A 69 -28.47 -4.76 14.99
C ALA A 69 -28.96 -5.86 15.94
N LYS A 70 -28.52 -7.08 15.75
CA LYS A 70 -28.99 -8.18 16.64
C LYS A 70 -28.40 -8.03 18.05
N GLY A 71 -27.26 -7.38 18.17
CA GLY A 71 -26.65 -7.18 19.52
C GLY A 71 -27.67 -6.50 20.44
N PRO A 72 -28.03 -5.29 20.09
CA PRO A 72 -29.03 -4.53 20.89
C PRO A 72 -30.40 -5.21 20.79
N CYS A 73 -30.75 -5.75 19.64
CA CYS A 73 -32.07 -6.46 19.51
C CYS A 73 -32.13 -7.62 20.50
N VAL A 74 -31.09 -8.41 20.56
CA VAL A 74 -31.06 -9.56 21.52
C VAL A 74 -30.89 -9.03 22.94
N GLU A 75 -30.02 -8.06 23.12
CA GLU A 75 -29.82 -7.47 24.48
C GLU A 75 -31.17 -6.93 24.99
N ARG A 76 -31.92 -6.30 24.13
CA ARG A 76 -33.23 -5.75 24.53
C ARG A 76 -34.24 -6.89 24.75
N LYS A 77 -34.29 -7.85 23.86
CA LYS A 77 -35.24 -8.98 24.05
C LYS A 77 -34.91 -9.72 25.35
N ALA A 78 -33.65 -9.95 25.58
CA ALA A 78 -33.21 -10.64 26.84
C ALA A 78 -33.53 -9.79 28.07
N LYS A 79 -33.19 -8.55 28.04
CA LYS A 79 -33.46 -7.66 29.21
C LYS A 79 -34.96 -7.40 29.38
N LEU A 80 -35.65 -7.09 28.33
CA LEU A 80 -37.12 -6.80 28.43
C LEU A 80 -37.94 -8.07 28.72
N MET A 81 -37.79 -9.09 27.94
CA MET A 81 -38.59 -10.34 28.16
C MET A 81 -37.79 -11.42 28.90
N THR A 82 -36.48 -11.40 28.81
CA THR A 82 -35.63 -12.42 29.52
C THR A 82 -36.07 -13.85 29.17
N PRO A 83 -35.60 -14.31 28.03
CA PRO A 83 -35.92 -15.68 27.56
C PRO A 83 -35.17 -16.77 28.35
N ASN A 84 -34.66 -16.47 29.51
CA ASN A 84 -33.96 -17.53 30.32
C ASN A 84 -35.01 -18.51 30.87
N GLY A 85 -35.82 -19.05 30.00
CA GLY A 85 -36.90 -20.00 30.42
C GLY A 85 -38.16 -19.70 29.60
N PRO A 86 -38.82 -18.61 29.95
CA PRO A 86 -40.04 -18.19 29.22
C PRO A 86 -39.67 -17.49 27.91
N GLU A 87 -40.63 -16.94 27.21
CA GLU A 87 -40.36 -16.25 25.88
C GLU A 87 -39.91 -17.29 24.84
N VAL A 88 -38.96 -18.09 25.17
CA VAL A 88 -38.46 -19.15 24.23
C VAL A 88 -38.86 -20.56 24.72
N HIS A 89 -39.44 -20.67 25.90
CA HIS A 89 -39.85 -22.01 26.44
C HIS A 89 -38.61 -22.92 26.59
N GLY A 90 -37.59 -22.43 27.25
CA GLY A 90 -36.34 -23.22 27.46
C GLY A 90 -35.57 -22.70 28.68
N GLY A 1 -19.53 6.46 3.42
CA GLY A 1 -20.89 6.91 3.01
C GLY A 1 -20.94 7.11 1.50
N SER A 2 -20.40 8.21 1.00
CA SER A 2 -20.40 8.46 -0.47
C SER A 2 -19.35 9.51 -0.83
N MET A 3 -19.67 10.76 -0.67
CA MET A 3 -18.71 11.85 -1.00
C MET A 3 -18.59 12.85 0.15
N SER A 4 -17.94 12.47 1.22
CA SER A 4 -17.78 13.39 2.39
C SER A 4 -16.29 13.65 2.69
N ILE A 5 -15.45 13.60 1.69
CA ILE A 5 -14.00 13.83 1.92
C ILE A 5 -13.64 15.30 1.56
N MET A 6 -12.69 15.54 0.69
CA MET A 6 -12.34 16.96 0.34
C MET A 6 -13.06 17.39 -0.94
N ASP A 7 -14.30 16.99 -1.11
CA ASP A 7 -15.07 17.36 -2.34
C ASP A 7 -15.22 18.90 -2.45
N HIS A 8 -15.26 19.59 -1.33
CA HIS A 8 -15.39 21.08 -1.38
C HIS A 8 -14.04 21.75 -1.11
N SER A 9 -12.96 21.16 -1.58
CA SER A 9 -11.62 21.76 -1.36
C SER A 9 -11.21 22.60 -2.59
N PRO A 10 -10.57 23.72 -2.31
CA PRO A 10 -10.11 24.61 -3.41
C PRO A 10 -8.96 23.97 -4.19
N THR A 11 -8.59 24.56 -5.31
CA THR A 11 -7.46 23.98 -6.12
C THR A 11 -6.23 23.75 -5.22
N THR A 12 -5.96 24.66 -4.32
CA THR A 12 -4.80 24.47 -3.38
C THR A 12 -5.05 23.26 -2.49
N GLY A 13 -6.26 23.14 -2.00
CA GLY A 13 -6.61 21.98 -1.13
C GLY A 13 -6.63 20.71 -1.97
N VAL A 14 -7.35 20.73 -3.08
CA VAL A 14 -7.39 19.52 -3.96
C VAL A 14 -5.97 19.09 -4.32
N VAL A 15 -5.11 20.05 -4.60
CA VAL A 15 -3.69 19.69 -4.94
C VAL A 15 -2.99 19.19 -3.67
N THR A 16 -3.23 19.84 -2.56
CA THR A 16 -2.60 19.40 -1.27
C THR A 16 -3.00 17.97 -0.95
N VAL A 17 -4.27 17.68 -0.98
CA VAL A 17 -4.72 16.29 -0.70
C VAL A 17 -4.21 15.34 -1.79
N ILE A 18 -4.17 15.77 -3.02
CA ILE A 18 -3.65 14.88 -4.11
C ILE A 18 -2.16 14.62 -3.89
N VAL A 19 -1.42 15.62 -3.49
CA VAL A 19 0.03 15.41 -3.21
C VAL A 19 0.15 14.44 -2.02
N ILE A 20 -0.64 14.64 -1.00
CA ILE A 20 -0.60 13.72 0.18
C ILE A 20 -1.03 12.32 -0.26
N LEU A 21 -2.11 12.24 -1.01
CA LEU A 21 -2.58 10.93 -1.53
C LEU A 21 -1.48 10.31 -2.39
N ILE A 22 -0.94 11.07 -3.32
CA ILE A 22 0.18 10.54 -4.16
C ILE A 22 1.32 10.04 -3.27
N ALA A 23 1.64 10.80 -2.24
CA ALA A 23 2.74 10.36 -1.32
C ALA A 23 2.31 9.09 -0.58
N ILE A 24 1.09 9.05 -0.08
CA ILE A 24 0.60 7.82 0.62
C ILE A 24 0.65 6.65 -0.37
N ALA A 25 0.17 6.87 -1.58
CA ALA A 25 0.20 5.81 -2.62
C ALA A 25 1.64 5.41 -2.92
N ALA A 26 2.50 6.38 -3.14
CA ALA A 26 3.93 6.08 -3.41
C ALA A 26 4.51 5.29 -2.23
N LEU A 27 4.22 5.71 -1.03
CA LEU A 27 4.70 4.97 0.17
C LEU A 27 4.11 3.54 0.15
N GLY A 28 2.82 3.43 -0.10
CA GLY A 28 2.19 2.08 -0.17
C GLY A 28 2.85 1.26 -1.27
N ALA A 29 3.11 1.88 -2.40
CA ALA A 29 3.79 1.15 -3.51
C ALA A 29 5.19 0.74 -3.06
N LEU A 30 5.90 1.63 -2.43
CA LEU A 30 7.26 1.30 -1.91
C LEU A 30 7.15 0.14 -0.91
N ILE A 31 6.14 0.16 -0.07
CA ILE A 31 5.95 -0.96 0.91
C ILE A 31 5.57 -2.23 0.16
N LEU A 32 4.62 -2.15 -0.74
CA LEU A 32 4.21 -3.35 -1.53
C LEU A 32 5.44 -3.91 -2.27
N GLY A 33 6.17 -3.05 -2.94
CA GLY A 33 7.39 -3.49 -3.69
C GLY A 33 8.45 -4.03 -2.73
N CYS A 34 8.58 -3.46 -1.56
CA CYS A 34 9.62 -3.96 -0.60
C CYS A 34 9.15 -5.24 0.13
N TRP A 35 7.86 -5.39 0.33
CA TRP A 35 7.37 -6.63 1.04
C TRP A 35 7.09 -7.78 0.05
N CYS A 36 6.70 -7.47 -1.17
CA CYS A 36 6.41 -8.56 -2.14
C CYS A 36 7.18 -8.34 -3.45
N TYR A 37 7.51 -9.41 -4.12
CA TYR A 37 8.24 -9.30 -5.41
C TYR A 37 7.25 -8.96 -6.55
N LEU A 38 6.07 -9.53 -6.50
CA LEU A 38 5.05 -9.24 -7.57
C LEU A 38 4.27 -7.97 -7.24
N ARG A 39 3.56 -7.98 -6.13
CA ARG A 39 2.73 -6.79 -5.71
C ARG A 39 2.24 -5.99 -6.93
N LEU A 40 1.33 -6.56 -7.67
CA LEU A 40 0.82 -5.86 -8.89
C LEU A 40 -0.37 -4.95 -8.56
N GLN A 41 -0.10 -3.73 -8.14
CA GLN A 41 -1.21 -2.77 -7.82
C GLN A 41 -2.16 -2.64 -9.02
N ARG A 42 -1.71 -3.00 -10.20
CA ARG A 42 -2.58 -2.93 -11.41
C ARG A 42 -2.05 -3.89 -12.49
N ILE A 43 -2.15 -3.54 -13.75
CA ILE A 43 -1.66 -4.42 -14.84
C ILE A 43 -0.17 -4.77 -14.63
N SER A 44 0.57 -3.92 -13.94
CA SER A 44 2.02 -4.18 -13.67
C SER A 44 2.59 -3.02 -12.84
N GLN A 45 2.34 -3.02 -11.55
CA GLN A 45 2.85 -1.93 -10.66
C GLN A 45 2.66 -0.54 -11.31
N SER A 46 1.45 -0.17 -11.63
CA SER A 46 1.22 1.14 -12.29
C SER A 46 -0.08 1.81 -11.79
N GLU A 47 -0.05 2.38 -10.62
CA GLU A 47 -1.26 3.09 -10.08
C GLU A 47 -1.17 4.59 -10.38
N ASP A 48 -2.30 5.27 -10.46
CA ASP A 48 -2.27 6.74 -10.76
C ASP A 48 -2.39 7.55 -9.46
N GLU A 49 -3.42 7.32 -8.68
CA GLU A 49 -3.59 8.08 -7.41
C GLU A 49 -4.34 7.24 -6.35
N GLU A 50 -4.27 7.63 -5.11
CA GLU A 50 -4.98 6.89 -4.03
C GLU A 50 -6.35 7.52 -3.76
N SER A 51 -7.37 7.07 -4.42
CA SER A 51 -8.73 7.64 -4.21
C SER A 51 -9.79 6.55 -4.36
N ILE A 52 -10.15 6.22 -5.57
CA ILE A 52 -11.19 5.17 -5.79
C ILE A 52 -10.66 3.79 -5.42
N VAL A 53 -9.39 3.55 -5.65
CA VAL A 53 -8.80 2.21 -5.29
C VAL A 53 -8.58 2.11 -3.78
N GLY A 54 -8.27 3.20 -3.13
CA GLY A 54 -8.05 3.19 -1.65
C GLY A 54 -9.39 3.36 -0.91
N ASP A 55 -10.37 3.98 -1.55
CA ASP A 55 -11.70 4.19 -0.92
C ASP A 55 -11.59 5.08 0.34
N GLY A 56 -12.62 5.11 1.16
CA GLY A 56 -12.58 5.96 2.39
C GLY A 56 -14.01 6.40 2.69
N GLU A 57 -14.65 7.01 1.73
CA GLU A 57 -16.06 7.47 1.95
C GLU A 57 -17.03 6.78 0.98
N THR A 58 -16.61 6.46 -0.22
CA THR A 58 -17.51 5.78 -1.20
C THR A 58 -18.12 4.50 -0.59
N LYS A 59 -19.34 4.62 -0.08
CA LYS A 59 -20.03 3.47 0.59
C LYS A 59 -19.32 3.15 1.92
N GLU A 60 -19.75 2.13 2.62
CA GLU A 60 -19.09 1.80 3.93
C GLU A 60 -18.08 0.65 3.73
N PRO A 61 -16.81 1.01 3.70
CA PRO A 61 -15.73 0.00 3.52
C PRO A 61 -15.54 -0.83 4.80
N PHE A 62 -15.26 -2.09 4.66
CA PHE A 62 -15.05 -2.97 5.85
C PHE A 62 -13.67 -2.77 6.45
N LEU A 63 -12.65 -2.77 5.65
CA LEU A 63 -11.25 -2.58 6.17
C LEU A 63 -11.10 -1.20 6.82
N LEU A 64 -11.75 -0.20 6.29
CA LEU A 64 -11.64 1.16 6.91
C LEU A 64 -12.16 1.13 8.35
N VAL A 65 -13.38 0.69 8.55
CA VAL A 65 -13.93 0.63 9.93
C VAL A 65 -13.21 -0.44 10.75
N GLN A 66 -12.80 -1.52 10.11
CA GLN A 66 -12.06 -2.58 10.86
C GLN A 66 -10.75 -1.98 11.40
N TYR A 67 -9.96 -1.37 10.56
CA TYR A 67 -8.69 -0.73 11.04
C TYR A 67 -9.04 0.39 12.02
N SER A 68 -10.03 1.17 11.70
CA SER A 68 -10.47 2.30 12.58
C SER A 68 -10.80 1.78 13.99
N ALA A 69 -11.35 0.60 14.10
CA ALA A 69 -11.69 0.05 15.45
C ALA A 69 -10.52 -0.79 16.01
N LYS A 70 -9.89 -1.57 15.17
CA LYS A 70 -8.74 -2.41 15.65
C LYS A 70 -7.57 -1.52 16.10
N GLY A 71 -7.25 -0.52 15.33
CA GLY A 71 -6.12 0.40 15.69
C GLY A 71 -6.21 0.81 17.17
N PRO A 72 -7.28 1.51 17.51
CA PRO A 72 -7.47 1.95 18.92
C PRO A 72 -7.69 0.73 19.84
N CYS A 73 -8.39 -0.27 19.39
CA CYS A 73 -8.59 -1.49 20.27
C CYS A 73 -7.23 -2.11 20.60
N VAL A 74 -6.37 -2.21 19.61
CA VAL A 74 -5.01 -2.78 19.86
C VAL A 74 -4.16 -1.76 20.61
N GLU A 75 -4.23 -0.52 20.21
CA GLU A 75 -3.46 0.55 20.92
C GLU A 75 -3.82 0.53 22.40
N ARG A 76 -5.10 0.43 22.67
CA ARG A 76 -5.56 0.37 24.09
C ARG A 76 -5.10 -0.93 24.74
N LYS A 77 -5.17 -2.03 24.02
CA LYS A 77 -4.71 -3.33 24.60
C LYS A 77 -3.22 -3.25 24.98
N ALA A 78 -2.41 -2.78 24.07
CA ALA A 78 -0.94 -2.66 24.36
C ALA A 78 -0.69 -1.64 25.47
N LYS A 79 -1.36 -0.52 25.41
CA LYS A 79 -1.17 0.53 26.47
C LYS A 79 -1.71 0.02 27.82
N LEU A 80 -2.75 -0.79 27.80
CA LEU A 80 -3.31 -1.32 29.08
C LEU A 80 -2.44 -2.45 29.65
N MET A 81 -1.84 -3.24 28.80
CA MET A 81 -0.97 -4.36 29.28
C MET A 81 0.43 -3.83 29.66
N THR A 82 0.95 -2.92 28.88
CA THR A 82 2.31 -2.35 29.19
C THR A 82 2.17 -1.10 30.07
N PRO A 83 3.29 -0.57 30.52
CA PRO A 83 3.26 0.65 31.37
C PRO A 83 3.01 1.92 30.53
N ASN A 84 2.69 1.78 29.27
CA ASN A 84 2.42 2.98 28.43
C ASN A 84 1.03 3.53 28.77
N GLY A 85 0.76 3.74 30.04
CA GLY A 85 -0.58 4.26 30.46
C GLY A 85 -0.65 5.78 30.27
N PRO A 86 -1.45 6.41 31.11
CA PRO A 86 -1.62 7.89 31.04
C PRO A 86 -0.35 8.61 31.48
N GLU A 87 0.56 7.93 32.14
CA GLU A 87 1.84 8.59 32.56
C GLU A 87 2.61 8.99 31.30
N VAL A 88 2.48 8.22 30.24
CA VAL A 88 3.16 8.55 28.95
C VAL A 88 2.16 9.15 27.97
N HIS A 89 0.90 8.74 28.02
CA HIS A 89 -0.12 9.30 27.09
C HIS A 89 -1.55 8.88 27.49
N GLY A 90 -1.81 7.60 27.56
CA GLY A 90 -3.18 7.13 27.93
C GLY A 90 -3.98 6.79 26.66
N GLY A 1 -10.64 32.08 7.46
CA GLY A 1 -9.24 32.05 7.98
C GLY A 1 -8.25 31.80 6.83
N SER A 2 -7.11 32.46 6.89
CA SER A 2 -6.07 32.28 5.82
C SER A 2 -6.67 32.52 4.42
N MET A 3 -6.23 31.77 3.44
CA MET A 3 -6.77 31.94 2.05
C MET A 3 -8.24 31.49 1.99
N SER A 4 -9.10 32.18 2.66
CA SER A 4 -10.56 31.81 2.63
C SER A 4 -11.21 32.30 1.33
N ILE A 5 -10.42 32.73 0.39
CA ILE A 5 -10.95 33.20 -0.91
C ILE A 5 -11.20 32.00 -1.82
N MET A 6 -11.47 32.24 -3.08
CA MET A 6 -11.72 31.10 -4.02
C MET A 6 -10.57 30.97 -5.01
N ASP A 7 -10.72 30.11 -5.99
CA ASP A 7 -9.64 29.90 -7.01
C ASP A 7 -8.39 29.25 -6.36
N HIS A 8 -7.98 29.70 -5.20
CA HIS A 8 -6.77 29.10 -4.54
C HIS A 8 -7.17 28.04 -3.50
N SER A 9 -8.26 28.22 -2.82
CA SER A 9 -8.70 27.24 -1.78
C SER A 9 -8.92 25.83 -2.38
N PRO A 10 -9.72 25.73 -3.43
CA PRO A 10 -9.99 24.41 -4.05
C PRO A 10 -8.77 23.86 -4.78
N THR A 11 -8.02 24.72 -5.43
CA THR A 11 -6.80 24.26 -6.16
C THR A 11 -5.73 23.82 -5.15
N THR A 12 -5.31 24.69 -4.27
CA THR A 12 -4.27 24.30 -3.28
C THR A 12 -4.78 23.12 -2.45
N GLY A 13 -6.05 23.12 -2.12
CA GLY A 13 -6.62 22.00 -1.32
C GLY A 13 -6.56 20.71 -2.14
N VAL A 14 -7.15 20.70 -3.31
CA VAL A 14 -7.12 19.49 -4.19
C VAL A 14 -5.65 19.09 -4.43
N VAL A 15 -4.79 20.04 -4.64
CA VAL A 15 -3.35 19.71 -4.88
C VAL A 15 -2.76 19.13 -3.58
N THR A 16 -3.07 19.74 -2.47
CA THR A 16 -2.56 19.23 -1.15
C THR A 16 -3.03 17.81 -0.93
N VAL A 17 -4.32 17.58 -1.03
CA VAL A 17 -4.84 16.19 -0.82
C VAL A 17 -4.30 15.26 -1.91
N ILE A 18 -4.12 15.75 -3.13
CA ILE A 18 -3.56 14.86 -4.20
C ILE A 18 -2.09 14.57 -3.88
N VAL A 19 -1.36 15.55 -3.44
CA VAL A 19 0.07 15.29 -3.08
C VAL A 19 0.10 14.32 -1.89
N ILE A 20 -0.77 14.52 -0.93
CA ILE A 20 -0.82 13.59 0.25
C ILE A 20 -1.25 12.21 -0.23
N LEU A 21 -2.32 12.13 -1.00
CA LEU A 21 -2.78 10.81 -1.52
C LEU A 21 -1.67 10.21 -2.42
N ILE A 22 -1.05 11.04 -3.24
CA ILE A 22 0.06 10.53 -4.10
C ILE A 22 1.17 10.00 -3.20
N ALA A 23 1.50 10.73 -2.16
CA ALA A 23 2.56 10.25 -1.21
C ALA A 23 2.10 8.97 -0.51
N ILE A 24 0.87 8.93 -0.05
CA ILE A 24 0.34 7.70 0.61
C ILE A 24 0.41 6.55 -0.38
N ALA A 25 -0.08 6.75 -1.58
CA ALA A 25 -0.03 5.69 -2.61
C ALA A 25 1.43 5.33 -2.91
N ALA A 26 2.27 6.30 -3.07
CA ALA A 26 3.71 6.01 -3.33
C ALA A 26 4.30 5.24 -2.15
N LEU A 27 3.98 5.65 -0.95
CA LEU A 27 4.49 4.92 0.25
C LEU A 27 3.91 3.50 0.26
N GLY A 28 2.63 3.37 0.02
CA GLY A 28 2.00 2.01 -0.03
C GLY A 28 2.68 1.20 -1.13
N ALA A 29 2.88 1.80 -2.28
CA ALA A 29 3.57 1.07 -3.40
C ALA A 29 5.01 0.76 -3.00
N LEU A 30 5.66 1.68 -2.35
CA LEU A 30 7.06 1.44 -1.89
C LEU A 30 7.07 0.26 -0.91
N ILE A 31 6.11 0.22 -0.01
CA ILE A 31 6.04 -0.91 0.98
C ILE A 31 5.68 -2.20 0.24
N LEU A 32 4.66 -2.16 -0.57
CA LEU A 32 4.24 -3.37 -1.35
C LEU A 32 5.37 -3.82 -2.29
N GLY A 33 6.06 -2.88 -2.89
CA GLY A 33 7.18 -3.25 -3.82
C GLY A 33 8.41 -3.70 -3.03
N CYS A 34 8.72 -3.03 -1.95
CA CYS A 34 9.92 -3.43 -1.14
C CYS A 34 9.66 -4.74 -0.40
N TRP A 35 8.48 -4.91 0.14
CA TRP A 35 8.17 -6.17 0.88
C TRP A 35 7.48 -7.21 -0.01
N CYS A 36 7.06 -6.82 -1.20
CA CYS A 36 6.38 -7.76 -2.14
C CYS A 36 5.07 -8.30 -1.54
N TYR A 37 4.33 -9.00 -2.34
CA TYR A 37 3.03 -9.56 -1.85
C TYR A 37 3.25 -10.87 -1.08
N LEU A 38 4.27 -11.61 -1.43
CA LEU A 38 4.53 -12.91 -0.71
C LEU A 38 5.82 -12.86 0.14
N ARG A 39 6.40 -11.69 0.33
CA ARG A 39 7.65 -11.58 1.16
C ARG A 39 8.76 -12.54 0.68
N LEU A 40 8.73 -12.94 -0.57
CA LEU A 40 9.78 -13.87 -1.09
C LEU A 40 10.13 -13.51 -2.54
N GLN A 41 11.19 -14.07 -3.07
CA GLN A 41 11.62 -13.74 -4.47
C GLN A 41 11.85 -12.23 -4.61
N ARG A 42 12.31 -11.60 -3.55
CA ARG A 42 12.54 -10.12 -3.58
C ARG A 42 13.75 -9.72 -2.73
N ILE A 43 13.72 -10.05 -1.46
CA ILE A 43 14.86 -9.69 -0.55
C ILE A 43 16.17 -10.24 -1.10
N SER A 44 16.10 -11.34 -1.78
CA SER A 44 17.30 -12.01 -2.38
C SER A 44 18.14 -12.63 -1.25
N GLN A 45 17.51 -13.38 -0.40
CA GLN A 45 18.22 -14.03 0.74
C GLN A 45 17.96 -15.54 0.73
N SER A 46 16.72 -15.93 0.91
CA SER A 46 16.38 -17.38 0.89
C SER A 46 16.30 -17.89 -0.56
N GLU A 47 16.04 -17.01 -1.48
CA GLU A 47 15.95 -17.43 -2.91
C GLU A 47 17.26 -17.09 -3.65
N ASP A 48 17.37 -17.55 -4.87
CA ASP A 48 18.61 -17.32 -5.67
C ASP A 48 18.55 -15.98 -6.41
N GLU A 49 17.40 -15.60 -6.91
CA GLU A 49 17.28 -14.33 -7.65
C GLU A 49 15.92 -13.65 -7.39
N GLU A 50 15.74 -12.45 -7.91
CA GLU A 50 14.46 -11.71 -7.70
C GLU A 50 13.38 -12.22 -8.67
N SER A 51 13.56 -11.97 -9.94
CA SER A 51 12.57 -12.42 -10.97
C SER A 51 13.11 -12.16 -12.37
N ILE A 52 13.95 -13.04 -12.86
CA ILE A 52 14.55 -12.89 -14.23
C ILE A 52 15.47 -11.66 -14.32
N VAL A 53 15.05 -10.53 -13.81
CA VAL A 53 15.90 -9.29 -13.88
C VAL A 53 17.32 -9.54 -13.38
N GLY A 54 17.49 -10.43 -12.43
CA GLY A 54 18.85 -10.72 -11.88
C GLY A 54 19.74 -11.40 -12.95
N ASP A 55 19.98 -10.74 -14.04
CA ASP A 55 20.84 -11.33 -15.11
C ASP A 55 22.33 -11.04 -14.83
N GLY A 56 23.20 -11.96 -15.19
CA GLY A 56 24.67 -11.77 -14.94
C GLY A 56 25.39 -13.01 -15.45
N GLU A 57 24.92 -14.16 -15.05
CA GLU A 57 25.53 -15.43 -15.51
C GLU A 57 24.63 -16.07 -16.58
N THR A 58 23.36 -16.20 -16.29
CA THR A 58 22.40 -16.78 -17.27
C THR A 58 21.28 -15.78 -17.56
N LYS A 59 21.07 -15.43 -18.79
CA LYS A 59 19.97 -14.48 -19.11
C LYS A 59 18.63 -15.16 -18.87
N GLU A 60 17.75 -14.52 -18.12
CA GLU A 60 16.42 -15.14 -17.81
C GLU A 60 16.60 -16.42 -16.97
N PRO A 61 17.14 -16.26 -15.78
CA PRO A 61 17.36 -17.42 -14.86
C PRO A 61 16.02 -18.00 -14.37
N PHE A 62 15.16 -18.37 -15.29
CA PHE A 62 13.82 -18.93 -14.93
C PHE A 62 13.96 -20.16 -14.03
N LEU A 63 14.84 -21.06 -14.37
CA LEU A 63 15.04 -22.28 -13.54
C LEU A 63 15.54 -21.90 -12.14
N LEU A 64 16.38 -20.90 -12.07
CA LEU A 64 16.90 -20.43 -10.75
C LEU A 64 15.74 -20.00 -9.86
N VAL A 65 14.96 -19.05 -10.29
CA VAL A 65 13.79 -18.61 -9.48
C VAL A 65 12.75 -19.72 -9.39
N GLN A 66 12.60 -20.52 -10.43
CA GLN A 66 11.63 -21.64 -10.36
C GLN A 66 12.06 -22.60 -9.26
N TYR A 67 13.30 -22.97 -9.23
CA TYR A 67 13.81 -23.88 -8.17
C TYR A 67 13.73 -23.15 -6.83
N SER A 68 14.24 -21.95 -6.80
CA SER A 68 14.21 -21.13 -5.53
C SER A 68 12.79 -21.01 -4.97
N ALA A 69 11.80 -21.01 -5.82
CA ALA A 69 10.39 -20.91 -5.31
C ALA A 69 9.82 -22.31 -5.11
N LYS A 70 9.95 -23.16 -6.09
CA LYS A 70 9.41 -24.56 -6.00
C LYS A 70 10.01 -25.31 -4.81
N GLY A 71 11.31 -25.32 -4.72
CA GLY A 71 12.00 -26.05 -3.59
C GLY A 71 11.26 -25.79 -2.27
N PRO A 72 11.24 -24.54 -1.86
CA PRO A 72 10.54 -24.16 -0.61
C PRO A 72 9.03 -24.37 -0.77
N CYS A 73 8.44 -24.04 -1.89
CA CYS A 73 6.97 -24.26 -2.06
C CYS A 73 6.65 -25.75 -1.94
N VAL A 74 7.41 -26.57 -2.62
CA VAL A 74 7.18 -28.05 -2.53
C VAL A 74 7.46 -28.51 -1.10
N GLU A 75 8.59 -28.12 -0.58
CA GLU A 75 8.94 -28.50 0.82
C GLU A 75 7.85 -28.04 1.79
N ARG A 76 7.33 -26.86 1.58
CA ARG A 76 6.26 -26.34 2.48
C ARG A 76 5.01 -27.21 2.38
N LYS A 77 4.50 -27.45 1.18
CA LYS A 77 3.29 -28.31 1.06
C LYS A 77 3.64 -29.76 1.47
N ALA A 78 4.85 -30.19 1.24
CA ALA A 78 5.26 -31.56 1.66
C ALA A 78 5.26 -31.60 3.18
N LYS A 79 5.84 -30.62 3.79
CA LYS A 79 5.84 -30.56 5.28
C LYS A 79 4.41 -30.36 5.79
N LEU A 80 3.65 -29.52 5.13
CA LEU A 80 2.23 -29.29 5.55
C LEU A 80 1.42 -30.59 5.51
N MET A 81 1.52 -31.30 4.41
CA MET A 81 0.78 -32.59 4.28
C MET A 81 1.46 -33.69 5.09
N THR A 82 2.73 -33.88 4.88
CA THR A 82 3.48 -34.94 5.63
C THR A 82 4.26 -34.31 6.78
N PRO A 83 4.01 -34.78 7.99
CA PRO A 83 4.73 -34.26 9.19
C PRO A 83 6.20 -34.73 9.22
N ASN A 84 6.75 -35.14 8.11
CA ASN A 84 8.18 -35.60 8.06
C ASN A 84 9.14 -34.40 8.23
N GLY A 85 8.86 -33.55 9.19
CA GLY A 85 9.73 -32.35 9.42
C GLY A 85 8.91 -31.25 10.08
N PRO A 86 9.01 -31.19 11.39
CA PRO A 86 8.26 -30.16 12.17
C PRO A 86 8.82 -28.76 11.86
N GLU A 87 8.46 -27.76 12.65
CA GLU A 87 8.95 -26.36 12.38
C GLU A 87 8.29 -25.82 11.11
N VAL A 88 8.39 -26.55 10.03
CA VAL A 88 7.77 -26.13 8.75
C VAL A 88 6.50 -26.95 8.47
N HIS A 89 6.15 -27.88 9.32
CA HIS A 89 4.90 -28.67 9.10
C HIS A 89 3.70 -27.89 9.66
N GLY A 90 3.85 -27.33 10.84
CA GLY A 90 2.75 -26.53 11.45
C GLY A 90 3.08 -25.05 11.29
N GLY A 1 -8.89 33.56 -3.71
CA GLY A 1 -9.03 34.78 -2.88
C GLY A 1 -8.53 36.01 -3.63
N SER A 2 -8.46 35.95 -4.95
CA SER A 2 -7.99 37.12 -5.72
C SER A 2 -9.18 37.91 -6.26
N MET A 3 -8.94 38.80 -7.18
CA MET A 3 -10.06 39.60 -7.76
C MET A 3 -10.84 38.78 -8.78
N SER A 4 -10.15 37.98 -9.56
CA SER A 4 -10.85 37.15 -10.59
C SER A 4 -10.60 35.65 -10.35
N ILE A 5 -9.42 35.19 -10.69
CA ILE A 5 -9.08 33.75 -10.51
C ILE A 5 -8.32 33.54 -9.18
N MET A 6 -7.37 32.63 -9.17
CA MET A 6 -6.58 32.38 -7.92
C MET A 6 -7.50 32.12 -6.72
N ASP A 7 -8.25 31.05 -6.76
CA ASP A 7 -9.17 30.73 -5.61
C ASP A 7 -8.35 30.66 -4.31
N HIS A 8 -7.14 30.18 -4.40
CA HIS A 8 -6.25 30.09 -3.20
C HIS A 8 -6.92 29.28 -2.08
N SER A 9 -7.73 28.31 -2.44
CA SER A 9 -8.40 27.49 -1.40
C SER A 9 -8.76 26.10 -1.98
N PRO A 10 -9.69 26.06 -2.91
CA PRO A 10 -10.08 24.75 -3.52
C PRO A 10 -8.92 24.13 -4.32
N THR A 11 -8.28 24.90 -5.17
CA THR A 11 -7.15 24.34 -5.97
C THR A 11 -5.98 23.95 -5.04
N THR A 12 -5.57 24.84 -4.17
CA THR A 12 -4.46 24.52 -3.22
C THR A 12 -4.86 23.32 -2.35
N GLY A 13 -6.11 23.26 -1.97
CA GLY A 13 -6.59 22.13 -1.13
C GLY A 13 -6.60 20.86 -1.98
N VAL A 14 -7.22 20.90 -3.13
CA VAL A 14 -7.25 19.70 -4.02
C VAL A 14 -5.80 19.26 -4.32
N VAL A 15 -4.92 20.19 -4.55
CA VAL A 15 -3.49 19.82 -4.82
C VAL A 15 -2.87 19.23 -3.55
N THR A 16 -3.12 19.84 -2.43
CA THR A 16 -2.56 19.33 -1.14
C THR A 16 -3.03 17.90 -0.90
N VAL A 17 -4.31 17.65 -0.99
CA VAL A 17 -4.82 16.26 -0.78
C VAL A 17 -4.33 15.34 -1.90
N ILE A 18 -4.19 15.83 -3.10
CA ILE A 18 -3.68 14.95 -4.21
C ILE A 18 -2.20 14.62 -3.96
N VAL A 19 -1.44 15.60 -3.53
CA VAL A 19 0.00 15.31 -3.22
C VAL A 19 0.06 14.33 -2.04
N ILE A 20 -0.73 14.55 -1.03
CA ILE A 20 -0.75 13.62 0.13
C ILE A 20 -1.22 12.25 -0.34
N LEU A 21 -2.29 12.20 -1.09
CA LEU A 21 -2.79 10.90 -1.63
C LEU A 21 -1.69 10.27 -2.49
N ILE A 22 -1.11 11.02 -3.40
CA ILE A 22 -0.01 10.47 -4.24
C ILE A 22 1.12 9.96 -3.35
N ALA A 23 1.47 10.72 -2.34
CA ALA A 23 2.55 10.28 -1.41
C ALA A 23 2.12 9.00 -0.67
N ILE A 24 0.89 8.96 -0.19
CA ILE A 24 0.40 7.73 0.50
C ILE A 24 0.44 6.55 -0.48
N ALA A 25 -0.03 6.76 -1.68
CA ALA A 25 0.00 5.66 -2.69
C ALA A 25 1.45 5.28 -2.99
N ALA A 26 2.30 6.25 -3.20
CA ALA A 26 3.74 5.94 -3.47
C ALA A 26 4.31 5.19 -2.27
N LEU A 27 4.01 5.64 -1.07
CA LEU A 27 4.49 4.94 0.14
C LEU A 27 3.95 3.52 0.15
N GLY A 28 2.65 3.36 -0.02
CA GLY A 28 2.05 1.99 -0.07
C GLY A 28 2.77 1.16 -1.15
N ALA A 29 2.99 1.74 -2.30
CA ALA A 29 3.70 1.01 -3.39
C ALA A 29 5.12 0.68 -2.95
N LEU A 30 5.79 1.63 -2.35
CA LEU A 30 7.18 1.39 -1.86
C LEU A 30 7.19 0.25 -0.85
N ILE A 31 6.20 0.21 0.01
CA ILE A 31 6.12 -0.90 1.02
C ILE A 31 5.74 -2.20 0.32
N LEU A 32 4.77 -2.16 -0.56
CA LEU A 32 4.36 -3.41 -1.30
C LEU A 32 5.56 -3.95 -2.09
N GLY A 33 6.23 -3.10 -2.83
CA GLY A 33 7.43 -3.54 -3.62
C GLY A 33 8.50 -4.08 -2.67
N CYS A 34 8.93 -3.28 -1.71
CA CYS A 34 9.96 -3.74 -0.74
C CYS A 34 9.55 -5.10 -0.15
N TRP A 35 8.33 -5.22 0.33
CA TRP A 35 7.87 -6.52 0.90
C TRP A 35 7.88 -7.61 -0.19
N CYS A 36 7.31 -7.33 -1.33
CA CYS A 36 7.30 -8.36 -2.43
C CYS A 36 8.73 -8.76 -2.81
N TYR A 37 9.66 -7.84 -2.73
CA TYR A 37 11.09 -8.16 -3.08
C TYR A 37 11.78 -8.92 -1.92
N LEU A 38 11.55 -8.48 -0.71
CA LEU A 38 12.19 -9.14 0.48
C LEU A 38 11.38 -10.34 0.98
N ARG A 39 10.09 -10.20 1.08
CA ARG A 39 9.19 -11.30 1.56
C ARG A 39 9.45 -11.60 3.06
N LEU A 40 10.69 -11.84 3.41
CA LEU A 40 11.02 -12.17 4.83
C LEU A 40 11.02 -10.89 5.70
N GLN A 41 9.85 -10.33 5.94
CA GLN A 41 9.77 -9.08 6.80
C GLN A 41 10.14 -9.39 8.26
N ARG A 42 10.23 -10.65 8.64
CA ARG A 42 10.59 -10.99 10.05
C ARG A 42 12.06 -10.62 10.30
N ILE A 43 12.95 -11.22 9.58
CA ILE A 43 14.40 -10.89 9.72
C ILE A 43 14.69 -9.62 8.94
N SER A 44 13.99 -9.45 7.85
CA SER A 44 14.19 -8.24 6.97
C SER A 44 15.62 -8.23 6.43
N GLN A 45 16.11 -9.40 6.05
CA GLN A 45 17.50 -9.52 5.52
C GLN A 45 18.52 -9.04 6.57
N SER A 46 18.76 -7.75 6.66
CA SER A 46 19.74 -7.20 7.66
C SER A 46 21.04 -8.01 7.68
N GLU A 47 21.48 -8.50 6.55
CA GLU A 47 22.74 -9.29 6.52
C GLU A 47 23.97 -8.37 6.54
N ASP A 48 25.11 -8.91 6.82
CA ASP A 48 26.35 -8.08 6.85
C ASP A 48 26.90 -7.86 5.43
N GLU A 49 26.42 -6.85 4.74
CA GLU A 49 26.91 -6.59 3.36
C GLU A 49 28.07 -5.58 3.39
N GLU A 50 28.75 -5.41 2.29
CA GLU A 50 29.89 -4.45 2.24
C GLU A 50 29.37 -3.00 2.14
N SER A 51 28.70 -2.70 1.06
CA SER A 51 28.15 -1.32 0.85
C SER A 51 27.42 -1.23 -0.50
N ILE A 52 28.01 -1.75 -1.53
CA ILE A 52 27.38 -1.72 -2.88
C ILE A 52 27.27 -3.13 -3.48
N VAL A 53 28.16 -4.04 -3.15
CA VAL A 53 28.08 -5.43 -3.72
C VAL A 53 26.73 -6.08 -3.36
N GLY A 54 26.21 -5.80 -2.18
CA GLY A 54 24.90 -6.41 -1.78
C GLY A 54 23.73 -5.49 -2.21
N ASP A 55 23.86 -4.81 -3.32
CA ASP A 55 22.77 -3.90 -3.79
C ASP A 55 21.61 -4.71 -4.41
N GLY A 56 20.48 -4.06 -4.57
CA GLY A 56 19.29 -4.76 -5.16
C GLY A 56 18.03 -4.07 -4.64
N GLU A 57 17.95 -3.90 -3.35
CA GLU A 57 16.78 -3.22 -2.74
C GLU A 57 17.26 -2.06 -1.84
N THR A 58 18.37 -1.45 -2.18
CA THR A 58 18.92 -0.33 -1.36
C THR A 58 18.14 0.97 -1.65
N LYS A 59 16.87 0.99 -1.35
CA LYS A 59 16.05 2.23 -1.61
C LYS A 59 15.72 2.91 -0.28
N GLU A 60 15.55 4.22 -0.29
CA GLU A 60 15.21 4.93 0.98
C GLU A 60 13.70 4.91 1.21
N PRO A 61 13.29 4.25 2.27
CA PRO A 61 11.84 4.16 2.61
C PRO A 61 11.33 5.43 3.31
N PHE A 62 11.89 6.58 3.01
CA PHE A 62 11.47 7.87 3.66
C PHE A 62 11.88 7.96 5.14
N LEU A 63 11.97 6.86 5.83
CA LEU A 63 12.36 6.89 7.29
C LEU A 63 13.70 7.60 7.50
N LEU A 64 14.66 7.36 6.64
CA LEU A 64 15.98 8.02 6.80
C LEU A 64 15.83 9.54 6.69
N VAL A 65 15.13 10.02 5.68
CA VAL A 65 14.93 11.50 5.57
C VAL A 65 14.00 11.97 6.67
N GLN A 66 13.05 11.16 7.05
CA GLN A 66 12.11 11.56 8.15
C GLN A 66 12.93 11.82 9.40
N TYR A 67 13.75 10.88 9.79
CA TYR A 67 14.60 11.09 11.00
C TYR A 67 15.61 12.22 10.72
N SER A 68 16.20 12.20 9.56
CA SER A 68 17.19 13.27 9.18
C SER A 68 16.54 14.65 9.26
N ALA A 69 15.31 14.78 8.83
CA ALA A 69 14.63 16.11 8.87
C ALA A 69 14.02 16.36 10.26
N LYS A 70 13.34 15.38 10.81
CA LYS A 70 12.71 15.56 12.15
C LYS A 70 13.74 15.84 13.23
N GLY A 71 14.82 15.11 13.22
CA GLY A 71 15.91 15.31 14.26
C GLY A 71 16.19 16.80 14.46
N PRO A 72 16.69 17.44 13.43
CA PRO A 72 16.99 18.89 13.52
C PRO A 72 15.69 19.70 13.70
N CYS A 73 14.61 19.32 13.05
CA CYS A 73 13.33 20.07 13.23
C CYS A 73 12.88 19.98 14.70
N VAL A 74 12.93 18.79 15.25
CA VAL A 74 12.54 18.62 16.69
C VAL A 74 13.57 19.31 17.57
N GLU A 75 14.83 19.09 17.28
CA GLU A 75 15.92 19.74 18.07
C GLU A 75 15.74 21.27 18.03
N ARG A 76 15.43 21.80 16.88
CA ARG A 76 15.21 23.26 16.74
C ARG A 76 13.98 23.68 17.54
N LYS A 77 12.90 22.96 17.39
CA LYS A 77 11.66 23.30 18.14
C LYS A 77 11.92 23.21 19.65
N ALA A 78 12.61 22.18 20.07
CA ALA A 78 12.92 22.02 21.52
C ALA A 78 13.81 23.17 21.99
N LYS A 79 14.78 23.54 21.18
CA LYS A 79 15.69 24.68 21.56
C LYS A 79 14.88 25.98 21.53
N LEU A 80 14.13 26.21 20.48
CA LEU A 80 13.29 27.44 20.40
C LEU A 80 12.38 27.54 21.62
N MET A 81 11.84 26.43 22.05
CA MET A 81 10.96 26.43 23.25
C MET A 81 11.80 26.53 24.53
N THR A 82 12.67 25.58 24.76
CA THR A 82 13.54 25.62 25.98
C THR A 82 15.00 25.42 25.57
N PRO A 83 15.65 26.52 25.22
CA PRO A 83 17.08 26.45 24.79
C PRO A 83 18.01 26.09 25.96
N ASN A 84 17.65 26.45 27.16
CA ASN A 84 18.50 26.14 28.37
C ASN A 84 19.79 26.97 28.37
N GLY A 85 20.52 26.97 27.28
CA GLY A 85 21.79 27.75 27.22
C GLY A 85 22.98 26.79 27.23
N PRO A 86 23.50 26.52 28.41
CA PRO A 86 24.65 25.59 28.54
C PRO A 86 24.17 24.13 28.45
N GLU A 87 24.92 23.20 29.01
CA GLU A 87 24.55 21.74 28.96
C GLU A 87 24.61 21.24 27.51
N VAL A 88 23.90 21.88 26.63
CA VAL A 88 23.93 21.50 25.19
C VAL A 88 24.94 22.38 24.44
N HIS A 89 25.12 23.61 24.89
CA HIS A 89 26.10 24.54 24.22
C HIS A 89 25.90 24.58 22.70
N GLY A 90 24.68 24.71 22.25
CA GLY A 90 24.42 24.77 20.76
C GLY A 90 22.91 24.80 20.49
#